data_7LOK
#
_entry.id   7LOK
#
_cell.length_a   1.00
_cell.length_b   1.00
_cell.length_c   1.00
_cell.angle_alpha   90.00
_cell.angle_beta   90.00
_cell.angle_gamma   90.00
#
_symmetry.space_group_name_H-M   'P 1'
#
loop_
_entity.id
_entity.type
_entity.pdbx_description
1 polymer 'Envelope glycoprotein BG505 SOSIP.664 gp120'
2 polymer 'Envelope Glycoprotein BG505 SOSIP.664 gp41'
3 polymer '17b Fab Light Chain'
4 polymer '17b Fab Heavy Chain'
5 polymer M48U1
6 branched alpha-D-mannopyranose-(1-3)-alpha-D-mannopyranose-(1-6)-[alpha-D-mannopyranose-(1-3)]beta-D-mannopyranose-(1-4)-2-acetamido-2-deoxy-beta-D-glucopyranose-(1-4)-2-acetamido-2-deoxy-beta-D-glucopyranose
7 branched alpha-D-mannopyranose-(1-3)-alpha-D-mannopyranose-(1-6)-beta-D-mannopyranose-(1-4)-2-acetamido-2-deoxy-beta-D-glucopyranose-(1-4)-2-acetamido-2-deoxy-beta-D-glucopyranose
8 branched alpha-D-mannopyranose-(1-3)-beta-D-mannopyranose-(1-4)-2-acetamido-2-deoxy-beta-D-glucopyranose-(1-4)-2-acetamido-2-deoxy-beta-D-glucopyranose
9 non-polymer 2-acetamido-2-deoxy-beta-D-glucopyranose
#
loop_
_entity_poly.entity_id
_entity_poly.type
_entity_poly.pdbx_seq_one_letter_code
_entity_poly.pdbx_strand_id
1 'polypeptide(L)'
;NLWVTVYYGVPVWKDAETTLFCASDAKAYETEKHNVWATHACVPTDPNPQEIHLENVTEEFNMWKNNMVEQMHTDIISLW
DQSLKPCVKLTPLCVTLQCTNVTNNITDDMRGELKNCSFNMTTELRDKKQKVYSLFYRLDVVQINENQGNRSNNSNKEYR
LINCNTSAITQACPKVSFEPIPIHYCAPAGFAILKCKDKKFNGTGPCPSVSTVQCTHGIKPVVSTQLLLNGSLAEEEVMI
RSENITNNAKNILVQFNTPVQINCTRPNNNTRKSIRIGPGQAFYATGDIIGDIRQAHCNVSKATWNETLGKVVKQLRKHF
GNNTIIRFANSSGGDLEVTTHSFNCGGEFFYCNTSGLFNSTWISNTSVQGSNSTGSNDSITLPCRIKQIINMWQRIGQAM
YAPPIQGVIRCVSNITGLILTRDGGSTNSTTETFRPGGGDMRDNWRSELYKYKVVKIEPLGVAPTRCKRRVVGRRRRRR
;
C,A,E
2 'polypeptide(L)'
;AVGIGAVFLGFLGAAGSTMGAASMTLTVQARNLLSGIVQQQSNLLRAPEAQQHLLKLTVWGIKQLQARVLAVERYLRDQQ
LLGIWGCSGKLICCTNVPWNSSWSNRNLSEIWDNMTWLQWDKEISNYTQIIYGLLEESQNQQEKNEQDLLALD
;
D,B,F
3 'polypeptide(L)'
;DIVMTQSPATLSVSPGERATLSCRASESVSSDLAWYQQKPGQAPRLLIYGASTRATGVPARFSGSGSGAEFTLTISSLQS
EDFAVYYCQQYNNWPPRYTFGQGTRLEIKRTVAAPSVFIFPPSDEQLKSGTASVVCLLNNFYPREAKVQWKVDNALQSGN
SQESVTEQDSKDSTYSLSSTLTLSKADYEKHKVYACEVTHQGLSSPVTKSFNRG
;
J,L
4 'polypeptide(L)'
;EVQLVESGAEVKKPGSSVKVSCKASGDTFIRYSFTWVRQAPGQGLEWMGRIITILDVAHYAPHLQGRVTITADKSTSTVY
LELRNLRSDDTAVYFCAGVYEGEADEGEYDNNGFLKHWGQGTLVTVSSASTKGPSVFPLAPSSKSTSGGTAALGCLVKDY
FPEPVTVSWNSGALTSGVHTFPAVLQSSGLYSLSSVVTVPSSSLGTQTYICNVNHKPSNTKVDKRVEPKSCDKHHHHHH
;
K,M
5 'polypeptide(L)' (MPT)NLHFCQLRCKSLGLLGRCA(DPR)T(U2X)CACV(NH2) G,H,I
#
# COMPACT_ATOMS: atom_id res chain seq x y z
N ASN A 1 3.36 -36.98 -52.34
CA ASN A 1 3.86 -35.76 -52.98
C ASN A 1 3.52 -34.51 -52.17
N LEU A 2 2.50 -34.59 -51.33
CA LEU A 2 2.09 -33.48 -50.48
C LEU A 2 2.33 -33.84 -49.03
N TRP A 3 2.98 -32.93 -48.31
CA TRP A 3 3.46 -33.21 -46.97
C TRP A 3 2.95 -32.15 -45.99
N VAL A 4 2.81 -32.55 -44.73
CA VAL A 4 2.26 -31.67 -43.71
C VAL A 4 3.30 -30.63 -43.32
N THR A 5 2.90 -29.37 -43.27
CA THR A 5 3.71 -28.30 -42.74
C THR A 5 3.02 -27.70 -41.53
N VAL A 6 3.79 -27.05 -40.68
CA VAL A 6 3.25 -26.50 -39.44
C VAL A 6 3.71 -25.06 -39.30
N TYR A 7 2.81 -24.21 -38.80
CA TYR A 7 3.07 -22.79 -38.66
C TYR A 7 2.78 -22.37 -37.23
N TYR A 8 3.63 -21.51 -36.69
CA TYR A 8 3.44 -20.94 -35.36
C TYR A 8 3.12 -19.46 -35.51
N GLY A 9 2.02 -19.03 -34.89
CA GLY A 9 1.60 -17.65 -35.02
C GLY A 9 0.60 -17.48 -36.15
N VAL A 10 -0.46 -18.26 -36.13
CA VAL A 10 -1.46 -18.28 -37.19
C VAL A 10 -2.74 -17.66 -36.64
N PRO A 11 -3.38 -16.75 -37.36
CA PRO A 11 -4.55 -16.06 -36.80
C PRO A 11 -5.80 -16.93 -36.73
N VAL A 12 -5.92 -17.71 -35.67
CA VAL A 12 -7.12 -18.50 -35.39
C VAL A 12 -7.62 -18.12 -34.01
N TRP A 13 -8.93 -18.32 -33.78
CA TRP A 13 -9.46 -18.15 -32.44
C TRP A 13 -10.76 -18.93 -32.30
N LYS A 14 -11.10 -19.25 -31.06
CA LYS A 14 -12.31 -20.00 -30.74
C LYS A 14 -12.93 -19.43 -29.47
N ASP A 15 -14.22 -19.64 -29.32
CA ASP A 15 -14.92 -19.20 -28.12
C ASP A 15 -14.48 -20.02 -26.92
N ALA A 16 -14.50 -19.39 -25.75
CA ALA A 16 -14.11 -20.03 -24.50
C ALA A 16 -14.69 -19.24 -23.34
N GLU A 17 -14.21 -19.51 -22.13
CA GLU A 17 -14.61 -18.74 -20.97
C GLU A 17 -13.55 -18.92 -19.89
N THR A 18 -13.32 -17.85 -19.12
CA THR A 18 -12.30 -17.84 -18.09
C THR A 18 -12.81 -17.03 -16.92
N THR A 19 -11.91 -16.59 -16.05
CA THR A 19 -12.22 -15.70 -14.95
C THR A 19 -11.43 -14.42 -15.15
N LEU A 20 -12.11 -13.36 -15.56
CA LEU A 20 -11.47 -12.08 -15.77
C LEU A 20 -11.10 -11.44 -14.45
N PHE A 21 -10.18 -10.48 -14.50
CA PHE A 21 -9.82 -9.70 -13.33
C PHE A 21 -10.27 -8.27 -13.52
N CYS A 22 -11.00 -7.74 -12.53
CA CYS A 22 -11.55 -6.40 -12.61
C CYS A 22 -10.42 -5.39 -12.38
N ALA A 23 -10.25 -4.47 -13.32
CA ALA A 23 -9.16 -3.50 -13.27
C ALA A 23 -9.73 -2.09 -13.32
N SER A 24 -9.31 -1.26 -12.36
CA SER A 24 -9.75 0.13 -12.33
C SER A 24 -8.79 0.93 -11.46
N ASP A 25 -8.76 2.25 -11.69
CA ASP A 25 -7.83 3.13 -10.99
C ASP A 25 -8.44 3.55 -9.67
N ALA A 26 -7.99 2.94 -8.58
CA ALA A 26 -8.45 3.28 -7.25
C ALA A 26 -7.58 4.41 -6.68
N LYS A 27 -7.72 4.68 -5.40
CA LYS A 27 -6.90 5.69 -4.75
C LYS A 27 -6.19 5.17 -3.51
N ALA A 28 -6.83 4.30 -2.74
CA ALA A 28 -6.29 3.63 -1.56
C ALA A 28 -6.02 4.57 -0.40
N TYR A 29 -6.23 5.88 -0.55
CA TYR A 29 -6.07 6.80 0.55
C TYR A 29 -7.39 7.41 1.02
N GLU A 30 -8.48 7.16 0.30
CA GLU A 30 -9.80 7.61 0.72
C GLU A 30 -10.35 6.65 1.77
N THR A 31 -11.62 6.83 2.12
CA THR A 31 -12.32 5.88 2.96
C THR A 31 -13.72 5.57 2.44
N GLU A 32 -14.13 6.20 1.34
CA GLU A 32 -15.41 5.87 0.72
C GLU A 32 -15.49 4.38 0.48
N LYS A 33 -16.68 3.82 0.64
CA LYS A 33 -16.82 2.37 0.63
C LYS A 33 -16.86 1.79 -0.77
N HIS A 34 -16.42 2.53 -1.77
CA HIS A 34 -16.17 1.99 -3.09
C HIS A 34 -14.69 1.91 -3.42
N ASN A 35 -13.94 2.98 -3.16
CA ASN A 35 -12.52 2.98 -3.43
C ASN A 35 -11.78 1.95 -2.60
N VAL A 36 -12.24 1.68 -1.37
CA VAL A 36 -11.60 0.67 -0.55
C VAL A 36 -11.68 -0.69 -1.23
N TRP A 37 -12.90 -1.13 -1.53
CA TRP A 37 -13.05 -2.42 -2.19
C TRP A 37 -12.37 -2.44 -3.55
N ALA A 38 -12.32 -1.29 -4.22
CA ALA A 38 -11.66 -1.26 -5.53
C ALA A 38 -10.15 -1.40 -5.38
N THR A 39 -9.57 -0.86 -4.33
CA THR A 39 -8.14 -0.94 -4.16
C THR A 39 -7.70 -2.24 -3.53
N HIS A 40 -8.62 -3.02 -2.96
CA HIS A 40 -8.21 -4.28 -2.39
C HIS A 40 -8.43 -5.48 -3.31
N ALA A 41 -9.18 -5.32 -4.39
CA ALA A 41 -9.44 -6.45 -5.28
C ALA A 41 -9.41 -6.02 -6.75
N CYS A 42 -8.44 -5.21 -7.13
CA CYS A 42 -8.33 -4.81 -8.53
C CYS A 42 -6.86 -4.61 -8.87
N VAL A 43 -6.60 -3.96 -10.01
CA VAL A 43 -5.26 -3.76 -10.54
C VAL A 43 -5.20 -2.37 -11.17
N PRO A 44 -4.15 -1.59 -10.94
CA PRO A 44 -4.04 -0.28 -11.60
C PRO A 44 -4.28 -0.39 -13.09
N THR A 45 -4.98 0.61 -13.64
CA THR A 45 -5.46 0.52 -15.01
C THR A 45 -4.29 0.46 -15.99
N ASP A 46 -4.60 -0.03 -17.17
CA ASP A 46 -3.64 -0.01 -18.26
C ASP A 46 -3.43 1.42 -18.72
N PRO A 47 -2.22 1.96 -18.68
CA PRO A 47 -2.04 3.39 -19.04
C PRO A 47 -2.46 3.70 -20.47
N ASN A 48 -1.89 3.00 -21.43
CA ASN A 48 -2.21 3.21 -22.84
C ASN A 48 -2.83 1.95 -23.42
N PRO A 49 -4.08 2.00 -23.87
CA PRO A 49 -4.75 0.76 -24.30
C PRO A 49 -4.18 0.20 -25.60
N GLN A 50 -4.79 -0.87 -26.08
CA GLN A 50 -4.37 -1.55 -27.30
C GLN A 50 -5.61 -1.89 -28.11
N GLU A 51 -5.59 -1.56 -29.40
CA GLU A 51 -6.74 -1.81 -30.24
C GLU A 51 -6.28 -2.15 -31.65
N ILE A 52 -7.00 -3.07 -32.28
CA ILE A 52 -6.68 -3.52 -33.63
C ILE A 52 -7.96 -3.76 -34.40
N HIS A 53 -8.21 -2.94 -35.42
CA HIS A 53 -9.38 -3.16 -36.26
C HIS A 53 -9.11 -4.28 -37.24
N LEU A 54 -10.12 -5.11 -37.47
CA LEU A 54 -10.03 -6.18 -38.45
C LEU A 54 -10.82 -5.80 -39.70
N GLU A 55 -10.69 -6.63 -40.73
CA GLU A 55 -11.31 -6.32 -42.02
C GLU A 55 -11.89 -7.60 -42.62
N ASN A 56 -12.88 -7.41 -43.49
CA ASN A 56 -13.50 -8.50 -44.26
C ASN A 56 -13.85 -9.68 -43.37
N VAL A 57 -14.33 -9.38 -42.17
CA VAL A 57 -14.58 -10.40 -41.15
C VAL A 57 -15.93 -10.14 -40.52
N THR A 58 -16.66 -11.21 -40.21
CA THR A 58 -17.92 -11.13 -39.49
C THR A 58 -17.93 -12.17 -38.38
N GLU A 59 -18.66 -11.86 -37.32
CA GLU A 59 -18.82 -12.76 -36.20
C GLU A 59 -20.18 -12.52 -35.57
N GLU A 60 -20.77 -13.56 -34.99
CA GLU A 60 -22.14 -13.49 -34.48
C GLU A 60 -22.12 -13.38 -32.96
N PHE A 61 -22.36 -12.17 -32.46
CA PHE A 61 -22.48 -11.99 -31.02
C PHE A 61 -23.87 -12.43 -30.57
N ASN A 62 -24.05 -12.51 -29.25
CA ASN A 62 -25.35 -12.88 -28.69
C ASN A 62 -25.42 -12.31 -27.28
N MET A 63 -26.15 -11.22 -27.12
CA MET A 63 -26.17 -10.51 -25.84
C MET A 63 -26.89 -11.22 -24.70
N TRP A 64 -27.74 -12.20 -24.99
CA TRP A 64 -28.54 -12.82 -23.95
C TRP A 64 -27.99 -14.19 -23.53
N LYS A 65 -26.74 -14.46 -23.86
CA LYS A 65 -26.11 -15.72 -23.48
C LYS A 65 -24.70 -15.48 -22.96
N ASN A 66 -24.27 -14.23 -22.83
CA ASN A 66 -22.89 -13.95 -22.45
C ASN A 66 -22.57 -14.52 -21.07
N ASN A 67 -21.28 -14.57 -20.77
CA ASN A 67 -20.83 -15.04 -19.48
C ASN A 67 -20.30 -13.93 -18.59
N MET A 68 -19.65 -12.92 -19.17
CA MET A 68 -19.13 -11.79 -18.42
C MET A 68 -20.17 -11.22 -17.48
N VAL A 69 -21.44 -11.21 -17.94
CA VAL A 69 -22.51 -10.68 -17.13
C VAL A 69 -22.59 -11.41 -15.79
N GLU A 70 -22.37 -12.72 -15.80
CA GLU A 70 -22.47 -13.48 -14.54
C GLU A 70 -21.34 -13.12 -13.59
N GLN A 71 -20.12 -12.99 -14.12
CA GLN A 71 -19.01 -12.62 -13.25
C GLN A 71 -19.21 -11.23 -12.67
N MET A 72 -19.77 -10.32 -13.45
CA MET A 72 -20.02 -8.98 -12.93
C MET A 72 -21.09 -9.02 -11.84
N HIS A 73 -22.17 -9.76 -12.08
CA HIS A 73 -23.27 -9.83 -11.14
C HIS A 73 -22.91 -10.62 -9.90
N THR A 74 -21.80 -11.35 -9.90
CA THR A 74 -21.26 -11.89 -8.66
C THR A 74 -20.28 -10.95 -7.98
N ASP A 75 -19.41 -10.32 -8.76
CA ASP A 75 -18.38 -9.47 -8.18
C ASP A 75 -18.99 -8.29 -7.43
N ILE A 76 -19.99 -7.63 -8.01
CA ILE A 76 -20.50 -6.49 -7.27
C ILE A 76 -21.42 -6.92 -6.14
N ILE A 77 -21.99 -8.13 -6.20
CA ILE A 77 -22.66 -8.64 -5.01
C ILE A 77 -21.67 -8.75 -3.87
N SER A 78 -20.47 -9.21 -4.17
CA SER A 78 -19.40 -9.16 -3.17
C SER A 78 -19.21 -7.73 -2.66
N LEU A 79 -19.07 -6.80 -3.60
CA LEU A 79 -18.86 -5.39 -3.23
C LEU A 79 -19.90 -4.92 -2.22
N TRP A 80 -21.17 -4.98 -2.61
CA TRP A 80 -22.28 -4.63 -1.73
C TRP A 80 -22.21 -5.35 -0.39
N ASP A 81 -22.23 -6.68 -0.41
CA ASP A 81 -22.32 -7.42 0.84
C ASP A 81 -21.16 -7.13 1.77
N GLN A 82 -20.06 -6.59 1.26
CA GLN A 82 -19.00 -6.10 2.14
C GLN A 82 -19.19 -4.65 2.54
N SER A 83 -19.82 -3.84 1.69
CA SER A 83 -19.88 -2.40 1.92
C SER A 83 -20.98 -2.00 2.90
N LEU A 84 -22.24 -2.24 2.53
CA LEU A 84 -23.37 -1.74 3.29
C LEU A 84 -23.74 -2.74 4.38
N LYS A 85 -23.31 -2.46 5.60
CA LYS A 85 -23.64 -3.35 6.72
C LYS A 85 -25.02 -3.02 7.26
N PRO A 86 -25.98 -3.92 7.13
CA PRO A 86 -27.31 -3.64 7.66
C PRO A 86 -27.37 -3.86 9.16
N CYS A 87 -28.18 -3.04 9.83
CA CYS A 87 -28.28 -3.14 11.27
C CYS A 87 -28.99 -4.43 11.70
N VAL A 88 -29.86 -4.97 10.88
CA VAL A 88 -30.40 -6.31 11.09
C VAL A 88 -30.79 -6.91 9.75
N LYS A 89 -30.28 -8.11 9.47
CA LYS A 89 -30.45 -8.75 8.16
C LYS A 89 -31.20 -10.06 8.33
N LEU A 90 -32.22 -10.28 7.51
CA LEU A 90 -33.07 -11.44 7.61
C LEU A 90 -33.01 -12.26 6.32
N THR A 91 -33.12 -13.58 6.46
CA THR A 91 -33.10 -14.45 5.29
C THR A 91 -33.66 -15.83 5.59
N PRO A 92 -34.65 -16.27 4.82
CA PRO A 92 -35.08 -17.68 4.90
C PRO A 92 -34.15 -18.58 4.10
N LEU A 93 -34.17 -19.85 4.45
CA LEU A 93 -33.53 -20.90 3.67
C LEU A 93 -34.54 -21.94 3.22
N CYS A 94 -35.46 -22.32 4.10
CA CYS A 94 -36.79 -22.80 3.75
C CYS A 94 -36.73 -24.05 2.86
N CYS A 164 -40.71 -21.07 6.96
CA CYS A 164 -39.32 -21.22 6.56
C CYS A 164 -38.37 -20.71 7.64
N ASN A 165 -37.27 -21.44 7.82
CA ASN A 165 -36.40 -21.29 8.99
C ASN A 165 -35.52 -20.04 8.84
N THR A 166 -36.06 -18.91 9.28
CA THR A 166 -35.36 -17.64 9.18
C THR A 166 -34.13 -17.64 10.09
N SER A 167 -33.27 -16.63 9.91
CA SER A 167 -32.08 -16.49 10.74
C SER A 167 -31.67 -15.02 10.73
N ALA A 168 -32.00 -14.31 11.80
CA ALA A 168 -31.63 -12.90 11.91
C ALA A 168 -30.13 -12.78 12.16
N ILE A 169 -29.67 -11.54 12.25
CA ILE A 169 -28.28 -11.24 12.58
C ILE A 169 -28.23 -9.79 13.02
N THR A 170 -27.16 -9.43 13.74
CA THR A 170 -26.99 -8.04 14.23
C THR A 170 -25.51 -7.73 14.44
N GLN A 171 -24.99 -6.71 13.73
CA GLN A 171 -23.56 -6.30 13.82
C GLN A 171 -23.51 -4.78 14.03
N ALA A 172 -22.37 -4.17 13.68
CA ALA A 172 -22.21 -2.69 13.77
C ALA A 172 -22.94 -2.06 12.58
N CYS A 173 -23.32 -0.79 12.66
CA CYS A 173 -24.11 -0.28 11.54
C CYS A 173 -23.80 1.19 11.29
N PRO A 174 -22.55 1.56 11.01
CA PRO A 174 -22.22 2.98 10.87
C PRO A 174 -22.70 3.53 9.54
N LYS A 175 -22.56 4.84 9.39
CA LYS A 175 -22.91 5.53 8.16
C LYS A 175 -21.67 5.72 7.31
N VAL A 176 -21.86 5.67 5.98
CA VAL A 176 -20.75 5.61 5.05
C VAL A 176 -21.11 6.39 3.79
N SER A 177 -20.08 6.83 3.07
CA SER A 177 -20.27 7.44 1.77
C SER A 177 -20.45 6.35 0.73
N PHE A 178 -21.14 6.69 -0.37
CA PHE A 178 -21.43 5.67 -1.37
C PHE A 178 -21.70 6.38 -2.71
N GLU A 179 -20.65 6.52 -3.51
CA GLU A 179 -20.76 7.07 -4.89
C GLU A 179 -20.01 6.08 -5.77
N PRO A 180 -20.63 5.39 -6.76
CA PRO A 180 -19.88 4.40 -7.52
C PRO A 180 -18.89 5.03 -8.51
N ILE A 181 -17.90 4.22 -8.88
CA ILE A 181 -16.83 4.63 -9.80
C ILE A 181 -16.80 3.64 -10.95
N PRO A 182 -16.07 3.89 -12.04
CA PRO A 182 -16.06 2.94 -13.15
C PRO A 182 -15.11 1.78 -12.88
N ILE A 183 -15.37 0.68 -13.58
CA ILE A 183 -14.62 -0.57 -13.40
C ILE A 183 -14.50 -1.29 -14.73
N HIS A 184 -13.29 -1.45 -15.23
CA HIS A 184 -13.06 -2.14 -16.49
C HIS A 184 -13.15 -3.65 -16.28
N TYR A 185 -12.90 -4.42 -17.33
CA TYR A 185 -12.94 -5.88 -17.25
C TYR A 185 -11.90 -6.43 -18.23
N CYS A 186 -10.72 -6.78 -17.71
CA CYS A 186 -9.66 -7.25 -18.58
C CYS A 186 -9.64 -8.77 -18.64
N ALA A 187 -8.91 -9.28 -19.62
CA ALA A 187 -8.89 -10.71 -19.93
C ALA A 187 -7.45 -11.22 -19.84
N PRO A 188 -7.22 -12.36 -19.19
CA PRO A 188 -5.86 -12.77 -18.87
C PRO A 188 -5.04 -13.01 -20.13
N ALA A 189 -3.74 -13.15 -19.93
CA ALA A 189 -2.84 -13.38 -21.05
C ALA A 189 -3.18 -14.69 -21.75
N GLY A 190 -3.32 -14.63 -23.05
CA GLY A 190 -3.76 -15.79 -23.82
C GLY A 190 -5.23 -15.79 -24.20
N PHE A 191 -5.90 -14.65 -24.12
CA PHE A 191 -7.29 -14.54 -24.54
C PHE A 191 -7.48 -13.15 -25.12
N ALA A 192 -8.71 -12.87 -25.55
CA ALA A 192 -8.98 -11.58 -26.19
C ALA A 192 -10.45 -11.27 -26.06
N ILE A 193 -10.78 -10.00 -26.26
CA ILE A 193 -12.16 -9.50 -26.18
C ILE A 193 -12.49 -8.82 -27.49
N LEU A 194 -13.64 -9.17 -28.06
CA LEU A 194 -14.10 -8.60 -29.33
C LEU A 194 -15.19 -7.56 -29.09
N LYS A 195 -15.42 -6.74 -30.11
CA LYS A 195 -16.39 -5.66 -30.05
C LYS A 195 -17.21 -5.66 -31.33
N CYS A 196 -18.29 -4.87 -31.32
CA CYS A 196 -19.16 -4.72 -32.49
C CYS A 196 -19.38 -3.23 -32.75
N LYS A 197 -18.59 -2.65 -33.63
CA LYS A 197 -18.67 -1.22 -33.91
C LYS A 197 -19.89 -0.83 -34.73
N ASP A 198 -20.71 -1.81 -35.15
CA ASP A 198 -21.99 -1.55 -35.78
C ASP A 198 -22.87 -0.67 -34.90
N LYS A 199 -23.77 0.10 -35.50
CA LYS A 199 -24.69 0.93 -34.75
C LYS A 199 -26.14 0.57 -35.05
N LYS A 200 -26.38 -0.62 -35.58
CA LYS A 200 -27.73 -1.09 -35.85
C LYS A 200 -27.98 -2.44 -35.18
N PHE A 201 -27.13 -2.84 -34.23
CA PHE A 201 -27.16 -4.17 -33.68
C PHE A 201 -28.50 -4.46 -32.99
N ASN A 202 -29.27 -5.38 -33.57
CA ASN A 202 -30.57 -5.73 -33.00
C ASN A 202 -30.44 -6.84 -31.96
N GLY A 203 -29.25 -7.00 -31.40
CA GLY A 203 -29.06 -7.93 -30.30
C GLY A 203 -28.41 -9.23 -30.67
N THR A 204 -28.75 -9.78 -31.82
CA THR A 204 -28.23 -11.09 -32.20
C THR A 204 -27.75 -11.00 -33.66
N GLY A 205 -27.36 -12.12 -34.25
CA GLY A 205 -26.96 -12.15 -35.64
C GLY A 205 -25.58 -11.59 -35.86
N PRO A 206 -24.98 -11.95 -37.00
CA PRO A 206 -23.60 -11.53 -37.27
C PRO A 206 -23.44 -10.02 -37.27
N CYS A 207 -22.29 -9.57 -36.77
CA CYS A 207 -21.92 -8.15 -36.76
C CYS A 207 -20.73 -7.96 -37.66
N PRO A 208 -20.89 -7.34 -38.82
CA PRO A 208 -19.82 -7.35 -39.82
C PRO A 208 -18.72 -6.33 -39.57
N SER A 209 -18.64 -5.78 -38.36
CA SER A 209 -17.60 -4.80 -38.06
C SER A 209 -17.12 -5.05 -36.63
N VAL A 210 -16.02 -5.79 -36.50
CA VAL A 210 -15.48 -6.18 -35.21
C VAL A 210 -14.14 -5.47 -35.00
N SER A 211 -13.61 -5.61 -33.78
CA SER A 211 -12.33 -5.01 -33.41
C SER A 211 -11.88 -5.60 -32.09
N THR A 212 -10.60 -5.94 -32.01
CA THR A 212 -10.05 -6.57 -30.82
C THR A 212 -9.59 -5.53 -29.82
N VAL A 213 -9.48 -5.95 -28.56
CA VAL A 213 -9.08 -5.08 -27.47
C VAL A 213 -8.74 -5.96 -26.28
N GLN A 214 -7.83 -5.51 -25.42
CA GLN A 214 -7.55 -6.28 -24.21
C GLN A 214 -8.67 -6.11 -23.19
N CYS A 215 -9.07 -4.87 -22.91
CA CYS A 215 -10.21 -4.66 -22.04
C CYS A 215 -10.89 -3.33 -22.28
N THR A 216 -12.06 -3.19 -21.69
CA THR A 216 -13.10 -2.28 -22.14
C THR A 216 -13.15 -0.99 -21.34
N HIS A 217 -14.09 -0.14 -21.73
CA HIS A 217 -14.35 1.13 -21.05
C HIS A 217 -15.02 0.89 -19.71
N GLY A 218 -14.93 1.91 -18.85
CA GLY A 218 -15.49 1.78 -17.52
C GLY A 218 -16.98 1.51 -17.56
N ILE A 219 -17.47 0.84 -16.53
CA ILE A 219 -18.88 0.50 -16.39
C ILE A 219 -19.27 0.84 -14.95
N LYS A 220 -19.85 2.03 -14.75
CA LYS A 220 -20.28 2.41 -13.42
C LYS A 220 -21.36 1.45 -12.95
N PRO A 221 -21.09 0.59 -11.97
CA PRO A 221 -22.08 -0.40 -11.55
C PRO A 221 -23.14 0.23 -10.66
N VAL A 222 -24.33 0.41 -11.22
CA VAL A 222 -25.42 1.08 -10.52
C VAL A 222 -26.60 0.13 -10.44
N VAL A 223 -27.44 0.32 -9.43
CA VAL A 223 -28.67 -0.44 -9.26
C VAL A 223 -29.82 0.54 -9.14
N SER A 224 -30.88 0.26 -9.89
CA SER A 224 -32.11 1.05 -9.85
C SER A 224 -33.11 0.32 -10.71
N THR A 225 -34.37 0.41 -10.34
CA THR A 225 -35.40 -0.36 -11.03
C THR A 225 -36.29 0.56 -11.86
N GLN A 226 -36.75 0.01 -12.98
CA GLN A 226 -37.73 0.61 -13.88
C GLN A 226 -37.16 1.78 -14.68
N LEU A 227 -35.96 2.24 -14.35
CA LEU A 227 -35.32 3.29 -15.14
C LEU A 227 -33.82 3.19 -14.91
N LEU A 228 -33.09 2.65 -15.89
CA LEU A 228 -31.63 2.67 -15.81
C LEU A 228 -31.16 4.11 -15.64
N LEU A 229 -30.14 4.29 -14.80
CA LEU A 229 -29.59 5.65 -14.53
C LEU A 229 -28.06 5.60 -14.51
N ASN A 230 -27.41 6.75 -14.77
CA ASN A 230 -25.93 6.85 -14.80
C ASN A 230 -25.36 5.78 -15.74
N GLY A 231 -25.92 5.65 -16.94
CA GLY A 231 -25.44 4.66 -17.93
C GLY A 231 -24.96 5.30 -19.21
N SER A 232 -24.60 4.48 -20.19
CA SER A 232 -24.12 4.93 -21.48
C SER A 232 -25.17 4.71 -22.56
N LEU A 233 -25.04 5.44 -23.66
CA LEU A 233 -26.12 5.59 -24.62
C LEU A 233 -25.59 5.51 -26.04
N ALA A 234 -26.50 5.18 -26.97
CA ALA A 234 -26.18 5.10 -28.39
C ALA A 234 -26.03 6.51 -28.97
N GLU A 235 -25.82 6.59 -30.28
CA GLU A 235 -25.48 7.88 -30.88
C GLU A 235 -26.21 8.23 -32.16
N GLU A 236 -27.05 7.37 -32.72
CA GLU A 236 -27.80 7.71 -33.92
C GLU A 236 -29.30 7.75 -33.70
N GLU A 237 -29.90 6.67 -33.23
CA GLU A 237 -31.33 6.62 -33.01
C GLU A 237 -31.63 5.81 -31.76
N VAL A 238 -32.77 6.09 -31.15
CA VAL A 238 -33.27 5.25 -30.06
C VAL A 238 -33.44 3.83 -30.58
N MET A 239 -32.82 2.87 -29.91
CA MET A 239 -32.88 1.48 -30.31
C MET A 239 -33.70 0.68 -29.32
N ILE A 240 -34.22 -0.46 -29.79
CA ILE A 240 -35.11 -1.29 -29.01
C ILE A 240 -34.63 -2.73 -29.16
N ARG A 241 -34.07 -3.29 -28.10
CA ARG A 241 -33.56 -4.65 -28.10
C ARG A 241 -34.42 -5.50 -27.19
N SER A 242 -34.60 -6.76 -27.57
CA SER A 242 -35.43 -7.65 -26.78
C SER A 242 -34.96 -9.08 -26.95
N GLU A 243 -35.32 -9.92 -25.99
CA GLU A 243 -34.98 -11.33 -26.06
C GLU A 243 -35.80 -12.02 -27.15
N ASN A 244 -37.12 -12.03 -27.01
CA ASN A 244 -37.99 -12.60 -28.02
C ASN A 244 -39.33 -11.87 -27.95
N ILE A 245 -39.50 -10.89 -28.84
CA ILE A 245 -40.80 -10.25 -28.96
C ILE A 245 -41.82 -11.31 -29.36
N THR A 246 -43.09 -10.99 -29.13
CA THR A 246 -44.19 -11.95 -29.29
C THR A 246 -44.04 -13.13 -28.34
N ASN A 247 -43.59 -12.83 -27.12
CA ASN A 247 -43.65 -13.77 -26.01
C ASN A 247 -44.26 -13.19 -24.75
N ASN A 248 -44.34 -11.87 -24.62
CA ASN A 248 -45.12 -11.16 -23.61
C ASN A 248 -44.59 -11.33 -22.20
N ALA A 249 -43.55 -12.13 -22.00
CA ALA A 249 -43.01 -12.38 -20.66
C ALA A 249 -41.50 -12.14 -20.60
N LYS A 250 -40.97 -11.36 -21.51
CA LYS A 250 -39.53 -11.05 -21.54
C LYS A 250 -39.36 -9.55 -21.67
N ASN A 251 -38.59 -8.97 -20.75
CA ASN A 251 -38.41 -7.52 -20.73
C ASN A 251 -37.75 -7.04 -22.01
N ILE A 252 -37.86 -5.74 -22.26
CA ILE A 252 -37.19 -5.11 -23.39
C ILE A 252 -36.26 -4.05 -22.83
N LEU A 253 -35.49 -3.39 -23.70
CA LEU A 253 -34.49 -2.43 -23.22
C LEU A 253 -34.40 -1.28 -24.21
N VAL A 254 -35.11 -0.20 -23.93
CA VAL A 254 -34.99 1.04 -24.70
C VAL A 254 -33.64 1.65 -24.37
N GLN A 255 -33.19 2.61 -25.17
CA GLN A 255 -31.93 3.31 -24.89
C GLN A 255 -31.94 4.64 -25.62
N PHE A 256 -31.90 5.74 -24.86
CA PHE A 256 -32.02 7.07 -25.43
C PHE A 256 -30.73 7.49 -26.12
N ASN A 257 -30.86 8.51 -26.97
CA ASN A 257 -29.70 9.13 -27.60
C ASN A 257 -29.20 10.35 -26.84
N THR A 258 -29.85 10.72 -25.74
CA THR A 258 -29.49 11.92 -24.99
C THR A 258 -30.03 11.79 -23.58
N PRO A 259 -29.38 12.41 -22.60
CA PRO A 259 -29.85 12.29 -21.22
C PRO A 259 -30.95 13.26 -20.86
N VAL A 260 -32.11 12.75 -20.47
CA VAL A 260 -33.14 13.59 -19.87
C VAL A 260 -32.80 13.77 -18.39
N GLN A 261 -32.11 14.87 -18.08
CA GLN A 261 -31.52 15.05 -16.77
C GLN A 261 -32.59 15.00 -15.68
N ILE A 262 -32.14 14.85 -14.44
CA ILE A 262 -33.04 14.71 -13.31
C ILE A 262 -32.43 15.30 -12.04
N ASN A 263 -33.06 16.36 -11.53
CA ASN A 263 -32.71 16.92 -10.24
C ASN A 263 -33.56 16.24 -9.18
N CYS A 264 -32.92 15.54 -8.24
CA CYS A 264 -33.68 14.76 -7.26
C CYS A 264 -32.95 14.86 -5.93
N THR A 265 -33.64 15.40 -4.92
CA THR A 265 -32.95 15.73 -3.68
C THR A 265 -33.95 15.83 -2.53
N ARG A 266 -33.41 15.90 -1.33
CA ARG A 266 -34.15 16.07 -0.09
C ARG A 266 -33.79 17.42 0.52
N PRO A 267 -34.77 18.21 0.95
CA PRO A 267 -34.46 19.53 1.52
C PRO A 267 -33.90 19.42 2.91
N ASN A 268 -33.67 20.56 3.56
CA ASN A 268 -33.18 20.56 4.94
C ASN A 268 -34.35 20.48 5.90
N ASP A 292 -37.96 19.03 5.02
CA ASP A 292 -37.81 18.98 6.47
C ASP A 292 -37.97 17.55 6.98
N ILE A 293 -39.18 17.00 6.87
CA ILE A 293 -39.41 15.60 7.21
C ILE A 293 -38.78 14.71 6.13
N ARG A 294 -38.74 13.40 6.40
CA ARG A 294 -38.09 12.49 5.45
C ARG A 294 -38.93 12.35 4.18
N GLN A 295 -38.63 13.18 3.19
CA GLN A 295 -39.42 13.25 1.99
C GLN A 295 -38.65 14.06 0.94
N ALA A 296 -38.70 13.60 -0.29
CA ALA A 296 -37.92 14.19 -1.36
C ALA A 296 -38.77 14.36 -2.60
N HIS A 297 -38.64 15.52 -3.23
CA HIS A 297 -39.32 15.82 -4.49
C HIS A 297 -38.33 15.69 -5.62
N CYS A 298 -38.72 14.98 -6.67
CA CYS A 298 -37.81 14.58 -7.73
C CYS A 298 -38.14 15.36 -8.99
N ASN A 299 -37.41 16.46 -9.20
CA ASN A 299 -37.69 17.35 -10.32
C ASN A 299 -37.11 16.77 -11.61
N VAL A 300 -37.94 16.68 -12.63
CA VAL A 300 -37.50 16.35 -13.99
C VAL A 300 -38.08 17.38 -14.94
N SER A 301 -37.25 17.87 -15.86
CA SER A 301 -37.69 18.92 -16.76
C SER A 301 -38.65 18.38 -17.81
N LYS A 302 -39.76 19.09 -18.00
CA LYS A 302 -40.66 18.76 -19.09
C LYS A 302 -40.17 19.43 -20.38
N ALA A 303 -40.81 19.05 -21.49
CA ALA A 303 -40.50 19.54 -22.83
C ALA A 303 -39.13 19.06 -23.29
N THR A 304 -38.40 18.39 -22.38
CA THR A 304 -37.27 17.57 -22.75
C THR A 304 -37.54 16.10 -22.48
N TRP A 305 -38.53 15.79 -21.64
CA TRP A 305 -39.02 14.43 -21.51
C TRP A 305 -39.92 14.06 -22.69
N ASN A 306 -40.99 14.82 -22.88
CA ASN A 306 -41.92 14.50 -23.96
C ASN A 306 -41.26 14.62 -25.32
N GLU A 307 -40.29 15.53 -25.46
CA GLU A 307 -39.55 15.62 -26.71
C GLU A 307 -38.70 14.37 -26.93
N THR A 308 -38.12 13.83 -25.85
CA THR A 308 -37.32 12.61 -25.92
C THR A 308 -38.15 11.36 -25.66
N LEU A 309 -39.47 11.48 -25.56
CA LEU A 309 -40.33 10.32 -25.53
C LEU A 309 -41.11 10.14 -26.83
N GLY A 310 -41.19 11.18 -27.66
CA GLY A 310 -41.78 11.00 -28.98
C GLY A 310 -40.97 10.04 -29.84
N LYS A 311 -39.65 10.17 -29.81
CA LYS A 311 -38.80 9.28 -30.60
C LYS A 311 -39.10 7.83 -30.29
N VAL A 312 -39.34 7.52 -29.02
CA VAL A 312 -39.58 6.13 -28.60
C VAL A 312 -40.82 5.57 -29.30
N VAL A 313 -41.94 6.25 -29.16
CA VAL A 313 -43.20 5.74 -29.68
C VAL A 313 -43.13 5.56 -31.19
N LYS A 314 -42.32 6.36 -31.88
CA LYS A 314 -42.12 6.15 -33.31
C LYS A 314 -41.40 4.83 -33.58
N GLN A 315 -40.35 4.55 -32.80
CA GLN A 315 -39.58 3.33 -33.01
C GLN A 315 -40.41 2.08 -32.75
N LEU A 316 -41.34 2.16 -31.79
CA LEU A 316 -42.24 1.03 -31.56
C LEU A 316 -43.15 0.79 -32.76
N ARG A 317 -43.49 1.85 -33.49
CA ARG A 317 -44.40 1.72 -34.62
C ARG A 317 -43.82 0.82 -35.70
N LYS A 318 -42.50 0.91 -35.94
CA LYS A 318 -41.87 0.10 -36.96
C LYS A 318 -42.02 -1.39 -36.68
N HIS A 319 -41.49 -1.84 -35.54
CA HIS A 319 -41.47 -3.27 -35.21
C HIS A 319 -42.88 -3.80 -34.98
N PHE A 320 -43.88 -2.91 -35.05
CA PHE A 320 -45.27 -3.33 -34.90
C PHE A 320 -46.08 -2.90 -36.10
N GLY A 321 -47.40 -3.06 -36.04
CA GLY A 321 -48.25 -2.85 -37.21
C GLY A 321 -48.42 -1.41 -37.64
N ASN A 322 -47.56 -0.52 -37.15
CA ASN A 322 -47.60 0.92 -37.41
C ASN A 322 -49.01 1.49 -37.27
N ASN A 323 -49.82 0.85 -36.44
CA ASN A 323 -51.19 1.27 -36.14
C ASN A 323 -51.50 0.79 -34.73
N THR A 324 -52.79 0.69 -34.39
CA THR A 324 -53.24 0.16 -33.11
C THR A 324 -52.67 0.98 -31.95
N ILE A 325 -53.19 2.20 -31.86
CA ILE A 325 -52.66 3.29 -31.02
C ILE A 325 -52.22 2.78 -29.65
N ILE A 326 -50.99 3.14 -29.27
CA ILE A 326 -50.37 2.66 -28.05
C ILE A 326 -50.32 3.80 -27.04
N ARG A 327 -50.12 3.44 -25.77
CA ARG A 327 -50.20 4.37 -24.66
C ARG A 327 -49.22 3.92 -23.59
N PHE A 328 -48.85 4.84 -22.71
CA PHE A 328 -47.98 4.55 -21.57
C PHE A 328 -48.80 4.59 -20.28
N ALA A 329 -48.56 3.62 -19.40
CA ALA A 329 -49.44 3.37 -18.28
C ALA A 329 -48.66 3.25 -16.98
N ASN A 330 -49.39 3.23 -15.88
CA ASN A 330 -48.81 3.06 -14.55
C ASN A 330 -48.24 1.66 -14.40
N SER A 331 -47.67 1.40 -13.22
CA SER A 331 -47.29 0.04 -12.87
C SER A 331 -48.54 -0.83 -12.73
N SER A 332 -48.33 -2.12 -12.56
CA SER A 332 -49.43 -3.08 -12.55
C SER A 332 -49.77 -3.58 -11.16
N GLY A 333 -48.83 -3.60 -10.24
CA GLY A 333 -49.06 -4.04 -8.88
C GLY A 333 -48.08 -5.11 -8.45
N GLY A 334 -48.04 -5.31 -7.13
CA GLY A 334 -47.13 -6.27 -6.52
C GLY A 334 -46.36 -5.64 -5.38
N ASP A 335 -45.09 -6.00 -5.29
CA ASP A 335 -44.23 -5.43 -4.27
C ASP A 335 -43.99 -3.95 -4.56
N LEU A 336 -43.67 -3.21 -3.49
CA LEU A 336 -43.39 -1.78 -3.64
C LEU A 336 -42.16 -1.56 -4.51
N GLU A 337 -41.20 -2.48 -4.47
CA GLU A 337 -39.94 -2.28 -5.17
C GLU A 337 -40.15 -2.07 -6.66
N VAL A 338 -40.99 -2.89 -7.28
CA VAL A 338 -41.13 -2.82 -8.73
C VAL A 338 -42.05 -1.68 -9.14
N THR A 339 -42.98 -1.29 -8.27
CA THR A 339 -44.00 -0.31 -8.63
C THR A 339 -43.53 1.12 -8.45
N THR A 340 -42.23 1.35 -8.44
CA THR A 340 -41.67 2.70 -8.32
C THR A 340 -40.32 2.72 -9.03
N HIS A 341 -39.53 3.74 -8.74
CA HIS A 341 -38.17 3.87 -9.27
C HIS A 341 -37.26 4.02 -8.06
N SER A 342 -36.85 2.89 -7.49
CA SER A 342 -36.05 2.89 -6.28
C SER A 342 -34.57 2.76 -6.61
N PHE A 343 -33.74 3.33 -5.76
CA PHE A 343 -32.29 3.34 -5.96
C PHE A 343 -31.65 3.86 -4.69
N ASN A 344 -30.33 4.01 -4.73
CA ASN A 344 -29.58 4.56 -3.60
C ASN A 344 -28.91 5.86 -4.01
N CYS A 345 -28.66 6.70 -3.01
CA CYS A 345 -28.06 8.00 -3.25
C CYS A 345 -27.49 8.51 -1.93
N GLY A 346 -26.18 8.70 -1.88
CA GLY A 346 -25.54 9.20 -0.68
C GLY A 346 -25.67 8.30 0.53
N GLY A 347 -26.30 7.14 0.36
CA GLY A 347 -26.46 6.19 1.43
C GLY A 347 -27.88 5.94 1.88
N GLU A 348 -28.88 6.51 1.21
CA GLU A 348 -30.28 6.29 1.54
C GLU A 348 -31.00 5.67 0.36
N PHE A 349 -32.21 5.20 0.61
CA PHE A 349 -32.94 4.36 -0.34
C PHE A 349 -34.21 5.08 -0.78
N PHE A 350 -34.09 5.88 -1.84
CA PHE A 350 -35.23 6.64 -2.33
C PHE A 350 -36.27 5.74 -2.97
N TYR A 351 -37.52 6.17 -2.91
CA TYR A 351 -38.64 5.49 -3.56
C TYR A 351 -39.54 6.57 -4.16
N CYS A 352 -39.37 6.85 -5.45
CA CYS A 352 -40.13 7.92 -6.10
C CYS A 352 -41.33 7.33 -6.84
N ASN A 353 -42.52 7.90 -6.59
CA ASN A 353 -43.76 7.44 -7.18
C ASN A 353 -43.86 7.97 -8.60
N THR A 354 -43.23 7.26 -9.53
CA THR A 354 -43.22 7.68 -10.92
C THR A 354 -44.50 7.29 -11.64
N SER A 355 -45.65 7.60 -11.03
CA SER A 355 -46.93 7.34 -11.67
C SER A 355 -47.30 8.42 -12.68
N GLY A 356 -46.65 9.57 -12.60
CA GLY A 356 -47.02 10.68 -13.46
C GLY A 356 -46.09 10.87 -14.63
N LEU A 357 -45.41 9.80 -15.04
CA LEU A 357 -44.52 9.86 -16.18
C LEU A 357 -44.98 8.99 -17.34
N PHE A 358 -45.71 7.91 -17.09
CA PHE A 358 -46.24 7.06 -18.14
C PHE A 358 -47.76 7.20 -18.14
N ASN A 359 -48.24 8.25 -18.78
CA ASN A 359 -49.68 8.47 -18.90
C ASN A 359 -50.12 9.00 -20.25
N SER A 360 -49.20 9.26 -21.18
CA SER A 360 -49.57 9.86 -22.44
C SER A 360 -50.11 8.83 -23.42
N THR A 361 -50.92 9.30 -24.36
CA THR A 361 -51.48 8.48 -25.42
C THR A 361 -51.19 9.15 -26.75
N TRP A 362 -50.61 8.40 -27.68
CA TRP A 362 -50.08 8.96 -28.93
C TRP A 362 -50.80 8.32 -30.11
N ILE A 363 -51.75 9.06 -30.68
CA ILE A 363 -52.38 8.69 -31.93
C ILE A 363 -51.48 9.13 -33.08
N SER A 364 -51.75 8.66 -34.29
CA SER A 364 -50.95 9.01 -35.46
C SER A 364 -50.94 10.52 -35.69
N ASP A 378 -43.79 23.35 -17.31
CA ASP A 378 -42.36 23.51 -17.53
C ASP A 378 -41.58 22.44 -16.79
N SER A 379 -41.87 22.27 -15.50
CA SER A 379 -41.20 21.31 -14.66
C SER A 379 -42.17 20.25 -14.17
N ILE A 380 -41.63 19.11 -13.75
CA ILE A 380 -42.40 18.03 -13.16
C ILE A 380 -41.68 17.58 -11.90
N THR A 381 -42.45 17.25 -10.87
CA THR A 381 -41.90 16.82 -9.59
C THR A 381 -42.49 15.47 -9.21
N LEU A 382 -41.74 14.71 -8.43
CA LEU A 382 -42.14 13.38 -8.01
C LEU A 382 -42.01 13.23 -6.50
N PRO A 383 -43.00 12.63 -5.85
CA PRO A 383 -43.03 12.50 -4.37
C PRO A 383 -42.27 11.30 -3.80
N CYS A 384 -40.96 11.45 -3.65
CA CYS A 384 -40.16 10.33 -3.16
C CYS A 384 -40.22 10.22 -1.64
N ARG A 385 -39.92 9.02 -1.16
CA ARG A 385 -39.79 8.75 0.27
C ARG A 385 -38.43 8.10 0.52
N ILE A 386 -38.10 7.93 1.80
CA ILE A 386 -36.85 7.29 2.20
C ILE A 386 -37.23 6.18 3.17
N LYS A 387 -37.40 4.97 2.66
CA LYS A 387 -37.80 3.86 3.49
C LYS A 387 -36.61 3.34 4.28
N GLN A 388 -36.86 2.41 5.20
CA GLN A 388 -35.79 1.90 6.04
C GLN A 388 -35.87 0.40 6.29
N ILE A 389 -36.79 -0.32 5.67
CA ILE A 389 -36.75 -1.78 5.61
C ILE A 389 -37.08 -2.19 4.19
N ILE A 390 -36.11 -2.78 3.51
CA ILE A 390 -36.18 -3.04 2.07
C ILE A 390 -36.22 -4.54 1.83
N ASN A 391 -36.33 -4.93 0.56
CA ASN A 391 -36.20 -6.32 0.16
C ASN A 391 -34.89 -6.47 -0.58
N MET A 392 -33.97 -7.26 -0.02
CA MET A 392 -32.67 -7.43 -0.63
C MET A 392 -32.81 -7.97 -2.04
N TRP A 393 -31.78 -7.71 -2.85
CA TRP A 393 -31.69 -8.31 -4.17
C TRP A 393 -30.59 -9.34 -4.29
N GLN A 394 -29.58 -9.28 -3.43
CA GLN A 394 -28.54 -10.30 -3.43
C GLN A 394 -29.12 -11.67 -3.17
N ARG A 395 -30.12 -11.75 -2.31
CA ARG A 395 -30.73 -13.02 -1.93
C ARG A 395 -32.20 -12.75 -1.66
N ILE A 396 -32.85 -13.70 -1.00
CA ILE A 396 -34.21 -13.49 -0.52
C ILE A 396 -34.13 -13.11 0.95
N GLY A 397 -34.86 -12.08 1.32
CA GLY A 397 -34.85 -11.61 2.69
C GLY A 397 -35.04 -10.11 2.75
N GLN A 398 -35.03 -9.60 3.97
CA GLN A 398 -35.29 -8.19 4.26
C GLN A 398 -34.15 -7.62 5.08
N ALA A 399 -33.81 -6.38 4.82
CA ALA A 399 -32.77 -5.68 5.57
C ALA A 399 -33.41 -4.61 6.45
N MET A 400 -32.56 -3.85 7.15
CA MET A 400 -33.01 -2.69 7.92
C MET A 400 -31.82 -1.82 8.32
N TYR A 401 -31.91 -0.53 8.08
CA TYR A 401 -30.79 0.38 8.31
C TYR A 401 -31.18 1.43 9.35
N ALA A 402 -30.31 2.38 9.56
CA ALA A 402 -30.52 3.40 10.57
C ALA A 402 -31.31 4.57 9.99
N PRO A 403 -31.95 5.37 10.84
CA PRO A 403 -32.67 6.56 10.36
C PRO A 403 -31.76 7.48 9.56
N PRO A 404 -32.32 8.30 8.69
CA PRO A 404 -31.51 9.09 7.76
C PRO A 404 -30.64 10.11 8.47
N ILE A 405 -29.74 10.71 7.69
CA ILE A 405 -28.75 11.65 8.18
C ILE A 405 -29.36 13.06 8.23
N GLN A 406 -28.66 13.98 8.90
CA GLN A 406 -29.24 15.28 9.22
C GLN A 406 -29.36 16.18 8.00
N GLY A 407 -28.24 16.49 7.35
CA GLY A 407 -28.18 17.58 6.39
C GLY A 407 -28.92 17.40 5.09
N VAL A 408 -28.52 18.15 4.09
CA VAL A 408 -29.15 18.09 2.77
C VAL A 408 -28.47 17.01 1.95
N ILE A 409 -29.25 16.34 1.10
CA ILE A 409 -28.79 15.25 0.27
C ILE A 409 -29.15 15.57 -1.18
N ARG A 410 -28.17 15.49 -2.07
CA ARG A 410 -28.40 15.81 -3.47
C ARG A 410 -27.67 14.82 -4.37
N CYS A 411 -28.30 14.47 -5.49
CA CYS A 411 -27.65 13.65 -6.51
C CYS A 411 -28.45 13.76 -7.79
N VAL A 412 -27.76 14.07 -8.89
CA VAL A 412 -28.37 14.22 -10.20
C VAL A 412 -27.86 13.13 -11.10
N SER A 413 -28.74 12.59 -11.95
CA SER A 413 -28.36 11.50 -12.88
C SER A 413 -29.05 11.69 -14.24
N ASN A 414 -28.68 10.87 -15.22
CA ASN A 414 -29.28 10.94 -16.58
C ASN A 414 -30.11 9.67 -16.83
N ILE A 415 -31.39 9.82 -17.16
CA ILE A 415 -32.22 8.63 -17.48
C ILE A 415 -31.79 8.17 -18.88
N THR A 416 -30.96 7.13 -18.97
CA THR A 416 -30.45 6.71 -20.26
C THR A 416 -30.94 5.33 -20.62
N GLY A 417 -32.24 5.11 -20.48
CA GLY A 417 -32.82 3.83 -20.84
C GLY A 417 -33.94 3.47 -19.90
N LEU A 418 -34.66 2.40 -20.19
CA LEU A 418 -35.77 2.00 -19.33
C LEU A 418 -36.24 0.61 -19.74
N ILE A 419 -37.01 -0.01 -18.84
CA ILE A 419 -37.51 -1.36 -19.00
C ILE A 419 -39.02 -1.30 -19.13
N LEU A 420 -39.58 -2.11 -20.03
CA LEU A 420 -41.01 -2.12 -20.26
C LEU A 420 -41.56 -3.54 -20.20
N THR A 421 -42.83 -3.69 -20.54
CA THR A 421 -43.46 -5.00 -20.61
C THR A 421 -44.78 -4.89 -21.35
N ARG A 422 -45.03 -5.82 -22.27
CA ARG A 422 -46.25 -5.77 -23.06
C ARG A 422 -47.43 -6.25 -22.22
N ASP A 423 -48.60 -6.34 -22.84
CA ASP A 423 -49.79 -6.80 -22.14
C ASP A 423 -50.66 -7.54 -23.16
N GLY A 424 -50.54 -8.87 -23.17
CA GLY A 424 -51.17 -9.71 -24.17
C GLY A 424 -52.65 -9.51 -24.37
N THR A 430 -57.27 -3.74 -31.01
CA THR A 430 -56.12 -3.81 -30.13
C THR A 430 -55.43 -2.46 -30.01
N THR A 431 -54.90 -2.17 -28.82
CA THR A 431 -54.19 -0.91 -28.58
C THR A 431 -52.78 -1.12 -28.06
N GLU A 432 -52.57 -2.11 -27.18
CA GLU A 432 -51.24 -2.52 -26.72
C GLU A 432 -50.50 -1.35 -26.07
N THR A 433 -51.05 -0.89 -24.96
CA THR A 433 -50.33 0.05 -24.12
C THR A 433 -49.21 -0.66 -23.36
N PHE A 434 -48.23 0.12 -22.91
CA PHE A 434 -47.06 -0.42 -22.22
C PHE A 434 -47.03 0.03 -20.76
N ARG A 435 -46.45 -0.83 -19.93
CA ARG A 435 -46.44 -0.63 -18.48
C ARG A 435 -45.05 -0.91 -17.93
N PRO A 436 -44.34 0.12 -17.47
CA PRO A 436 -42.98 -0.10 -16.98
C PRO A 436 -42.95 -1.00 -15.76
N GLY A 437 -42.20 -2.08 -15.87
CA GLY A 437 -42.04 -3.06 -14.83
C GLY A 437 -40.56 -3.29 -14.57
N GLY A 438 -40.12 -4.54 -14.75
CA GLY A 438 -38.72 -4.87 -14.59
C GLY A 438 -38.47 -5.63 -13.31
N GLY A 439 -37.89 -4.97 -12.31
CA GLY A 439 -37.68 -5.62 -11.05
C GLY A 439 -36.36 -6.36 -10.96
N ASP A 440 -36.21 -7.44 -11.75
CA ASP A 440 -34.97 -8.20 -11.74
C ASP A 440 -33.82 -7.26 -12.05
N MET A 441 -32.67 -7.54 -11.42
CA MET A 441 -31.49 -6.67 -11.55
C MET A 441 -30.39 -7.25 -12.41
N ARG A 442 -30.55 -8.47 -12.93
CA ARG A 442 -29.48 -9.06 -13.74
C ARG A 442 -29.36 -8.37 -15.08
N ASP A 443 -30.50 -8.10 -15.72
CA ASP A 443 -30.53 -7.64 -17.10
C ASP A 443 -30.52 -6.13 -17.21
N ASN A 444 -29.89 -5.43 -16.27
CA ASN A 444 -29.53 -4.05 -16.51
C ASN A 444 -28.02 -3.88 -16.63
N TRP A 445 -27.29 -4.98 -16.74
CA TRP A 445 -25.91 -4.94 -17.22
C TRP A 445 -25.76 -5.41 -18.63
N ARG A 446 -26.69 -6.20 -19.15
CA ARG A 446 -26.71 -6.45 -20.58
C ARG A 446 -26.79 -5.14 -21.36
N SER A 447 -27.43 -4.13 -20.78
CA SER A 447 -27.61 -2.86 -21.46
C SER A 447 -26.32 -2.11 -21.70
N GLU A 448 -25.20 -2.54 -21.13
CA GLU A 448 -23.93 -1.90 -21.42
C GLU A 448 -22.82 -2.92 -21.61
N LEU A 449 -23.17 -4.17 -21.89
CA LEU A 449 -22.17 -5.21 -22.03
C LEU A 449 -22.51 -6.14 -23.18
N TYR A 450 -23.33 -5.69 -24.12
CA TYR A 450 -23.71 -6.54 -25.25
C TYR A 450 -22.66 -6.56 -26.34
N LYS A 451 -21.84 -5.53 -26.43
CA LYS A 451 -20.87 -5.40 -27.51
C LYS A 451 -19.54 -6.05 -27.18
N TYR A 452 -19.53 -7.10 -26.36
CA TYR A 452 -18.29 -7.76 -26.00
C TYR A 452 -18.47 -9.27 -25.96
N LYS A 453 -17.46 -9.98 -26.44
CA LYS A 453 -17.41 -11.43 -26.40
C LYS A 453 -15.96 -11.85 -26.24
N VAL A 454 -15.71 -12.88 -25.44
CA VAL A 454 -14.36 -13.31 -25.11
C VAL A 454 -14.05 -14.59 -25.86
N VAL A 455 -12.89 -14.64 -26.50
CA VAL A 455 -12.48 -15.76 -27.31
C VAL A 455 -11.12 -16.24 -26.81
N LYS A 456 -10.67 -17.37 -27.36
CA LYS A 456 -9.41 -17.97 -27.00
C LYS A 456 -8.53 -18.07 -28.23
N ILE A 457 -7.29 -17.61 -28.11
CA ILE A 457 -6.36 -17.73 -29.23
C ILE A 457 -5.83 -19.16 -29.29
N GLU A 458 -5.46 -19.57 -30.50
CA GLU A 458 -4.90 -20.90 -30.71
C GLU A 458 -3.81 -20.86 -31.77
N PRO A 459 -2.72 -20.14 -31.54
CA PRO A 459 -1.74 -19.94 -32.60
C PRO A 459 -0.95 -21.21 -32.88
N LEU A 460 -1.59 -22.19 -33.52
CA LEU A 460 -0.88 -23.38 -33.98
C LEU A 460 -1.71 -24.13 -35.00
N GLY A 461 -1.23 -24.21 -36.24
CA GLY A 461 -2.00 -24.86 -37.29
C GLY A 461 -1.09 -25.61 -38.25
N VAL A 462 -1.74 -26.37 -39.14
CA VAL A 462 -1.03 -27.20 -40.11
C VAL A 462 -1.73 -27.10 -41.45
N ALA A 463 -0.96 -27.37 -42.51
CA ALA A 463 -1.46 -27.32 -43.88
C ALA A 463 -0.54 -28.18 -44.75
N PRO A 464 -1.05 -28.70 -45.87
CA PRO A 464 -0.21 -29.51 -46.74
C PRO A 464 0.54 -28.70 -47.79
N THR A 465 1.80 -29.07 -48.01
CA THR A 465 2.65 -28.42 -48.99
C THR A 465 3.72 -29.41 -49.41
N ARG A 466 4.77 -28.90 -50.06
CA ARG A 466 5.85 -29.72 -50.59
C ARG A 466 7.16 -29.29 -49.95
N CYS A 467 7.81 -30.23 -49.27
CA CYS A 467 9.04 -29.94 -48.52
C CYS A 467 9.98 -31.14 -48.47
N LYS A 468 10.95 -31.09 -47.55
CA LYS A 468 11.81 -32.21 -47.27
C LYS A 468 11.10 -33.26 -46.42
N GLY B 3 5.00 -5.98 -21.17
CA GLY B 3 4.89 -7.42 -21.03
C GLY B 3 5.06 -8.16 -22.34
N ILE B 4 4.86 -9.48 -22.30
CA ILE B 4 4.90 -10.29 -23.52
C ILE B 4 3.50 -10.54 -24.06
N GLY B 5 2.46 -10.24 -23.29
CA GLY B 5 1.09 -10.58 -23.66
C GLY B 5 0.56 -9.90 -24.89
N ALA B 6 1.27 -8.90 -25.42
CA ALA B 6 0.79 -8.22 -26.62
C ALA B 6 1.09 -8.99 -27.88
N VAL B 7 2.07 -9.89 -27.86
CA VAL B 7 2.44 -10.61 -29.08
C VAL B 7 1.32 -11.52 -29.54
N PHE B 8 0.43 -11.94 -28.65
CA PHE B 8 -0.68 -12.79 -29.08
C PHE B 8 -1.68 -12.00 -29.91
N LEU B 9 -2.11 -10.84 -29.40
CA LEU B 9 -2.96 -9.97 -30.20
C LEU B 9 -2.26 -9.58 -31.49
N GLY B 10 -0.94 -9.40 -31.44
CA GLY B 10 -0.19 -9.17 -32.66
C GLY B 10 -0.38 -10.28 -33.66
N PHE B 11 -0.22 -11.53 -33.21
CA PHE B 11 -0.45 -12.69 -34.06
C PHE B 11 -1.84 -12.67 -34.66
N LEU B 12 -2.83 -12.29 -33.86
CA LEU B 12 -4.21 -12.39 -34.33
C LEU B 12 -4.63 -11.23 -35.20
N GLY B 13 -3.89 -10.12 -35.17
CA GLY B 13 -4.32 -8.91 -35.83
C GLY B 13 -4.62 -9.07 -37.31
N ALA B 14 -3.93 -9.97 -37.98
CA ALA B 14 -3.96 -10.02 -39.44
C ALA B 14 -4.78 -11.19 -39.97
N ALA B 15 -5.89 -11.51 -39.32
CA ALA B 15 -6.76 -12.56 -39.82
C ALA B 15 -7.60 -12.04 -40.98
N GLY B 16 -8.52 -12.88 -41.44
CA GLY B 16 -9.41 -12.51 -42.53
C GLY B 16 -8.75 -12.25 -43.86
N SER B 17 -7.54 -12.74 -44.08
CA SER B 17 -6.80 -12.49 -45.30
C SER B 17 -6.47 -13.81 -46.00
N THR B 18 -5.68 -13.70 -47.06
CA THR B 18 -5.22 -14.87 -47.81
C THR B 18 -3.99 -15.45 -47.14
N MET B 19 -3.81 -16.76 -47.30
CA MET B 19 -2.87 -17.49 -46.46
C MET B 19 -1.42 -17.11 -46.77
N GLY B 20 -1.12 -16.77 -48.02
CA GLY B 20 0.24 -16.41 -48.36
C GLY B 20 0.69 -15.12 -47.73
N ALA B 21 -0.13 -14.07 -47.87
CA ALA B 21 0.14 -12.82 -47.18
C ALA B 21 0.18 -13.05 -45.68
N ALA B 22 -0.66 -13.95 -45.17
CA ALA B 22 -0.62 -14.30 -43.76
C ALA B 22 0.76 -14.80 -43.36
N SER B 23 1.33 -15.71 -44.15
CA SER B 23 2.63 -16.28 -43.82
C SER B 23 3.73 -15.22 -43.90
N MET B 24 3.73 -14.40 -44.94
CA MET B 24 4.77 -13.38 -45.05
C MET B 24 4.68 -12.39 -43.90
N THR B 25 3.49 -11.87 -43.64
CA THR B 25 3.28 -10.97 -42.51
C THR B 25 3.70 -11.62 -41.21
N LEU B 26 3.45 -12.92 -41.06
CA LEU B 26 3.94 -13.65 -39.90
C LEU B 26 5.45 -13.51 -39.77
N THR B 27 6.17 -13.92 -40.81
CA THR B 27 7.62 -13.93 -40.74
C THR B 27 8.18 -12.56 -40.38
N VAL B 28 7.60 -11.50 -40.94
CA VAL B 28 8.17 -10.17 -40.68
C VAL B 28 7.72 -9.63 -39.33
N GLN B 29 6.44 -9.77 -39.01
CA GLN B 29 5.89 -9.10 -37.85
C GLN B 29 6.29 -9.76 -36.55
N ALA B 30 6.45 -11.09 -36.54
CA ALA B 30 6.91 -11.75 -35.33
C ALA B 30 8.23 -11.14 -34.85
N ARG B 31 9.07 -10.72 -35.80
CA ARG B 31 10.33 -10.07 -35.46
C ARG B 31 10.10 -8.58 -35.15
N ASN B 32 9.35 -7.88 -35.99
CA ASN B 32 9.13 -6.45 -35.75
C ASN B 32 8.39 -6.16 -34.46
N LEU B 33 7.81 -7.17 -33.81
CA LEU B 33 7.05 -6.96 -32.58
C LEU B 33 7.88 -7.25 -31.33
N LEU B 34 9.17 -6.91 -31.34
CA LEU B 34 10.03 -7.05 -30.18
C LEU B 34 9.39 -6.49 -28.91
N SER B 35 9.12 -5.19 -28.89
CA SER B 35 8.55 -4.55 -27.70
C SER B 35 7.10 -4.96 -27.50
N GLN B 52 1.44 7.13 1.10
CA GLN B 52 1.32 5.72 0.77
C GLN B 52 1.46 5.51 -0.73
N HIS B 53 1.93 6.53 -1.47
CA HIS B 53 2.05 6.43 -2.91
C HIS B 53 3.01 5.32 -3.31
N LEU B 54 4.27 5.45 -2.93
CA LEU B 54 5.24 4.39 -3.18
C LEU B 54 5.14 3.25 -2.17
N LEU B 55 4.23 3.37 -1.19
CA LEU B 55 3.86 2.20 -0.40
C LEU B 55 2.82 1.36 -1.12
N LYS B 56 1.87 1.98 -1.80
CA LYS B 56 0.86 1.22 -2.52
C LYS B 56 1.40 0.67 -3.84
N LEU B 57 2.71 0.63 -3.97
CA LEU B 57 3.39 -0.21 -4.93
C LEU B 57 4.07 -1.37 -4.20
N THR B 58 3.42 -1.87 -3.14
CA THR B 58 3.87 -3.04 -2.41
C THR B 58 2.83 -4.14 -2.35
N VAL B 59 1.56 -3.85 -2.63
CA VAL B 59 0.58 -4.89 -2.87
C VAL B 59 0.10 -4.88 -4.32
N TRP B 60 0.35 -3.79 -5.05
CA TRP B 60 0.08 -3.75 -6.48
C TRP B 60 1.31 -4.16 -7.30
N GLY B 61 2.32 -4.71 -6.65
CA GLY B 61 3.41 -5.30 -7.37
C GLY B 61 3.10 -6.75 -7.67
N ILE B 62 2.78 -7.51 -6.62
CA ILE B 62 2.51 -8.93 -6.75
C ILE B 62 1.39 -9.16 -7.77
N LYS B 63 0.22 -8.59 -7.51
CA LYS B 63 -0.93 -8.81 -8.37
C LYS B 63 -0.69 -8.27 -9.77
N GLN B 64 0.42 -7.57 -9.97
CA GLN B 64 0.84 -7.13 -11.29
C GLN B 64 2.11 -7.81 -11.74
N LEU B 65 2.72 -8.63 -10.87
CA LEU B 65 3.88 -9.43 -11.24
C LEU B 65 3.54 -10.90 -11.34
N GLN B 66 2.30 -11.28 -11.06
CA GLN B 66 1.83 -12.61 -11.42
C GLN B 66 1.37 -12.63 -12.87
N ALA B 67 0.58 -11.65 -13.25
CA ALA B 67 0.07 -11.62 -14.61
C ALA B 67 1.13 -11.35 -15.61
N ARG B 68 2.40 -11.23 -15.26
CA ARG B 68 3.45 -11.14 -16.26
C ARG B 68 4.35 -12.35 -16.30
N VAL B 69 4.46 -13.08 -15.19
CA VAL B 69 5.16 -14.35 -15.19
C VAL B 69 4.17 -15.51 -15.33
N LEU B 70 2.96 -15.21 -15.79
CA LEU B 70 2.01 -16.22 -16.21
C LEU B 70 1.89 -16.29 -17.72
N ALA B 71 2.29 -15.23 -18.43
CA ALA B 71 2.35 -15.30 -19.87
C ALA B 71 3.65 -15.93 -20.34
N VAL B 72 4.77 -15.59 -19.68
CA VAL B 72 6.03 -16.22 -20.01
C VAL B 72 5.91 -17.72 -19.93
N GLU B 73 5.20 -18.21 -18.92
CA GLU B 73 4.97 -19.65 -18.81
C GLU B 73 4.22 -20.16 -20.04
N ARG B 74 3.04 -19.61 -20.30
CA ARG B 74 2.22 -20.08 -21.41
C ARG B 74 2.93 -19.97 -22.74
N TYR B 75 3.91 -19.08 -22.86
CA TYR B 75 4.71 -19.04 -24.08
C TYR B 75 5.57 -20.29 -24.20
N LEU B 76 6.30 -20.62 -23.14
CA LEU B 76 7.17 -21.80 -23.19
C LEU B 76 6.38 -23.08 -23.37
N ARG B 77 5.14 -23.11 -22.91
CA ARG B 77 4.32 -24.30 -23.03
C ARG B 77 3.98 -24.56 -24.50
N ASP B 78 4.38 -23.66 -25.39
CA ASP B 78 4.28 -23.86 -26.83
C ASP B 78 5.60 -24.22 -27.45
N GLN B 79 6.66 -23.46 -27.13
CA GLN B 79 7.99 -23.78 -27.63
C GLN B 79 8.42 -25.17 -27.21
N GLN B 80 7.66 -25.79 -26.30
CA GLN B 80 7.89 -27.19 -25.98
C GLN B 80 7.40 -28.09 -27.10
N LEU B 81 6.17 -27.86 -27.57
CA LEU B 81 5.60 -28.70 -28.61
C LEU B 81 6.48 -28.73 -29.85
N LEU B 82 6.94 -27.57 -30.30
CA LEU B 82 7.79 -27.56 -31.49
C LEU B 82 9.13 -28.23 -31.24
N GLY B 83 9.54 -28.40 -29.99
CA GLY B 83 10.71 -29.20 -29.72
C GLY B 83 10.48 -30.67 -30.01
N ILE B 84 9.30 -31.17 -29.64
CA ILE B 84 8.97 -32.57 -29.92
C ILE B 84 8.99 -32.83 -31.42
N TRP B 85 8.28 -32.00 -32.19
CA TRP B 85 8.15 -32.27 -33.62
C TRP B 85 9.36 -31.78 -34.39
N GLY B 86 10.56 -32.14 -33.94
CA GLY B 86 11.73 -31.93 -34.75
C GLY B 86 12.18 -30.50 -34.89
N CYS B 87 11.25 -29.61 -35.25
CA CYS B 87 11.59 -28.24 -35.61
C CYS B 87 11.18 -27.30 -34.48
N SER B 88 12.17 -26.82 -33.74
CA SER B 88 11.97 -25.81 -32.72
C SER B 88 12.86 -24.61 -33.03
N GLY B 89 12.31 -23.42 -32.83
CA GLY B 89 13.02 -22.21 -33.17
C GLY B 89 12.54 -21.61 -34.47
N LYS B 90 12.08 -22.45 -35.39
CA LYS B 90 11.59 -21.97 -36.67
C LYS B 90 10.08 -21.75 -36.61
N LEU B 91 9.60 -20.87 -37.48
CA LEU B 91 8.18 -20.56 -37.56
C LEU B 91 7.49 -21.31 -38.70
N ILE B 92 8.01 -21.20 -39.91
CA ILE B 92 7.47 -21.95 -41.05
C ILE B 92 8.18 -23.29 -41.13
N CYS B 93 7.71 -24.26 -40.36
CA CYS B 93 8.29 -25.58 -40.33
C CYS B 93 7.51 -26.55 -41.20
N CYS B 94 8.22 -27.49 -41.82
CA CYS B 94 7.59 -28.56 -42.57
C CYS B 94 8.38 -29.85 -42.37
N THR B 95 7.66 -30.93 -42.17
CA THR B 95 8.21 -32.23 -41.81
C THR B 95 7.90 -33.24 -42.92
N ASN B 96 8.14 -34.52 -42.64
CA ASN B 96 8.08 -35.53 -43.69
C ASN B 96 7.03 -36.59 -43.43
N VAL B 97 5.83 -36.18 -43.04
CA VAL B 97 4.67 -37.07 -42.93
C VAL B 97 3.78 -36.84 -44.15
N PRO B 98 3.38 -37.89 -44.86
CA PRO B 98 2.60 -37.70 -46.09
C PRO B 98 1.18 -37.26 -45.78
N TRP B 99 0.72 -36.22 -46.47
CA TRP B 99 -0.62 -35.72 -46.24
C TRP B 99 -1.65 -36.68 -46.82
N ASN B 100 -2.17 -37.58 -45.99
CA ASN B 100 -3.20 -38.52 -46.43
C ASN B 100 -4.40 -37.75 -46.98
N SER B 101 -4.99 -38.29 -48.04
CA SER B 101 -6.06 -37.58 -48.73
C SER B 101 -7.40 -37.69 -48.01
N SER B 102 -7.54 -38.60 -47.06
CA SER B 102 -8.81 -38.73 -46.34
C SER B 102 -9.08 -37.57 -45.41
N TRP B 103 -8.15 -36.63 -45.27
CA TRP B 103 -8.35 -35.45 -44.44
C TRP B 103 -8.86 -34.28 -45.27
N SER B 104 -10.04 -34.47 -45.86
CA SER B 104 -10.77 -33.43 -46.59
C SER B 104 -9.91 -32.87 -47.73
N ASN B 105 -9.62 -33.74 -48.69
CA ASN B 105 -8.81 -33.36 -49.83
C ASN B 105 -9.47 -32.23 -50.61
N ARG B 106 -8.64 -31.49 -51.35
CA ARG B 106 -9.08 -30.40 -52.21
C ARG B 106 -7.92 -29.98 -53.08
N ASN B 107 -8.24 -29.46 -54.26
CA ASN B 107 -7.20 -28.96 -55.16
C ASN B 107 -6.39 -27.89 -54.43
N LEU B 108 -5.07 -28.02 -54.50
CA LEU B 108 -4.18 -27.18 -53.71
C LEU B 108 -4.50 -25.70 -53.87
N SER B 109 -4.60 -25.23 -55.10
CA SER B 109 -4.89 -23.82 -55.31
C SER B 109 -6.31 -23.45 -54.91
N GLU B 110 -7.18 -24.43 -54.68
CA GLU B 110 -8.48 -24.16 -54.08
C GLU B 110 -8.39 -24.01 -52.57
N ILE B 111 -7.18 -23.92 -52.02
CA ILE B 111 -6.97 -23.80 -50.59
C ILE B 111 -6.17 -22.53 -50.32
N TRP B 112 -5.02 -22.40 -50.95
CA TRP B 112 -4.14 -21.27 -50.69
C TRP B 112 -4.55 -20.00 -51.41
N ASP B 113 -5.76 -19.96 -51.99
CA ASP B 113 -6.21 -18.77 -52.70
C ASP B 113 -7.59 -18.27 -52.26
N ASN B 114 -8.46 -19.13 -51.75
CA ASN B 114 -9.83 -18.70 -51.47
C ASN B 114 -10.33 -19.23 -50.12
N MET B 115 -9.46 -19.31 -49.11
CA MET B 115 -9.89 -19.78 -47.81
C MET B 115 -9.13 -19.04 -46.72
N THR B 116 -9.85 -18.29 -45.89
CA THR B 116 -9.26 -17.70 -44.71
C THR B 116 -8.90 -18.78 -43.70
N TRP B 117 -7.93 -18.46 -42.84
CA TRP B 117 -7.41 -19.44 -41.90
C TRP B 117 -8.51 -20.01 -41.02
N LEU B 118 -9.36 -19.13 -40.48
CA LEU B 118 -10.39 -19.54 -39.53
C LEU B 118 -11.24 -20.68 -40.09
N GLN B 119 -11.92 -20.43 -41.21
CA GLN B 119 -12.78 -21.47 -41.79
C GLN B 119 -11.96 -22.70 -42.16
N TRP B 120 -10.69 -22.52 -42.51
CA TRP B 120 -9.85 -23.68 -42.80
C TRP B 120 -9.66 -24.53 -41.55
N ASP B 121 -9.65 -23.90 -40.37
CA ASP B 121 -9.59 -24.67 -39.14
C ASP B 121 -10.84 -25.54 -39.00
N LYS B 122 -12.02 -24.98 -39.29
CA LYS B 122 -13.24 -25.75 -39.23
C LYS B 122 -13.17 -27.03 -40.05
N GLU B 123 -12.44 -26.98 -41.17
CA GLU B 123 -12.39 -28.12 -42.08
C GLU B 123 -11.81 -29.35 -41.40
N ILE B 124 -10.77 -29.16 -40.58
CA ILE B 124 -10.05 -30.27 -40.00
C ILE B 124 -10.02 -30.19 -38.47
N SER B 125 -10.93 -29.42 -37.87
CA SER B 125 -10.92 -29.27 -36.42
C SER B 125 -11.26 -30.54 -35.68
N ASN B 126 -11.52 -31.64 -36.38
CA ASN B 126 -11.71 -32.93 -35.74
C ASN B 126 -10.53 -33.87 -35.93
N TYR B 127 -9.65 -33.58 -36.89
CA TYR B 127 -8.50 -34.43 -37.16
C TYR B 127 -7.23 -33.96 -36.47
N THR B 128 -7.26 -32.80 -35.80
CA THR B 128 -6.06 -32.23 -35.21
C THR B 128 -5.44 -33.10 -34.11
N GLN B 129 -6.14 -34.12 -33.64
CA GLN B 129 -5.53 -35.04 -32.71
C GLN B 129 -4.93 -36.25 -33.41
N ILE B 130 -5.54 -36.69 -34.51
CA ILE B 130 -4.93 -37.72 -35.34
C ILE B 130 -3.59 -37.21 -35.88
N ILE B 131 -3.57 -35.96 -36.31
CA ILE B 131 -2.35 -35.39 -36.88
C ILE B 131 -1.30 -35.18 -35.81
N TYR B 132 -1.70 -34.65 -34.65
CA TYR B 132 -0.76 -34.41 -33.57
C TYR B 132 -0.09 -35.70 -33.12
N GLY B 133 -0.87 -36.78 -33.04
CA GLY B 133 -0.32 -38.06 -32.65
C GLY B 133 0.78 -38.54 -33.56
N LEU B 134 0.46 -38.70 -34.85
CA LEU B 134 1.43 -39.25 -35.80
C LEU B 134 2.69 -38.41 -35.87
N LEU B 135 2.58 -37.11 -35.61
CA LEU B 135 3.73 -36.22 -35.72
C LEU B 135 4.81 -36.50 -34.69
N GLU B 136 4.53 -37.39 -33.74
CA GLU B 136 5.54 -37.74 -32.75
C GLU B 136 6.42 -38.89 -33.22
N GLU B 137 5.80 -40.02 -33.61
CA GLU B 137 6.58 -41.19 -34.02
C GLU B 137 7.47 -40.88 -35.21
N SER B 138 7.04 -39.97 -36.08
CA SER B 138 7.89 -39.56 -37.18
C SER B 138 9.18 -38.90 -36.71
N GLN B 139 9.28 -38.53 -35.43
CA GLN B 139 10.51 -37.92 -34.94
C GLN B 139 11.56 -38.96 -34.62
N ASN B 140 11.27 -39.85 -33.67
CA ASN B 140 12.24 -40.86 -33.29
C ASN B 140 12.52 -41.86 -34.40
N GLN B 141 11.72 -41.85 -35.47
CA GLN B 141 11.95 -42.68 -36.63
C GLN B 141 12.67 -41.95 -37.75
N GLN B 142 13.34 -40.83 -37.43
CA GLN B 142 14.09 -40.08 -38.43
C GLN B 142 15.59 -40.24 -38.30
N GLU B 143 16.07 -40.64 -37.12
CA GLU B 143 17.50 -40.82 -36.89
C GLU B 143 17.94 -42.27 -37.06
N LYS B 144 17.09 -43.22 -36.65
CA LYS B 144 17.41 -44.64 -36.75
C LYS B 144 17.11 -45.19 -38.13
N ASN C 1 37.97 -14.40 -47.71
CA ASN C 1 38.09 -15.64 -46.95
C ASN C 1 37.72 -15.42 -45.48
N LEU C 2 37.53 -14.16 -45.10
CA LEU C 2 37.21 -13.78 -43.73
C LEU C 2 35.70 -13.59 -43.62
N TRP C 3 35.06 -14.45 -42.85
CA TRP C 3 33.61 -14.44 -42.70
C TRP C 3 33.23 -13.99 -41.30
N VAL C 4 31.99 -13.56 -41.17
CA VAL C 4 31.49 -12.93 -39.95
C VAL C 4 30.77 -13.96 -39.10
N THR C 5 30.82 -13.78 -37.78
CA THR C 5 30.15 -14.66 -36.84
C THR C 5 29.36 -13.82 -35.86
N VAL C 6 28.64 -14.49 -34.96
CA VAL C 6 27.80 -13.83 -33.98
C VAL C 6 27.94 -14.54 -32.63
N TYR C 7 28.57 -13.88 -31.67
CA TYR C 7 28.66 -14.37 -30.31
C TYR C 7 27.48 -13.86 -29.51
N TYR C 8 27.34 -14.38 -28.29
CA TYR C 8 26.23 -13.99 -27.43
C TYR C 8 26.68 -14.03 -25.97
N GLY C 9 26.98 -12.86 -25.40
CA GLY C 9 27.36 -12.80 -24.01
C GLY C 9 28.50 -11.84 -23.76
N VAL C 10 29.01 -11.24 -24.83
CA VAL C 10 30.11 -10.29 -24.75
C VAL C 10 29.72 -9.14 -23.83
N PRO C 11 30.62 -8.67 -22.97
CA PRO C 11 30.28 -7.53 -22.11
C PRO C 11 30.46 -6.19 -22.81
N VAL C 12 29.37 -5.48 -23.04
CA VAL C 12 29.40 -4.23 -23.79
C VAL C 12 28.44 -3.23 -23.15
N TRP C 13 28.85 -1.98 -23.06
CA TRP C 13 28.01 -0.90 -22.55
C TRP C 13 27.64 0.08 -23.65
N LYS C 14 26.48 0.71 -23.45
CA LYS C 14 26.07 1.83 -24.30
C LYS C 14 25.35 2.82 -23.38
N ASP C 15 25.98 3.96 -23.12
CA ASP C 15 25.41 4.96 -22.22
C ASP C 15 23.98 5.30 -22.63
N ALA C 16 23.12 5.48 -21.63
CA ALA C 16 21.71 5.72 -21.90
C ALA C 16 21.19 6.70 -20.85
N GLU C 17 19.87 6.83 -20.79
CA GLU C 17 19.25 7.81 -19.90
C GLU C 17 17.84 7.36 -19.56
N THR C 18 17.50 7.44 -18.28
CA THR C 18 16.22 6.94 -17.78
C THR C 18 15.77 7.83 -16.64
N THR C 19 14.81 7.35 -15.86
CA THR C 19 14.23 8.09 -14.75
C THR C 19 14.51 7.31 -13.47
N LEU C 20 15.52 7.75 -12.71
CA LEU C 20 15.90 7.07 -11.49
C LEU C 20 14.83 7.25 -10.43
N PHE C 21 15.09 6.73 -9.23
CA PHE C 21 14.11 6.81 -8.15
C PHE C 21 14.81 7.01 -6.82
N CYS C 22 14.14 7.72 -5.91
CA CYS C 22 14.68 8.07 -4.60
C CYS C 22 15.17 6.90 -3.78
N ALA C 23 15.96 7.19 -2.76
CA ALA C 23 16.17 6.25 -1.65
C ALA C 23 16.53 7.09 -0.44
N SER C 24 15.57 7.33 0.45
CA SER C 24 15.81 8.22 1.56
C SER C 24 15.12 7.68 2.80
N ASP C 25 15.79 7.78 3.94
CA ASP C 25 15.33 7.17 5.18
C ASP C 25 14.58 8.23 5.98
N ALA C 26 13.27 8.24 5.83
CA ALA C 26 12.42 9.21 6.50
C ALA C 26 11.99 8.67 7.86
N LYS C 27 11.05 9.35 8.51
CA LYS C 27 10.56 8.94 9.81
C LYS C 27 9.04 8.80 9.88
N ALA C 28 8.29 9.46 9.00
CA ALA C 28 6.86 9.26 8.82
C ALA C 28 6.02 9.80 9.97
N TYR C 29 6.66 10.27 11.04
CA TYR C 29 5.93 10.94 12.11
C TYR C 29 6.40 12.36 12.36
N GLU C 30 7.66 12.67 12.09
CA GLU C 30 8.09 14.06 12.11
C GLU C 30 7.35 14.85 11.04
N THR C 31 7.33 16.16 11.20
CA THR C 31 6.51 16.95 10.30
C THR C 31 7.23 18.21 9.82
N GLU C 32 8.55 18.18 9.71
CA GLU C 32 9.19 19.20 8.91
C GLU C 32 8.91 18.92 7.45
N LYS C 33 9.47 19.74 6.57
CA LYS C 33 9.07 19.66 5.17
C LYS C 33 9.86 18.59 4.41
N HIS C 34 11.18 18.57 4.58
CA HIS C 34 11.99 17.53 3.96
C HIS C 34 11.50 16.15 4.35
N ASN C 35 11.40 15.91 5.65
CA ASN C 35 11.04 14.59 6.15
C ASN C 35 9.57 14.27 5.91
N VAL C 36 8.81 15.14 5.26
CA VAL C 36 7.44 14.80 4.88
C VAL C 36 7.27 14.73 3.38
N TRP C 37 8.19 15.30 2.60
CA TRP C 37 8.17 15.06 1.16
C TRP C 37 8.91 13.77 0.83
N ALA C 38 10.10 13.59 1.40
CA ALA C 38 10.88 12.39 1.14
C ALA C 38 10.16 11.12 1.56
N THR C 39 9.12 11.22 2.37
CA THR C 39 8.31 10.06 2.73
C THR C 39 7.04 9.98 1.90
N HIS C 40 6.89 10.81 0.88
CA HIS C 40 5.75 10.72 0.00
C HIS C 40 6.09 10.14 -1.36
N ALA C 41 7.24 10.51 -1.92
CA ALA C 41 7.59 10.09 -3.27
C ALA C 41 8.99 9.50 -3.31
N CYS C 42 9.37 8.79 -2.25
CA CYS C 42 10.64 8.09 -2.21
C CYS C 42 10.45 6.79 -1.44
N VAL C 43 11.54 6.06 -1.22
CA VAL C 43 11.44 4.70 -0.70
C VAL C 43 12.58 4.45 0.28
N PRO C 44 12.37 3.67 1.36
CA PRO C 44 13.46 3.37 2.29
C PRO C 44 14.72 2.84 1.62
N THR C 45 15.86 2.97 2.29
CA THR C 45 17.14 2.69 1.66
C THR C 45 17.33 1.19 1.47
N ASP C 46 18.53 0.84 1.00
CA ASP C 46 18.83 -0.55 0.64
C ASP C 46 19.44 -1.25 1.85
N PRO C 47 18.84 -2.33 2.34
CA PRO C 47 19.36 -2.95 3.56
C PRO C 47 20.77 -3.50 3.41
N ASN C 48 21.00 -4.36 2.43
CA ASN C 48 22.32 -4.93 2.23
C ASN C 48 22.91 -4.47 0.90
N PRO C 49 23.56 -3.30 0.88
CA PRO C 49 24.08 -2.78 -0.39
C PRO C 49 25.17 -3.68 -0.94
N GLN C 50 25.14 -3.88 -2.25
CA GLN C 50 26.11 -4.72 -2.95
C GLN C 50 26.94 -3.86 -3.87
N GLU C 51 28.26 -4.03 -3.79
CA GLU C 51 29.19 -3.36 -4.68
C GLU C 51 30.13 -4.42 -5.27
N ILE C 52 30.63 -4.14 -6.46
CA ILE C 52 31.49 -5.08 -7.18
C ILE C 52 32.57 -4.30 -7.90
N HIS C 53 33.82 -4.69 -7.71
CA HIS C 53 34.91 -4.05 -8.40
C HIS C 53 35.05 -4.62 -9.81
N LEU C 54 35.76 -3.91 -10.66
CA LEU C 54 36.11 -4.38 -12.00
C LEU C 54 37.63 -4.46 -12.10
N GLU C 55 38.13 -5.01 -13.21
CA GLU C 55 39.61 -5.20 -13.33
C GLU C 55 40.09 -4.86 -14.74
N ASN C 56 41.16 -4.06 -14.84
CA ASN C 56 41.77 -3.66 -16.14
C ASN C 56 40.69 -3.11 -17.06
N VAL C 57 39.85 -2.18 -16.56
CA VAL C 57 38.79 -1.59 -17.43
C VAL C 57 38.82 -0.07 -17.37
N THR C 58 39.47 0.57 -18.36
CA THR C 58 39.48 2.00 -18.48
C THR C 58 38.13 2.47 -19.01
N GLU C 59 37.81 3.73 -18.73
CA GLU C 59 36.48 4.25 -19.04
C GLU C 59 36.56 5.76 -19.07
N GLU C 60 35.80 6.35 -20.00
CA GLU C 60 35.87 7.79 -20.25
C GLU C 60 34.66 8.47 -19.62
N PHE C 61 34.85 9.00 -18.41
CA PHE C 61 33.81 9.80 -17.78
C PHE C 61 33.82 11.22 -18.36
N ASN C 62 32.85 12.02 -17.94
CA ASN C 62 32.78 13.43 -18.30
C ASN C 62 31.82 14.09 -17.34
N MET C 63 32.23 15.22 -16.76
CA MET C 63 31.40 15.87 -15.74
C MET C 63 30.52 16.97 -16.29
N TRP C 64 30.96 17.67 -17.33
CA TRP C 64 30.26 18.86 -17.78
C TRP C 64 29.15 18.56 -18.78
N LYS C 65 28.82 17.31 -19.01
CA LYS C 65 27.71 16.97 -19.89
C LYS C 65 26.91 15.81 -19.34
N ASN C 66 26.84 15.68 -18.02
CA ASN C 66 26.15 14.57 -17.41
C ASN C 66 24.64 14.68 -17.64
N ASN C 67 23.93 13.61 -17.32
CA ASN C 67 22.49 13.59 -17.50
C ASN C 67 21.76 13.05 -16.28
N MET C 68 22.45 12.84 -15.17
CA MET C 68 21.76 12.64 -13.90
C MET C 68 21.41 13.96 -13.26
N VAL C 69 22.15 15.02 -13.58
CA VAL C 69 22.01 16.32 -12.95
C VAL C 69 20.57 16.79 -13.04
N GLU C 70 20.07 16.96 -14.26
CA GLU C 70 18.70 17.41 -14.48
C GLU C 70 17.72 16.60 -13.65
N GLN C 71 17.95 15.29 -13.57
CA GLN C 71 17.07 14.42 -12.82
C GLN C 71 17.06 14.76 -11.34
N MET C 72 18.05 15.49 -10.86
CA MET C 72 18.03 16.01 -9.50
C MET C 72 17.59 17.45 -9.43
N HIS C 73 18.02 18.25 -10.39
CA HIS C 73 17.65 19.66 -10.47
C HIS C 73 16.18 19.85 -10.76
N THR C 74 15.44 18.78 -11.02
CA THR C 74 13.97 18.85 -11.08
C THR C 74 13.33 18.37 -9.80
N ASP C 75 13.85 17.31 -9.19
CA ASP C 75 13.31 16.84 -7.92
C ASP C 75 13.42 17.92 -6.85
N ILE C 76 14.54 18.65 -6.82
CA ILE C 76 14.70 19.67 -5.79
C ILE C 76 13.68 20.79 -5.98
N ILE C 77 13.49 21.23 -7.23
CA ILE C 77 12.48 22.25 -7.52
C ILE C 77 11.12 21.79 -7.05
N SER C 78 10.76 20.55 -7.38
CA SER C 78 9.46 20.07 -6.94
C SER C 78 9.39 19.87 -5.44
N LEU C 79 10.54 19.83 -4.75
CA LEU C 79 10.51 19.80 -3.30
C LEU C 79 10.22 21.18 -2.74
N TRP C 80 10.92 22.19 -3.23
CA TRP C 80 10.70 23.54 -2.72
C TRP C 80 9.29 24.03 -3.02
N ASP C 81 8.85 23.89 -4.27
CA ASP C 81 7.54 24.42 -4.66
C ASP C 81 6.40 23.84 -3.87
N GLN C 82 6.59 22.69 -3.21
CA GLN C 82 5.59 22.15 -2.32
C GLN C 82 5.90 22.45 -0.86
N SER C 83 6.97 23.18 -0.58
CA SER C 83 7.45 23.38 0.78
C SER C 83 7.35 24.83 1.24
N LEU C 84 8.03 25.75 0.56
CA LEU C 84 8.07 27.14 0.99
C LEU C 84 7.03 27.91 0.19
N LYS C 85 5.82 27.96 0.72
CA LYS C 85 4.80 28.73 0.06
C LYS C 85 4.98 30.21 0.39
N PRO C 86 5.26 31.05 -0.60
CA PRO C 86 5.38 32.48 -0.34
C PRO C 86 4.03 33.12 -0.13
N CYS C 87 4.06 34.42 0.17
CA CYS C 87 2.84 35.20 0.33
C CYS C 87 2.52 35.97 -0.94
N VAL C 88 3.53 36.40 -1.69
CA VAL C 88 3.33 36.97 -3.01
C VAL C 88 4.35 36.35 -3.95
N LYS C 89 3.88 35.60 -4.93
CA LYS C 89 4.74 34.89 -5.87
C LYS C 89 4.64 35.60 -7.21
N LEU C 90 5.44 36.64 -7.37
CA LEU C 90 5.41 37.45 -8.58
C LEU C 90 6.20 36.72 -9.67
N THR C 91 5.56 36.42 -10.79
CA THR C 91 6.16 35.62 -11.85
C THR C 91 6.00 36.31 -13.19
N PRO C 92 6.98 37.12 -13.61
CA PRO C 92 6.87 37.80 -14.90
C PRO C 92 7.07 36.84 -16.07
N LEU C 93 6.09 36.80 -16.96
CA LEU C 93 6.30 36.13 -18.25
C LEU C 93 7.00 37.08 -19.22
N CYS C 94 6.32 38.17 -19.59
CA CYS C 94 6.88 39.28 -20.37
C CYS C 94 7.71 38.83 -21.56
N VAL C 95 7.27 37.80 -22.26
CA VAL C 95 7.96 37.32 -23.44
C VAL C 95 7.45 38.06 -24.66
N ASN C 163 5.91 45.43 -22.85
CA ASN C 163 5.45 45.67 -21.50
C ASN C 163 5.11 44.36 -20.81
N CYS C 164 5.43 44.26 -19.53
CA CYS C 164 5.36 42.99 -18.83
C CYS C 164 3.96 42.78 -18.24
N ASN C 165 3.44 41.56 -18.40
CA ASN C 165 2.20 41.16 -17.74
C ASN C 165 2.57 40.31 -16.52
N THR C 166 3.00 41.00 -15.48
CA THR C 166 3.50 40.35 -14.26
C THR C 166 2.33 39.94 -13.38
N SER C 167 1.95 38.67 -13.45
CA SER C 167 0.88 38.17 -12.61
C SER C 167 1.34 38.08 -11.15
N ALA C 168 0.43 37.71 -10.26
CA ALA C 168 0.76 37.63 -8.85
C ALA C 168 -0.27 36.75 -8.14
N ILE C 169 0.18 35.62 -7.59
CA ILE C 169 -0.68 34.75 -6.82
C ILE C 169 -0.35 34.93 -5.34
N THR C 170 -1.39 34.88 -4.51
CA THR C 170 -1.23 35.04 -3.07
C THR C 170 -1.86 33.86 -2.36
N GLN C 171 -1.21 33.41 -1.28
CA GLN C 171 -1.65 32.21 -0.58
C GLN C 171 -1.59 32.40 0.92
N ALA C 172 -1.89 31.35 1.67
CA ALA C 172 -1.68 31.32 3.12
C ALA C 172 -0.27 30.82 3.36
N CYS C 173 0.60 31.69 3.90
CA CYS C 173 2.02 31.39 4.00
C CYS C 173 2.44 31.27 5.46
N PRO C 174 2.42 30.07 6.03
CA PRO C 174 2.84 29.90 7.43
C PRO C 174 4.33 29.60 7.53
N LYS C 175 4.83 29.64 8.77
CA LYS C 175 6.23 29.35 9.07
C LYS C 175 6.40 27.88 9.39
N VAL C 176 7.54 27.33 8.99
CA VAL C 176 7.79 25.89 9.06
C VAL C 176 9.26 25.63 9.40
N SER C 177 9.53 24.39 9.77
CA SER C 177 10.89 23.94 10.02
C SER C 177 11.52 23.49 8.71
N PHE C 178 12.86 23.57 8.65
CA PHE C 178 13.54 23.31 7.39
C PHE C 178 14.98 22.88 7.68
N GLU C 179 15.23 21.57 7.59
CA GLU C 179 16.58 21.04 7.62
C GLU C 179 16.65 19.86 6.66
N PRO C 180 17.69 19.79 5.84
CA PRO C 180 17.73 18.78 4.77
C PRO C 180 18.42 17.48 5.19
N ILE C 181 17.84 16.37 4.70
CA ILE C 181 18.38 15.00 4.99
C ILE C 181 19.01 14.45 3.71
N PRO C 182 19.98 13.51 3.78
CA PRO C 182 20.63 12.96 2.59
C PRO C 182 19.67 12.16 1.70
N ILE C 183 19.83 12.29 0.38
CA ILE C 183 18.95 11.57 -0.60
C ILE C 183 19.83 10.68 -1.49
N HIS C 184 19.42 9.42 -1.66
CA HIS C 184 20.15 8.45 -2.47
C HIS C 184 19.39 8.20 -3.76
N TYR C 185 20.07 8.36 -4.89
CA TYR C 185 19.51 8.00 -6.19
C TYR C 185 19.91 6.57 -6.53
N CYS C 186 18.94 5.79 -7.00
CA CYS C 186 19.19 4.42 -7.39
C CYS C 186 18.88 4.24 -8.87
N ALA C 187 19.35 3.12 -9.43
CA ALA C 187 19.20 2.77 -10.83
C ALA C 187 18.02 1.82 -11.02
N PRO C 188 17.24 1.96 -12.08
CA PRO C 188 16.05 1.12 -12.24
C PRO C 188 16.42 -0.28 -12.65
N ALA C 189 15.43 -1.11 -12.95
CA ALA C 189 15.68 -2.51 -13.28
C ALA C 189 16.16 -2.62 -14.71
N GLY C 190 17.48 -2.74 -14.90
CA GLY C 190 18.03 -2.94 -16.22
C GLY C 190 19.15 -2.00 -16.61
N PHE C 191 19.71 -1.28 -15.65
CA PHE C 191 20.84 -0.40 -15.89
C PHE C 191 21.76 -0.43 -14.68
N ALA C 192 23.01 -0.07 -14.91
CA ALA C 192 24.04 -0.10 -13.87
C ALA C 192 24.44 1.33 -13.53
N ILE C 193 25.44 1.47 -12.66
CA ILE C 193 25.98 2.78 -12.28
C ILE C 193 27.46 2.61 -12.00
N LEU C 194 28.30 3.41 -12.65
CA LEU C 194 29.75 3.22 -12.64
C LEU C 194 30.44 4.31 -11.84
N LYS C 195 30.86 4.00 -10.62
CA LYS C 195 31.64 4.95 -9.82
C LYS C 195 33.00 5.17 -10.46
N CYS C 196 33.82 6.07 -9.88
CA CYS C 196 35.21 6.28 -10.32
C CYS C 196 36.05 6.42 -9.05
N LYS C 197 36.55 5.30 -8.56
CA LYS C 197 37.19 5.26 -7.24
C LYS C 197 38.56 5.91 -7.22
N ASP C 198 38.98 6.58 -8.28
CA ASP C 198 40.27 7.26 -8.29
C ASP C 198 40.25 8.41 -7.30
N LYS C 199 41.39 9.09 -7.16
CA LYS C 199 41.50 10.25 -6.29
C LYS C 199 42.13 11.44 -6.98
N LYS C 200 42.31 11.39 -8.30
CA LYS C 200 42.94 12.49 -9.01
C LYS C 200 42.18 12.89 -10.26
N PHE C 201 40.93 12.41 -10.40
CA PHE C 201 40.10 12.76 -11.57
C PHE C 201 39.97 14.28 -11.64
N ASN C 202 40.65 14.91 -12.60
CA ASN C 202 40.61 16.39 -12.74
C ASN C 202 39.17 16.81 -13.07
N GLY C 203 38.48 16.05 -13.92
CA GLY C 203 37.09 16.32 -14.29
C GLY C 203 36.74 15.76 -15.66
N THR C 204 37.73 15.65 -16.56
CA THR C 204 37.49 15.11 -17.89
C THR C 204 38.62 14.17 -18.27
N GLY C 205 38.27 13.00 -18.78
CA GLY C 205 39.26 12.04 -19.22
C GLY C 205 39.04 10.66 -18.66
N PRO C 206 39.93 9.73 -18.99
CA PRO C 206 39.77 8.34 -18.53
C PRO C 206 39.94 8.21 -17.03
N CYS C 207 39.15 7.33 -16.44
CA CYS C 207 39.29 7.00 -15.02
C CYS C 207 39.82 5.58 -14.90
N PRO C 208 41.05 5.38 -14.46
CA PRO C 208 41.66 4.05 -14.56
C PRO C 208 41.19 3.07 -13.50
N SER C 209 40.11 3.39 -12.80
CA SER C 209 39.54 2.46 -11.84
C SER C 209 38.04 2.67 -11.78
N VAL C 210 37.29 1.60 -11.95
CA VAL C 210 35.84 1.68 -12.13
C VAL C 210 35.18 0.51 -11.42
N SER C 211 34.14 0.79 -10.65
CA SER C 211 33.32 -0.22 -10.01
C SER C 211 31.89 -0.12 -10.52
N THR C 212 31.01 -0.93 -9.95
CA THR C 212 29.57 -0.78 -10.20
C THR C 212 28.85 -0.79 -8.85
N VAL C 213 27.62 -0.26 -8.87
CA VAL C 213 26.84 -0.10 -7.65
C VAL C 213 25.42 0.21 -8.07
N GLN C 214 24.45 -0.12 -7.22
CA GLN C 214 23.07 0.19 -7.55
C GLN C 214 22.70 1.62 -7.12
N CYS C 215 22.82 1.92 -5.84
CA CYS C 215 22.44 3.23 -5.32
C CYS C 215 23.67 4.07 -5.02
N THR C 216 23.57 5.37 -5.26
CA THR C 216 24.68 6.28 -5.04
C THR C 216 24.79 6.66 -3.58
N HIS C 217 25.91 7.32 -3.23
CA HIS C 217 26.16 7.69 -1.85
C HIS C 217 25.21 8.80 -1.43
N GLY C 218 25.35 9.25 -0.18
CA GLY C 218 24.40 10.18 0.39
C GLY C 218 24.54 11.61 -0.07
N ILE C 219 23.62 12.07 -0.92
CA ILE C 219 23.60 13.44 -1.38
C ILE C 219 22.68 14.27 -0.51
N LYS C 220 23.10 15.50 -0.19
CA LYS C 220 22.30 16.42 0.59
C LYS C 220 21.75 17.57 -0.23
N PRO C 221 20.45 17.74 -0.31
CA PRO C 221 19.85 18.79 -1.13
C PRO C 221 20.05 20.16 -0.50
N VAL C 222 21.27 20.69 -0.64
CA VAL C 222 21.62 21.98 -0.08
C VAL C 222 21.61 23.01 -1.21
N VAL C 223 21.38 24.27 -0.86
CA VAL C 223 21.38 25.37 -1.81
C VAL C 223 22.08 26.57 -1.18
N SER C 224 22.99 27.18 -1.94
CA SER C 224 23.77 28.28 -1.39
C SER C 224 24.29 29.12 -2.56
N THR C 225 25.25 29.99 -2.28
CA THR C 225 25.94 30.68 -3.36
C THR C 225 27.29 31.16 -2.85
N GLN C 226 28.28 31.09 -3.74
CA GLN C 226 29.64 31.56 -3.50
C GLN C 226 30.38 30.73 -2.46
N LEU C 227 29.68 29.82 -1.80
CA LEU C 227 30.30 28.95 -0.80
C LEU C 227 29.39 27.75 -0.60
N LEU C 228 29.82 26.58 -1.04
CA LEU C 228 29.05 25.38 -0.76
C LEU C 228 29.05 25.12 0.73
N LEU C 229 28.02 24.39 1.18
CA LEU C 229 27.86 24.05 2.63
C LEU C 229 27.65 22.54 2.78
N ASN C 230 28.23 21.93 3.81
CA ASN C 230 28.14 20.46 4.03
C ASN C 230 28.62 19.74 2.76
N GLY C 231 29.78 20.16 2.23
CA GLY C 231 30.34 19.56 1.01
C GLY C 231 31.22 18.36 1.32
N SER C 232 30.97 17.26 0.62
CA SER C 232 31.74 16.02 0.76
C SER C 232 33.15 16.24 0.25
N LEU C 233 34.13 15.73 0.98
CA LEU C 233 35.52 16.13 0.83
C LEU C 233 36.29 15.16 -0.06
N ALA C 234 37.44 15.65 -0.55
CA ALA C 234 38.39 14.83 -1.29
C ALA C 234 39.35 14.15 -0.30
N GLU C 235 40.42 13.55 -0.81
CA GLU C 235 41.35 12.86 0.07
C GLU C 235 42.78 13.40 0.01
N GLU C 236 43.34 13.57 -1.18
CA GLU C 236 44.76 13.85 -1.29
C GLU C 236 45.07 15.34 -1.25
N GLU C 237 44.40 16.14 -2.08
CA GLU C 237 44.75 17.54 -2.20
C GLU C 237 43.51 18.42 -2.34
N VAL C 238 43.72 19.67 -2.72
CA VAL C 238 42.64 20.62 -3.01
C VAL C 238 42.67 20.85 -4.52
N MET C 239 41.79 20.18 -5.24
CA MET C 239 41.86 20.19 -6.69
C MET C 239 41.08 21.35 -7.29
N ILE C 240 41.17 21.47 -8.61
CA ILE C 240 40.59 22.57 -9.36
C ILE C 240 39.97 22.00 -10.62
N ARG C 241 38.65 21.96 -10.68
CA ARG C 241 37.93 21.41 -11.82
C ARG C 241 37.32 22.55 -12.62
N SER C 242 37.77 22.72 -13.85
CA SER C 242 37.28 23.77 -14.73
C SER C 242 36.76 23.18 -16.03
N GLU C 243 35.73 23.86 -16.58
CA GLU C 243 35.10 23.46 -17.86
C GLU C 243 36.22 23.28 -18.91
N ASN C 244 36.98 24.34 -19.18
CA ASN C 244 38.14 24.21 -20.11
C ASN C 244 39.41 24.77 -19.47
N ILE C 245 39.29 25.93 -18.78
CA ILE C 245 40.29 26.83 -18.11
C ILE C 245 40.78 27.87 -19.12
N THR C 246 41.36 29.02 -18.72
CA THR C 246 41.78 30.05 -19.66
C THR C 246 40.68 30.33 -20.69
N ASN C 247 39.50 30.63 -20.15
CA ASN C 247 38.40 31.11 -20.98
C ASN C 247 37.60 32.24 -20.33
N ASN C 248 37.96 32.66 -19.13
CA ASN C 248 37.41 33.86 -18.48
C ASN C 248 35.90 33.82 -18.34
N ALA C 249 35.26 32.69 -18.63
CA ALA C 249 33.81 32.65 -18.65
C ALA C 249 33.23 31.38 -18.04
N LYS C 250 34.00 30.63 -17.27
CA LYS C 250 33.51 29.38 -16.70
C LYS C 250 33.90 29.30 -15.23
N ASN C 251 33.02 28.70 -14.45
CA ASN C 251 33.16 28.69 -13.00
C ASN C 251 34.20 27.67 -12.57
N ILE C 252 35.20 28.14 -11.82
CA ILE C 252 36.08 27.23 -11.11
C ILE C 252 35.26 26.48 -10.07
N LEU C 253 35.70 25.28 -9.75
CA LEU C 253 35.14 24.53 -8.63
C LEU C 253 36.28 23.95 -7.80
N VAL C 254 36.17 24.08 -6.49
CA VAL C 254 37.24 23.71 -5.57
C VAL C 254 36.71 22.62 -4.65
N GLN C 255 37.57 22.09 -3.79
CA GLN C 255 37.17 21.16 -2.75
C GLN C 255 38.17 21.29 -1.61
N PHE C 256 37.83 20.72 -0.46
CA PHE C 256 38.67 20.84 0.73
C PHE C 256 38.94 19.47 1.31
N ASN C 257 40.21 19.23 1.67
CA ASN C 257 40.52 18.04 2.45
C ASN C 257 40.09 18.16 3.89
N THR C 258 39.77 19.38 4.35
CA THR C 258 39.42 19.63 5.72
C THR C 258 38.25 20.59 5.81
N PRO C 259 37.32 20.36 6.71
CA PRO C 259 36.17 21.26 6.83
C PRO C 259 36.45 22.48 7.69
N VAL C 260 36.35 23.67 7.10
CA VAL C 260 36.48 24.90 7.87
C VAL C 260 35.15 25.21 8.52
N GLN C 261 34.93 24.71 9.73
CA GLN C 261 33.63 24.83 10.38
C GLN C 261 33.20 26.29 10.48
N ILE C 262 31.92 26.56 10.21
CA ILE C 262 31.40 27.96 10.26
C ILE C 262 30.22 28.06 11.23
N ASN C 263 30.23 29.10 12.07
CA ASN C 263 29.17 29.37 13.08
C ASN C 263 28.56 30.74 12.80
N CYS C 264 27.24 30.80 12.61
CA CYS C 264 26.54 32.09 12.36
C CYS C 264 25.09 31.97 12.84
N THR C 265 24.62 32.93 13.64
CA THR C 265 23.26 32.89 14.15
C THR C 265 22.84 34.30 14.52
N ARG C 266 21.55 34.47 14.78
CA ARG C 266 21.02 35.74 15.25
C ARG C 266 20.65 35.59 16.72
N PRO C 267 21.22 36.39 17.61
CA PRO C 267 20.98 36.22 19.04
C PRO C 267 19.65 36.85 19.42
N ASN C 268 19.36 36.81 20.72
CA ASN C 268 18.13 37.38 21.23
C ASN C 268 18.36 38.77 21.79
N ILE C 293 15.56 45.35 14.88
CA ILE C 293 16.87 44.72 14.77
C ILE C 293 16.75 43.32 14.19
N ARG C 294 16.99 43.23 12.88
CA ARG C 294 17.04 41.96 12.15
C ARG C 294 18.41 41.89 11.50
N GLN C 295 19.40 41.41 12.25
CA GLN C 295 20.74 41.25 11.74
C GLN C 295 21.47 40.22 12.58
N ALA C 296 22.61 39.76 12.04
CA ALA C 296 23.39 38.74 12.72
C ALA C 296 24.83 38.85 12.27
N HIS C 297 25.70 38.10 12.96
CA HIS C 297 27.13 38.09 12.72
C HIS C 297 27.54 36.70 12.28
N CYS C 298 28.39 36.63 11.25
CA CYS C 298 28.90 35.31 10.77
C CYS C 298 30.37 35.21 11.19
N ASN C 299 30.70 34.17 11.98
CA ASN C 299 32.09 34.00 12.50
C ASN C 299 32.69 32.69 11.96
N VAL C 300 33.86 32.80 11.30
CA VAL C 300 34.61 31.62 10.79
C VAL C 300 35.95 31.60 11.52
N SER C 301 36.31 30.48 12.14
CA SER C 301 37.55 30.43 12.90
C SER C 301 38.72 30.96 12.07
N LYS C 302 39.37 31.99 12.60
CA LYS C 302 40.50 32.60 11.91
C LYS C 302 41.71 31.67 11.97
N ALA C 303 42.71 32.01 11.16
CA ALA C 303 43.99 31.30 11.09
C ALA C 303 43.84 29.91 10.50
N THR C 304 42.60 29.47 10.28
CA THR C 304 42.36 28.32 9.41
C THR C 304 42.15 28.78 7.99
N TRP C 305 41.28 29.78 7.83
CA TRP C 305 40.98 30.37 6.49
C TRP C 305 42.31 30.78 5.83
N ASN C 306 43.20 31.36 6.63
CA ASN C 306 44.54 31.81 6.14
C ASN C 306 45.34 30.58 5.69
N GLU C 307 45.29 29.49 6.47
CA GLU C 307 46.07 28.27 6.12
C GLU C 307 45.33 27.43 5.07
N THR C 308 44.00 27.55 4.99
CA THR C 308 43.27 26.83 3.96
C THR C 308 43.08 27.65 2.70
N LEU C 309 43.49 28.92 2.74
CA LEU C 309 43.76 29.69 1.54
C LEU C 309 45.22 29.63 1.15
N GLY C 310 46.03 28.89 1.90
CA GLY C 310 47.42 28.65 1.55
C GLY C 310 47.59 27.35 0.79
N LYS C 311 46.80 26.35 1.15
CA LYS C 311 46.77 25.12 0.37
C LYS C 311 46.34 25.42 -1.06
N VAL C 312 45.16 26.01 -1.24
CA VAL C 312 44.58 26.17 -2.56
C VAL C 312 45.42 27.10 -3.42
N VAL C 313 46.00 28.15 -2.81
CA VAL C 313 46.75 29.11 -3.60
C VAL C 313 47.92 28.44 -4.31
N LYS C 314 48.37 27.28 -3.82
CA LYS C 314 49.44 26.56 -4.50
C LYS C 314 48.97 25.99 -5.82
N GLN C 315 47.89 25.20 -5.79
CA GLN C 315 47.40 24.51 -6.99
C GLN C 315 47.07 25.47 -8.13
N LEU C 316 46.74 26.73 -7.83
CA LEU C 316 46.52 27.69 -8.89
C LEU C 316 47.80 27.92 -9.69
N ARG C 317 48.90 28.22 -8.99
CA ARG C 317 50.18 28.40 -9.66
C ARG C 317 50.69 27.12 -10.31
N LYS C 318 50.05 25.98 -10.07
CA LYS C 318 50.41 24.77 -10.81
C LYS C 318 50.03 24.89 -12.28
N HIS C 319 49.26 25.90 -12.65
CA HIS C 319 48.83 26.12 -14.03
C HIS C 319 49.30 27.46 -14.57
N PHE C 320 50.18 28.15 -13.83
CA PHE C 320 50.66 29.47 -14.23
C PHE C 320 52.12 29.60 -13.78
N GLY C 321 52.87 30.41 -14.51
CA GLY C 321 54.32 30.32 -14.46
C GLY C 321 55.03 30.79 -13.21
N ASN C 322 54.68 30.22 -12.05
CA ASN C 322 55.43 30.42 -10.80
C ASN C 322 55.57 31.89 -10.43
N ASN C 323 54.77 32.74 -11.04
CA ASN C 323 54.86 34.18 -10.88
C ASN C 323 53.45 34.75 -11.06
N THR C 324 53.36 36.05 -11.34
CA THR C 324 52.09 36.73 -11.57
C THR C 324 51.17 36.57 -10.35
N ILE C 325 51.58 37.22 -9.27
CA ILE C 325 50.97 37.10 -7.95
C ILE C 325 49.45 37.10 -8.03
N ILE C 326 48.83 36.22 -7.26
CA ILE C 326 47.38 36.03 -7.29
C ILE C 326 46.81 36.43 -5.93
N ARG C 327 45.57 36.90 -5.95
CA ARG C 327 44.93 37.39 -4.74
C ARG C 327 43.43 37.11 -4.84
N PHE C 328 42.66 37.72 -3.94
CA PHE C 328 41.22 37.55 -3.90
C PHE C 328 40.58 38.89 -3.61
N ALA C 329 39.66 39.31 -4.47
CA ALA C 329 39.11 40.65 -4.45
C ALA C 329 37.64 40.63 -4.09
N ASN C 330 37.10 41.83 -3.86
CA ASN C 330 35.68 42.02 -3.63
C ASN C 330 34.88 41.59 -4.86
N SER C 331 33.60 41.34 -4.65
CA SER C 331 32.71 41.03 -5.77
C SER C 331 32.75 42.15 -6.81
N SER C 332 32.50 41.77 -8.06
CA SER C 332 32.48 42.77 -9.13
C SER C 332 31.19 43.58 -9.11
N GLY C 333 30.14 43.04 -8.51
CA GLY C 333 28.89 43.77 -8.41
C GLY C 333 27.81 43.22 -9.31
N GLY C 334 26.57 43.29 -8.86
CA GLY C 334 25.45 42.78 -9.64
C GLY C 334 24.19 42.74 -8.81
N ASP C 335 23.32 41.80 -9.15
CA ASP C 335 22.14 41.56 -8.33
C ASP C 335 22.57 41.22 -6.91
N LEU C 336 21.66 41.42 -5.96
CA LEU C 336 22.03 41.31 -4.55
C LEU C 336 22.44 39.88 -4.20
N GLU C 337 21.82 38.88 -4.82
CA GLU C 337 22.06 37.50 -4.42
C GLU C 337 23.47 37.07 -4.76
N VAL C 338 24.04 37.62 -5.83
CA VAL C 338 25.36 37.15 -6.27
C VAL C 338 26.45 37.70 -5.38
N THR C 339 26.44 39.01 -5.13
CA THR C 339 27.54 39.65 -4.41
C THR C 339 27.34 39.48 -2.90
N THR C 340 27.13 38.23 -2.50
CA THR C 340 26.94 37.91 -1.09
C THR C 340 27.12 36.42 -0.87
N HIS C 341 26.82 35.93 0.33
CA HIS C 341 26.72 34.51 0.63
C HIS C 341 25.33 34.31 1.22
N SER C 342 24.38 33.87 0.42
CA SER C 342 23.03 33.66 0.87
C SER C 342 22.74 32.17 1.01
N PHE C 343 21.79 31.85 1.85
CA PHE C 343 21.35 30.47 2.05
C PHE C 343 20.04 30.50 2.83
N ASN C 344 19.60 29.34 3.26
CA ASN C 344 18.47 29.21 4.17
C ASN C 344 18.98 28.59 5.47
N CYS C 345 18.32 28.92 6.57
CA CYS C 345 18.71 28.39 7.88
C CYS C 345 17.51 28.49 8.81
N GLY C 346 16.89 27.36 9.12
CA GLY C 346 15.79 27.33 10.06
C GLY C 346 14.51 27.98 9.61
N GLY C 347 14.52 28.73 8.51
CA GLY C 347 13.31 29.40 8.06
C GLY C 347 13.51 30.86 7.69
N GLU C 348 14.75 31.31 7.60
CA GLU C 348 15.07 32.67 7.22
C GLU C 348 16.09 32.62 6.08
N PHE C 349 16.44 33.79 5.55
CA PHE C 349 17.30 33.89 4.36
C PHE C 349 18.46 34.82 4.68
N PHE C 350 19.52 34.27 5.26
CA PHE C 350 20.63 35.10 5.72
C PHE C 350 21.43 35.64 4.54
N TYR C 351 22.18 36.71 4.80
CA TYR C 351 23.10 37.31 3.81
C TYR C 351 24.36 37.74 4.56
N CYS C 352 25.36 36.86 4.61
CA CYS C 352 26.59 37.18 5.31
C CYS C 352 27.54 37.86 4.33
N ASN C 353 27.87 39.12 4.61
CA ASN C 353 28.72 39.93 3.74
C ASN C 353 30.14 39.42 3.79
N THR C 354 30.51 38.54 2.86
CA THR C 354 31.82 37.92 2.88
C THR C 354 32.85 38.73 2.12
N SER C 355 32.95 40.02 2.43
CA SER C 355 33.98 40.85 1.84
C SER C 355 35.28 40.83 2.63
N GLY C 356 35.26 40.26 3.83
CA GLY C 356 36.45 40.21 4.65
C GLY C 356 37.29 38.97 4.50
N LEU C 357 36.80 37.97 3.78
CA LEU C 357 37.54 36.73 3.60
C LEU C 357 38.40 36.72 2.35
N PHE C 358 38.16 37.65 1.42
CA PHE C 358 38.98 37.61 0.18
C PHE C 358 39.66 38.96 -0.09
N ASN C 359 40.64 39.31 0.76
CA ASN C 359 41.43 40.55 0.59
C ASN C 359 42.93 40.22 0.56
N SER C 360 43.27 38.93 0.74
CA SER C 360 44.68 38.44 0.80
C SER C 360 45.38 38.54 -0.57
N THR C 361 46.69 38.84 -0.55
CA THR C 361 47.51 38.92 -1.75
C THR C 361 48.78 38.15 -1.48
N TRP C 362 49.16 37.25 -2.41
CA TRP C 362 50.23 36.30 -2.16
C TRP C 362 51.30 36.45 -3.24
N ILE C 363 52.49 36.88 -2.83
CA ILE C 363 53.62 36.96 -3.72
C ILE C 363 54.35 35.63 -3.72
N SER C 364 55.22 35.44 -4.72
CA SER C 364 55.99 34.21 -4.84
C SER C 364 57.02 34.10 -3.72
N ASP C 378 41.95 35.83 16.38
CA ASP C 378 41.55 34.45 16.60
C ASP C 378 40.09 34.23 16.21
N SER C 379 39.54 35.20 15.49
CA SER C 379 38.16 35.10 15.00
C SER C 379 37.92 36.24 14.01
N ILE C 380 36.92 36.04 13.15
CA ILE C 380 36.54 37.04 12.17
C ILE C 380 35.02 36.92 11.96
N THR C 381 34.38 38.06 11.71
CA THR C 381 32.93 38.15 11.74
C THR C 381 32.39 38.81 10.49
N LEU C 382 31.15 38.45 10.13
CA LEU C 382 30.50 38.94 8.93
C LEU C 382 29.10 39.45 9.28
N PRO C 383 28.70 40.62 8.78
CA PRO C 383 27.43 41.21 9.18
C PRO C 383 26.21 40.61 8.48
N CYS C 384 25.65 39.55 9.04
CA CYS C 384 24.59 38.79 8.37
C CYS C 384 23.24 39.44 8.63
N ARG C 385 22.71 40.11 7.60
CA ARG C 385 21.38 40.68 7.62
C ARG C 385 20.38 39.71 6.99
N ILE C 386 19.19 39.64 7.57
CA ILE C 386 18.09 38.87 7.02
C ILE C 386 17.32 39.77 6.07
N LYS C 387 16.76 39.20 5.01
CA LYS C 387 15.93 39.92 4.06
C LYS C 387 14.58 39.25 3.95
N GLN C 388 13.68 39.86 3.17
CA GLN C 388 12.36 39.29 2.94
C GLN C 388 11.90 39.45 1.50
N ILE C 389 12.77 39.83 0.58
CA ILE C 389 12.43 39.98 -0.83
C ILE C 389 13.58 39.38 -1.63
N ILE C 390 13.36 38.20 -2.21
CA ILE C 390 14.42 37.44 -2.84
C ILE C 390 14.05 37.14 -4.29
N ASN C 391 15.08 36.96 -5.12
CA ASN C 391 14.90 36.54 -6.50
C ASN C 391 15.04 35.02 -6.55
N MET C 392 13.90 34.34 -6.55
CA MET C 392 13.90 32.88 -6.49
C MET C 392 14.80 32.28 -7.56
N TRP C 393 15.45 31.17 -7.20
CA TRP C 393 16.37 30.50 -8.11
C TRP C 393 15.70 29.52 -9.05
N GLN C 394 14.46 29.12 -8.76
CA GLN C 394 13.78 28.11 -9.56
C GLN C 394 13.39 28.62 -10.93
N ARG C 395 13.17 29.92 -11.06
CA ARG C 395 12.77 30.53 -12.32
C ARG C 395 13.04 32.03 -12.19
N ILE C 396 12.52 32.82 -13.10
CA ILE C 396 12.58 34.26 -13.00
C ILE C 396 11.37 34.74 -12.21
N GLY C 397 11.60 35.57 -11.22
CA GLY C 397 10.52 36.07 -10.40
C GLY C 397 11.03 36.58 -9.06
N GLN C 398 10.08 36.89 -8.19
CA GLN C 398 10.38 37.37 -6.84
C GLN C 398 9.35 36.80 -5.88
N ALA C 399 9.71 36.78 -4.60
CA ALA C 399 8.82 36.28 -3.56
C ALA C 399 8.76 37.29 -2.43
N MET C 400 7.89 37.02 -1.44
CA MET C 400 7.79 37.89 -0.27
C MET C 400 7.22 37.06 0.87
N TYR C 401 8.08 36.63 1.78
CA TYR C 401 7.65 35.77 2.88
C TYR C 401 7.33 36.60 4.10
N ALA C 402 7.06 35.94 5.21
CA ALA C 402 6.67 36.56 6.47
C ALA C 402 7.84 37.30 7.09
N PRO C 403 7.64 38.03 8.19
CA PRO C 403 8.79 38.52 8.96
C PRO C 403 9.25 37.46 9.93
N PRO C 404 10.52 37.51 10.35
CA PRO C 404 11.14 36.35 11.01
C PRO C 404 10.49 35.99 12.33
N ILE C 405 10.92 34.83 12.85
CA ILE C 405 10.40 34.26 14.09
C ILE C 405 11.09 34.93 15.27
N GLN C 406 10.57 34.69 16.48
CA GLN C 406 10.97 35.47 17.65
C GLN C 406 12.34 35.06 18.19
N GLY C 407 12.49 33.80 18.60
CA GLY C 407 13.61 33.40 19.42
C GLY C 407 14.96 33.33 18.72
N VAL C 408 15.86 32.53 19.27
CA VAL C 408 17.21 32.39 18.72
C VAL C 408 17.21 31.24 17.73
N ILE C 409 17.89 31.45 16.60
CA ILE C 409 17.99 30.46 15.54
C ILE C 409 19.45 30.33 15.15
N ARG C 410 19.93 29.09 15.08
CA ARG C 410 21.35 28.81 14.91
C ARG C 410 21.56 27.76 13.83
N CYS C 411 22.70 27.86 13.14
CA CYS C 411 23.08 26.90 12.06
C CYS C 411 24.62 26.80 11.98
N VAL C 412 25.16 25.59 12.01
CA VAL C 412 26.63 25.36 11.88
C VAL C 412 26.87 24.19 10.92
N SER C 413 27.59 24.42 9.83
CA SER C 413 27.92 23.33 8.87
C SER C 413 29.23 23.61 8.16
N ASN C 414 30.04 22.56 7.98
CA ASN C 414 31.42 22.70 7.45
C ASN C 414 31.38 23.18 5.98
N ILE C 415 32.25 24.13 5.63
CA ILE C 415 32.34 24.70 4.26
C ILE C 415 33.24 23.78 3.45
N THR C 416 32.82 23.35 2.26
CA THR C 416 33.64 22.39 1.51
C THR C 416 33.71 22.72 0.03
N GLY C 417 33.71 24.00 -0.34
CA GLY C 417 33.83 24.34 -1.74
C GLY C 417 33.69 25.83 -1.96
N LEU C 418 34.22 26.28 -3.10
CA LEU C 418 34.11 27.67 -3.52
C LEU C 418 33.75 27.72 -4.99
N ILE C 419 33.44 28.94 -5.45
CA ILE C 419 33.22 29.22 -6.85
C ILE C 419 33.88 30.56 -7.14
N LEU C 420 34.71 30.60 -8.19
CA LEU C 420 35.53 31.78 -8.45
C LEU C 420 35.28 32.23 -9.88
N THR C 421 36.08 33.18 -10.35
CA THR C 421 36.01 33.70 -11.71
C THR C 421 37.25 34.55 -11.96
N ARG C 422 37.77 34.46 -13.18
CA ARG C 422 39.00 35.17 -13.54
C ARG C 422 38.68 36.60 -14.00
N ASP C 423 39.69 37.27 -14.54
CA ASP C 423 39.54 38.56 -15.20
C ASP C 423 40.43 38.58 -16.43
N GLY C 424 39.88 39.04 -17.56
CA GLY C 424 40.66 39.11 -18.78
C GLY C 424 41.84 40.04 -18.65
N GLY C 425 43.04 39.48 -18.61
CA GLY C 425 44.25 40.27 -18.41
C GLY C 425 45.05 40.48 -19.67
N SER C 426 46.30 40.06 -19.67
CA SER C 426 47.17 40.20 -20.84
C SER C 426 47.10 38.97 -21.72
N THR C 430 52.82 40.20 -15.31
CA THR C 430 51.43 40.58 -15.04
C THR C 430 50.95 40.00 -13.70
N THR C 431 49.65 39.81 -13.58
CA THR C 431 49.06 39.28 -12.36
C THR C 431 47.64 38.81 -12.67
N GLU C 432 47.03 38.15 -11.69
CA GLU C 432 45.68 37.65 -11.83
C GLU C 432 44.92 37.84 -10.52
N THR C 433 43.60 37.99 -10.64
CA THR C 433 42.72 38.17 -9.49
C THR C 433 41.50 37.28 -9.66
N PHE C 434 40.99 36.76 -8.52
CA PHE C 434 39.91 35.78 -8.53
C PHE C 434 38.76 36.30 -7.68
N ARG C 435 37.91 37.11 -8.27
CA ARG C 435 36.77 37.62 -7.55
C ARG C 435 35.68 36.56 -7.49
N PRO C 436 35.14 36.28 -6.31
CA PRO C 436 34.15 35.21 -6.17
C PRO C 436 32.85 35.55 -6.88
N GLY C 437 31.97 34.55 -6.94
CA GLY C 437 30.71 34.70 -7.64
C GLY C 437 29.90 33.42 -7.63
N GLY C 438 29.33 33.05 -8.78
CA GLY C 438 28.52 31.85 -8.86
C GLY C 438 27.05 32.15 -9.09
N GLY C 439 26.18 31.20 -8.78
CA GLY C 439 24.76 31.45 -8.89
C GLY C 439 23.98 30.41 -9.65
N ASP C 440 24.55 29.84 -10.70
CA ASP C 440 23.85 28.82 -11.48
C ASP C 440 23.74 27.58 -10.63
N MET C 441 22.57 27.35 -10.04
CA MET C 441 22.43 26.35 -9.00
C MET C 441 22.70 24.93 -9.50
N ARG C 442 22.94 24.77 -10.79
CA ARG C 442 23.40 23.48 -11.27
C ARG C 442 24.75 23.11 -10.71
N ASP C 443 25.64 24.10 -10.57
CA ASP C 443 26.98 23.83 -10.09
C ASP C 443 26.99 23.15 -8.74
N ASN C 444 25.99 23.39 -7.93
CA ASN C 444 26.03 22.77 -6.61
C ASN C 444 25.71 21.30 -6.64
N TRP C 445 25.65 20.63 -7.77
CA TRP C 445 25.53 19.18 -7.77
C TRP C 445 26.63 18.58 -8.64
N ARG C 446 27.10 19.35 -9.62
CA ARG C 446 28.24 18.93 -10.42
C ARG C 446 29.48 18.84 -9.54
N SER C 447 29.33 19.20 -8.27
CA SER C 447 30.37 18.98 -7.27
C SER C 447 29.99 17.85 -6.32
N GLU C 448 28.94 17.10 -6.62
CA GLU C 448 28.59 15.94 -5.81
C GLU C 448 28.24 14.71 -6.62
N LEU C 449 27.89 14.92 -7.89
CA LEU C 449 27.52 13.85 -8.85
C LEU C 449 28.60 13.80 -9.94
N TYR C 450 29.78 14.36 -9.65
CA TYR C 450 30.94 14.44 -10.58
C TYR C 450 31.57 13.08 -10.88
N LYS C 451 31.31 12.06 -10.04
CA LYS C 451 31.90 10.72 -10.25
C LYS C 451 30.79 9.67 -10.32
N TYR C 452 30.04 9.65 -11.42
CA TYR C 452 29.02 8.65 -11.67
C TYR C 452 28.65 8.64 -13.14
N LYS C 453 27.88 7.63 -13.52
CA LYS C 453 27.51 7.38 -14.91
C LYS C 453 26.49 6.26 -14.90
N VAL C 454 25.58 6.28 -15.87
CA VAL C 454 24.56 5.26 -15.98
C VAL C 454 24.62 4.67 -17.38
N VAL C 455 24.69 3.34 -17.47
CA VAL C 455 24.89 2.66 -18.73
C VAL C 455 23.97 1.45 -18.83
N LYS C 456 23.85 0.93 -20.04
CA LYS C 456 23.03 -0.23 -20.35
C LYS C 456 23.91 -1.32 -20.93
N ILE C 457 23.60 -2.56 -20.60
CA ILE C 457 24.38 -3.71 -21.05
C ILE C 457 23.67 -4.36 -22.23
N GLU C 458 24.43 -4.72 -23.26
CA GLU C 458 23.87 -5.21 -24.51
C GLU C 458 24.65 -6.41 -25.01
N PRO C 459 24.23 -7.60 -24.66
CA PRO C 459 24.98 -8.80 -25.05
C PRO C 459 24.66 -9.29 -26.45
N LEU C 460 25.27 -8.72 -27.48
CA LEU C 460 25.17 -9.28 -28.82
C LEU C 460 26.34 -8.78 -29.65
N GLY C 461 27.28 -9.66 -29.93
CA GLY C 461 28.53 -9.28 -30.56
C GLY C 461 28.76 -10.01 -31.87
N VAL C 462 29.38 -9.32 -32.82
CA VAL C 462 29.78 -9.92 -34.09
C VAL C 462 31.29 -9.82 -34.17
N ALA C 463 31.87 -10.56 -35.10
CA ALA C 463 33.31 -10.53 -35.31
C ALA C 463 33.64 -11.33 -36.58
N PRO C 464 34.69 -10.98 -37.27
CA PRO C 464 35.14 -11.77 -38.43
C PRO C 464 36.15 -12.84 -38.06
N THR C 465 35.90 -14.09 -38.49
CA THR C 465 36.82 -15.19 -38.31
C THR C 465 36.77 -16.07 -39.56
N ARG C 466 37.27 -17.30 -39.44
CA ARG C 466 37.33 -18.25 -40.54
C ARG C 466 36.38 -19.41 -40.25
N CYS C 467 35.15 -19.29 -40.73
CA CYS C 467 34.15 -20.34 -40.69
C CYS C 467 33.44 -20.44 -42.03
N LYS C 468 32.85 -21.60 -42.26
CA LYS C 468 31.88 -21.76 -43.34
C LYS C 468 30.79 -22.68 -42.83
N ARG C 469 29.55 -22.20 -42.84
CA ARG C 469 28.43 -22.92 -42.24
C ARG C 469 27.67 -23.64 -43.36
N ARG C 470 28.24 -24.76 -43.80
CA ARG C 470 27.60 -25.64 -44.77
C ARG C 470 27.22 -24.90 -46.04
N PHE D 8 23.07 -11.02 -13.32
CA PHE D 8 22.83 -10.30 -14.57
C PHE D 8 23.80 -9.14 -14.73
N LEU D 9 24.26 -8.56 -13.63
CA LEU D 9 25.25 -7.50 -13.66
C LEU D 9 26.66 -8.00 -13.34
N GLY D 10 26.80 -9.22 -12.83
CA GLY D 10 28.09 -9.83 -12.61
C GLY D 10 28.66 -10.58 -13.78
N PHE D 11 27.83 -10.81 -14.82
CA PHE D 11 28.35 -11.28 -16.09
C PHE D 11 29.56 -10.46 -16.54
N LEU D 12 29.59 -9.19 -16.18
CA LEU D 12 30.64 -8.26 -16.61
C LEU D 12 31.99 -8.55 -15.97
N GLY D 13 32.06 -9.44 -14.99
CA GLY D 13 33.29 -9.72 -14.27
C GLY D 13 34.51 -9.90 -15.14
N ALA D 14 34.30 -10.39 -16.37
CA ALA D 14 35.40 -10.64 -17.29
C ALA D 14 35.66 -9.49 -18.24
N ALA D 15 34.87 -8.41 -18.16
CA ALA D 15 35.13 -7.24 -18.99
C ALA D 15 36.50 -6.67 -18.65
N GLY D 16 37.25 -6.32 -19.69
CA GLY D 16 38.63 -5.89 -19.54
C GLY D 16 39.64 -6.94 -19.93
N SER D 17 39.29 -8.21 -19.84
CA SER D 17 40.11 -9.25 -20.46
C SER D 17 39.98 -9.16 -21.97
N THR D 18 40.95 -9.75 -22.66
CA THR D 18 41.02 -9.60 -24.11
C THR D 18 40.00 -10.52 -24.78
N MET D 19 40.09 -10.65 -26.10
CA MET D 19 39.09 -11.36 -26.88
C MET D 19 39.09 -12.86 -26.56
N GLY D 20 40.25 -13.50 -26.70
CA GLY D 20 40.30 -14.95 -26.56
C GLY D 20 39.88 -15.40 -25.17
N ALA D 21 40.41 -14.74 -24.13
CA ALA D 21 39.97 -15.04 -22.78
C ALA D 21 38.48 -14.83 -22.63
N ALA D 22 37.92 -13.84 -23.32
CA ALA D 22 36.47 -13.60 -23.26
C ALA D 22 35.71 -14.77 -23.87
N SER D 23 36.20 -15.32 -24.98
CA SER D 23 35.56 -16.49 -25.57
C SER D 23 35.59 -17.68 -24.61
N MET D 24 36.77 -17.95 -24.05
CA MET D 24 36.89 -19.06 -23.11
C MET D 24 35.94 -18.88 -21.94
N THR D 25 35.91 -17.69 -21.34
CA THR D 25 35.10 -17.50 -20.16
C THR D 25 33.61 -17.47 -20.49
N LEU D 26 33.23 -17.08 -21.71
CA LEU D 26 31.81 -17.16 -22.04
C LEU D 26 31.38 -18.61 -22.22
N THR D 27 32.23 -19.43 -22.84
CA THR D 27 31.93 -20.86 -22.87
C THR D 27 31.84 -21.44 -21.45
N VAL D 28 32.73 -21.02 -20.55
CA VAL D 28 32.68 -21.49 -19.17
C VAL D 28 31.37 -21.08 -18.52
N GLN D 29 31.10 -19.77 -18.47
CA GLN D 29 29.86 -19.27 -17.89
C GLN D 29 28.62 -19.83 -18.56
N ALA D 30 28.75 -20.38 -19.78
CA ALA D 30 27.69 -21.22 -20.31
C ALA D 30 27.64 -22.56 -19.59
N ARG D 31 28.82 -23.12 -19.32
CA ARG D 31 28.92 -24.35 -18.54
C ARG D 31 28.87 -24.11 -17.04
N ALA D 50 13.17 -3.61 14.54
CA ALA D 50 12.39 -2.42 14.25
C ALA D 50 11.43 -2.65 13.09
N GLN D 51 10.18 -2.23 13.27
CA GLN D 51 9.08 -2.63 12.40
C GLN D 51 9.27 -2.16 10.96
N GLN D 52 10.37 -1.46 10.69
CA GLN D 52 10.77 -1.23 9.31
C GLN D 52 11.48 -2.45 8.73
N HIS D 53 12.16 -3.23 9.57
CA HIS D 53 12.90 -4.39 9.09
C HIS D 53 11.98 -5.49 8.56
N LEU D 54 10.67 -5.28 8.68
CA LEU D 54 9.71 -6.11 7.97
C LEU D 54 9.21 -5.45 6.70
N LEU D 55 9.11 -4.13 6.69
CA LEU D 55 8.89 -3.41 5.45
C LEU D 55 10.13 -3.48 4.57
N LYS D 56 11.28 -3.09 5.12
CA LYS D 56 12.52 -2.95 4.36
C LYS D 56 12.91 -4.22 3.62
N LEU D 57 12.37 -5.36 4.03
CA LEU D 57 12.60 -6.62 3.32
C LEU D 57 11.41 -7.02 2.48
N THR D 58 10.57 -6.05 2.12
CA THR D 58 9.49 -6.26 1.16
C THR D 58 9.62 -5.37 -0.06
N VAL D 59 9.89 -4.07 0.15
CA VAL D 59 10.02 -3.15 -0.97
C VAL D 59 11.45 -3.21 -1.47
N TRP D 60 12.23 -4.15 -0.96
CA TRP D 60 13.51 -4.48 -1.56
C TRP D 60 13.61 -5.96 -1.87
N GLY D 61 12.48 -6.66 -1.84
CA GLY D 61 12.41 -7.98 -2.42
C GLY D 61 11.79 -7.87 -3.80
N ILE D 62 10.72 -7.10 -3.90
CA ILE D 62 10.07 -6.89 -5.19
C ILE D 62 11.01 -6.19 -6.15
N LYS D 63 11.87 -5.31 -5.64
CA LYS D 63 12.81 -4.65 -6.52
C LYS D 63 13.86 -5.61 -7.08
N GLN D 64 13.81 -6.89 -6.71
CA GLN D 64 14.63 -7.91 -7.35
C GLN D 64 13.86 -8.65 -8.44
N LEU D 65 12.69 -9.19 -8.10
CA LEU D 65 11.90 -9.93 -9.08
C LEU D 65 11.61 -9.09 -10.31
N GLN D 66 11.47 -7.78 -10.16
CA GLN D 66 11.29 -6.93 -11.32
C GLN D 66 12.55 -6.85 -12.17
N ALA D 67 13.66 -7.39 -11.71
CA ALA D 67 14.88 -7.46 -12.51
C ALA D 67 15.05 -8.80 -13.20
N ARG D 68 14.80 -9.90 -12.52
CA ARG D 68 14.92 -11.21 -13.13
C ARG D 68 13.85 -11.41 -14.20
N VAL D 69 12.59 -11.17 -13.85
CA VAL D 69 11.47 -11.43 -14.73
C VAL D 69 11.55 -10.51 -15.94
N LEU D 70 12.47 -9.56 -15.91
CA LEU D 70 12.83 -8.80 -17.09
C LEU D 70 14.01 -9.41 -17.83
N ALA D 71 15.00 -9.94 -17.11
CA ALA D 71 16.11 -10.59 -17.77
C ALA D 71 15.64 -11.79 -18.59
N VAL D 72 14.62 -12.49 -18.11
CA VAL D 72 14.10 -13.62 -18.86
C VAL D 72 13.50 -13.15 -20.18
N GLU D 73 12.75 -12.06 -20.15
CA GLU D 73 12.11 -11.59 -21.37
C GLU D 73 13.09 -10.84 -22.25
N ARG D 74 14.09 -10.18 -21.68
CA ARG D 74 15.16 -9.66 -22.50
C ARG D 74 15.96 -10.77 -23.16
N TYR D 75 15.75 -12.01 -22.75
CA TYR D 75 16.44 -13.17 -23.29
C TYR D 75 15.62 -13.84 -24.39
N LEU D 76 14.37 -14.19 -24.08
CA LEU D 76 13.51 -14.84 -25.07
C LEU D 76 13.45 -14.07 -26.38
N ARG D 77 13.64 -12.75 -26.35
CA ARG D 77 13.69 -12.01 -27.60
C ARG D 77 14.94 -12.37 -28.39
N ASP D 78 16.10 -12.37 -27.75
CA ASP D 78 17.35 -12.65 -28.45
C ASP D 78 17.33 -14.03 -29.09
N GLN D 79 17.16 -15.07 -28.28
CA GLN D 79 17.12 -16.43 -28.82
C GLN D 79 16.06 -16.61 -29.88
N GLN D 80 15.12 -15.69 -29.98
CA GLN D 80 14.23 -15.67 -31.14
C GLN D 80 14.87 -14.93 -32.30
N LEU D 81 15.54 -13.81 -32.03
CA LEU D 81 16.24 -13.09 -33.08
C LEU D 81 17.28 -13.99 -33.74
N LEU D 82 18.15 -14.61 -32.93
CA LEU D 82 19.09 -15.58 -33.48
C LEU D 82 18.39 -16.70 -34.23
N GLY D 83 17.12 -16.96 -33.93
CA GLY D 83 16.36 -17.94 -34.67
C GLY D 83 15.96 -17.46 -36.06
N ILE D 84 16.53 -16.33 -36.47
CA ILE D 84 16.33 -15.80 -37.80
C ILE D 84 17.59 -15.88 -38.64
N TRP D 85 18.74 -15.58 -38.05
CA TRP D 85 19.99 -15.77 -38.77
C TRP D 85 20.43 -17.23 -38.67
N GLY D 86 19.52 -18.15 -38.96
CA GLY D 86 19.86 -19.56 -38.97
C GLY D 86 20.06 -20.17 -37.60
N CYS D 87 20.95 -19.59 -36.81
CA CYS D 87 21.48 -20.25 -35.62
C CYS D 87 20.82 -19.69 -34.36
N SER D 88 19.96 -20.50 -33.75
CA SER D 88 19.45 -20.23 -32.41
C SER D 88 20.06 -21.22 -31.43
N GLY D 89 19.91 -20.92 -30.14
CA GLY D 89 20.44 -21.79 -29.12
C GLY D 89 21.94 -21.72 -28.96
N LYS D 90 22.66 -21.97 -30.04
CA LYS D 90 24.12 -22.02 -29.99
C LYS D 90 24.69 -20.69 -29.51
N LEU D 91 25.90 -20.76 -28.96
CA LEU D 91 26.56 -19.57 -28.44
C LEU D 91 27.47 -18.94 -29.49
N ILE D 92 28.44 -19.70 -29.98
CA ILE D 92 29.39 -19.21 -30.97
C ILE D 92 28.93 -19.71 -32.33
N CYS D 93 28.09 -18.91 -32.97
CA CYS D 93 27.54 -19.25 -34.28
C CYS D 93 28.36 -18.57 -35.36
N CYS D 94 28.72 -19.32 -36.39
CA CYS D 94 29.39 -18.75 -37.55
C CYS D 94 28.62 -19.07 -38.83
N THR D 95 28.81 -18.22 -39.83
CA THR D 95 27.97 -18.26 -41.01
C THR D 95 28.83 -17.95 -42.24
N ASN D 96 28.17 -17.62 -43.34
CA ASN D 96 28.83 -17.57 -44.64
C ASN D 96 28.67 -16.21 -45.32
N VAL D 97 28.87 -15.12 -44.59
CA VAL D 97 28.79 -13.78 -45.15
C VAL D 97 30.21 -13.23 -45.29
N PRO D 98 30.59 -12.71 -46.45
CA PRO D 98 31.93 -12.13 -46.58
C PRO D 98 32.04 -10.82 -45.83
N TRP D 99 33.23 -10.54 -45.32
CA TRP D 99 33.46 -9.39 -44.47
C TRP D 99 34.03 -8.26 -45.33
N ASN D 100 33.24 -7.22 -45.54
CA ASN D 100 33.59 -6.15 -46.46
C ASN D 100 34.88 -5.44 -46.00
N SER D 101 35.52 -4.76 -46.97
CA SER D 101 36.74 -4.05 -46.67
C SER D 101 36.49 -2.79 -45.85
N SER D 102 35.35 -2.15 -46.05
CA SER D 102 35.08 -0.85 -45.44
C SER D 102 35.03 -0.90 -43.93
N TRP D 103 34.88 -2.07 -43.33
CA TRP D 103 34.66 -2.19 -41.90
C TRP D 103 36.00 -2.34 -41.15
N SER D 104 36.85 -1.33 -41.35
CA SER D 104 38.12 -1.21 -40.62
C SER D 104 39.01 -2.44 -40.82
N ASN D 105 39.26 -2.78 -42.08
CA ASN D 105 40.16 -3.88 -42.41
C ASN D 105 41.55 -3.59 -41.87
N ARG D 106 42.08 -4.52 -41.07
CA ARG D 106 43.41 -4.36 -40.48
C ARG D 106 43.94 -5.74 -40.11
N ASN D 107 45.11 -5.75 -39.46
CA ASN D 107 45.80 -6.98 -39.13
C ASN D 107 44.97 -7.82 -38.17
N LEU D 108 44.67 -9.06 -38.58
CA LEU D 108 43.86 -9.95 -37.74
C LEU D 108 44.54 -10.24 -36.42
N SER D 109 45.87 -10.40 -36.43
CA SER D 109 46.57 -10.83 -35.23
C SER D 109 46.38 -9.85 -34.08
N GLU D 110 46.41 -8.56 -34.37
CA GLU D 110 46.21 -7.53 -33.35
C GLU D 110 44.74 -7.19 -33.15
N ILE D 111 43.84 -8.10 -33.52
CA ILE D 111 42.42 -7.93 -33.28
C ILE D 111 41.92 -8.90 -32.21
N TRP D 112 42.39 -10.14 -32.24
CA TRP D 112 41.96 -11.15 -31.29
C TRP D 112 42.95 -11.33 -30.14
N ASP D 113 43.94 -10.46 -30.03
CA ASP D 113 44.96 -10.58 -29.01
C ASP D 113 44.98 -9.42 -28.03
N ASN D 114 45.00 -8.19 -28.51
CA ASN D 114 45.25 -7.01 -27.69
C ASN D 114 44.12 -6.00 -27.84
N MET D 115 42.89 -6.48 -27.71
CA MET D 115 41.73 -5.59 -27.75
C MET D 115 40.65 -6.14 -26.84
N THR D 116 39.99 -5.25 -26.12
CA THR D 116 38.86 -5.61 -25.28
C THR D 116 37.58 -5.15 -25.97
N TRP D 117 36.52 -5.95 -25.80
CA TRP D 117 35.28 -5.75 -26.55
C TRP D 117 34.83 -4.30 -26.50
N LEU D 118 34.89 -3.67 -25.33
CA LEU D 118 34.51 -2.28 -25.13
C LEU D 118 35.12 -1.39 -26.21
N GLN D 119 36.40 -1.62 -26.54
CA GLN D 119 37.03 -0.85 -27.60
C GLN D 119 36.56 -1.30 -28.97
N TRP D 120 36.30 -2.59 -29.15
CA TRP D 120 35.92 -3.07 -30.46
C TRP D 120 34.53 -2.59 -30.84
N ASP D 121 33.62 -2.58 -29.87
CA ASP D 121 32.25 -2.12 -30.12
C ASP D 121 32.23 -0.68 -30.61
N LYS D 122 33.22 0.12 -30.24
CA LYS D 122 33.31 1.47 -30.75
C LYS D 122 33.57 1.45 -32.26
N GLU D 123 34.63 0.78 -32.67
CA GLU D 123 35.11 0.85 -34.04
C GLU D 123 34.15 0.22 -35.05
N ILE D 124 33.05 -0.38 -34.60
CA ILE D 124 32.16 -1.11 -35.51
C ILE D 124 30.75 -0.61 -35.30
N SER D 125 30.62 0.53 -34.63
CA SER D 125 29.31 0.98 -34.16
C SER D 125 28.38 1.33 -35.31
N ASN D 126 28.79 2.26 -36.17
CA ASN D 126 27.91 2.80 -37.21
C ASN D 126 27.78 1.89 -38.42
N TYR D 127 28.17 0.62 -38.30
CA TYR D 127 27.92 -0.37 -39.35
C TYR D 127 27.00 -1.50 -38.90
N THR D 128 26.73 -1.61 -37.60
CA THR D 128 26.01 -2.76 -37.06
C THR D 128 24.71 -3.00 -37.81
N GLN D 129 23.96 -1.93 -38.09
CA GLN D 129 22.65 -2.11 -38.71
C GLN D 129 22.78 -2.68 -40.11
N ILE D 130 23.91 -2.43 -40.78
CA ILE D 130 24.12 -3.00 -42.11
C ILE D 130 24.23 -4.51 -42.04
N ILE D 131 25.15 -5.00 -41.20
CA ILE D 131 25.39 -6.43 -41.08
C ILE D 131 24.14 -7.16 -40.64
N TYR D 132 23.31 -6.51 -39.81
CA TYR D 132 22.07 -7.13 -39.39
C TYR D 132 21.06 -7.27 -40.53
N GLY D 133 21.36 -6.72 -41.70
CA GLY D 133 20.51 -6.92 -42.85
C GLY D 133 20.97 -8.10 -43.69
N LEU D 134 22.28 -8.18 -43.90
CA LEU D 134 22.85 -9.26 -44.69
C LEU D 134 22.47 -10.62 -44.10
N LEU D 135 22.62 -10.76 -42.78
CA LEU D 135 22.39 -12.05 -42.13
C LEU D 135 20.96 -12.55 -42.27
N GLU D 136 20.05 -11.74 -42.81
CA GLU D 136 18.74 -12.25 -43.16
C GLU D 136 18.71 -12.69 -44.63
N GLU D 137 19.25 -11.87 -45.52
CA GLU D 137 19.31 -12.24 -46.93
C GLU D 137 20.11 -13.52 -47.12
N SER D 138 21.32 -13.58 -46.57
CA SER D 138 22.14 -14.79 -46.69
C SER D 138 21.48 -15.99 -46.04
N GLN D 139 20.49 -15.77 -45.17
CA GLN D 139 19.73 -16.89 -44.64
C GLN D 139 18.65 -17.33 -45.62
N ASN D 140 18.13 -16.40 -46.43
CA ASN D 140 17.07 -16.74 -47.37
C ASN D 140 17.52 -17.73 -48.43
N GLN D 141 18.83 -17.84 -48.66
CA GLN D 141 19.33 -18.88 -49.56
C GLN D 141 18.94 -20.27 -49.06
N GLN D 142 19.41 -20.63 -47.87
CA GLN D 142 19.05 -21.93 -47.30
C GLN D 142 17.56 -22.06 -47.03
N GLU D 143 16.79 -20.98 -47.12
CA GLU D 143 15.34 -21.06 -46.98
C GLU D 143 14.71 -21.68 -48.22
N LYS D 144 14.92 -21.04 -49.38
CA LYS D 144 14.30 -21.50 -50.62
C LYS D 144 15.13 -22.55 -51.34
N ASN D 145 16.46 -22.46 -51.24
CA ASN D 145 17.32 -23.30 -52.05
C ASN D 145 17.58 -24.67 -51.46
N GLU D 146 16.97 -24.99 -50.31
CA GLU D 146 17.11 -26.34 -49.77
C GLU D 146 16.28 -27.39 -50.49
N GLN D 147 15.05 -27.04 -50.86
CA GLN D 147 14.16 -27.96 -51.57
C GLN D 147 14.10 -27.63 -53.08
N ASP D 148 15.20 -27.11 -53.61
CA ASP D 148 15.27 -26.76 -55.02
C ASP D 148 15.50 -28.06 -55.77
N VAL E 3 -15.46 40.02 13.47
CA VAL E 3 -16.52 40.84 14.02
C VAL E 3 -16.02 41.47 15.31
N MET E 4 -16.19 42.78 15.44
CA MET E 4 -15.68 43.54 16.58
C MET E 4 -16.86 44.00 17.43
N THR E 5 -16.96 43.45 18.64
CA THR E 5 -17.99 43.84 19.60
C THR E 5 -17.36 44.74 20.64
N GLN E 6 -17.95 45.91 20.84
CA GLN E 6 -17.40 46.89 21.76
C GLN E 6 -18.28 46.99 23.01
N SER E 7 -17.72 47.57 24.06
CA SER E 7 -18.45 47.80 25.30
C SER E 7 -17.87 48.98 26.04
N PRO E 8 -18.65 50.02 26.33
CA PRO E 8 -20.06 50.11 25.93
C PRO E 8 -20.24 50.78 24.58
N ALA E 9 -21.49 51.07 24.21
CA ALA E 9 -21.73 51.78 22.95
C ALA E 9 -21.21 53.21 23.02
N THR E 10 -21.56 53.93 24.08
CA THR E 10 -21.08 55.30 24.28
C THR E 10 -21.03 55.56 25.77
N LEU E 11 -19.82 55.73 26.29
CA LEU E 11 -19.60 55.91 27.71
C LEU E 11 -19.68 57.39 28.06
N SER E 12 -20.35 57.70 29.16
CA SER E 12 -20.47 59.06 29.67
C SER E 12 -19.92 59.09 31.09
N VAL E 13 -18.84 59.84 31.30
CA VAL E 13 -18.19 59.91 32.59
C VAL E 13 -17.79 61.36 32.87
N SER E 14 -17.77 61.70 34.15
CA SER E 14 -17.43 63.05 34.57
C SER E 14 -15.93 63.29 34.43
N PRO E 15 -15.51 64.55 34.30
CA PRO E 15 -14.08 64.84 34.22
C PRO E 15 -13.34 64.43 35.48
N GLY E 16 -12.01 64.52 35.42
CA GLY E 16 -11.16 64.12 36.52
C GLY E 16 -11.21 62.65 36.86
N GLU E 17 -11.97 61.85 36.13
CA GLU E 17 -12.08 60.42 36.37
C GLU E 17 -11.24 59.68 35.33
N ARG E 18 -11.23 58.35 35.41
CA ARG E 18 -10.48 57.51 34.50
C ARG E 18 -11.30 57.20 33.25
N ALA E 19 -10.67 56.52 32.31
CA ALA E 19 -11.31 56.13 31.06
C ALA E 19 -10.87 54.71 30.71
N THR E 20 -11.84 53.80 30.61
CA THR E 20 -11.56 52.40 30.35
C THR E 20 -12.60 51.87 29.36
N LEU E 21 -12.23 51.80 28.10
CA LEU E 21 -13.09 51.27 27.04
C LEU E 21 -12.77 49.81 26.81
N SER E 22 -13.65 49.14 26.06
CA SER E 22 -13.49 47.72 25.77
C SER E 22 -14.00 47.41 24.38
N CYS E 23 -13.19 46.71 23.59
CA CYS E 23 -13.58 46.20 22.28
C CYS E 23 -13.18 44.73 22.21
N ARG E 24 -14.13 43.88 21.85
CA ARG E 24 -13.94 42.44 21.82
C ARG E 24 -14.17 41.92 20.41
N ALA E 25 -13.50 40.82 20.09
CA ALA E 25 -13.54 40.24 18.75
C ALA E 25 -14.12 38.84 18.80
N SER E 26 -14.10 38.17 17.64
CA SER E 26 -14.65 36.82 17.55
C SER E 26 -13.69 35.79 18.16
N GLU E 27 -12.45 35.76 17.69
CA GLU E 27 -11.49 34.76 18.13
C GLU E 27 -10.10 35.40 18.15
N SER E 28 -9.08 34.53 18.11
CA SER E 28 -7.66 34.91 18.23
C SER E 28 -7.24 36.04 17.26
N VAL E 29 -7.01 37.22 17.82
CA VAL E 29 -6.44 38.40 17.09
C VAL E 29 -5.15 38.77 17.83
N SER E 30 -4.51 37.74 18.40
CA SER E 30 -3.27 37.71 19.23
C SER E 30 -2.63 39.08 19.48
N SER E 31 -2.19 39.79 18.43
CA SER E 31 -1.48 41.03 18.72
C SER E 31 -1.70 42.13 17.69
N ASP E 32 -2.80 42.10 16.93
CA ASP E 32 -3.05 43.11 15.91
C ASP E 32 -4.35 43.86 16.24
N LEU E 33 -4.22 44.89 17.08
CA LEU E 33 -5.30 45.82 17.36
C LEU E 33 -4.77 47.25 17.28
N ALA E 34 -5.65 48.15 16.85
CA ALA E 34 -5.28 49.56 16.68
C ALA E 34 -6.47 50.44 17.03
N TRP E 35 -6.32 51.25 18.08
CA TRP E 35 -7.35 52.20 18.47
C TRP E 35 -7.05 53.57 17.86
N TYR E 36 -8.06 54.17 17.26
CA TYR E 36 -7.92 55.41 16.54
C TYR E 36 -8.70 56.51 17.24
N GLN E 37 -8.13 57.70 17.30
CA GLN E 37 -8.77 58.86 17.90
C GLN E 37 -9.15 59.85 16.80
N GLN E 38 -10.32 60.45 16.92
CA GLN E 38 -10.75 61.48 15.97
C GLN E 38 -11.71 62.44 16.64
N LYS E 39 -11.30 63.67 16.81
CA LYS E 39 -12.45 64.52 17.12
C LYS E 39 -13.17 64.88 15.83
N PRO E 40 -14.51 64.94 15.86
CA PRO E 40 -15.26 65.22 14.64
C PRO E 40 -14.79 66.51 13.98
N GLY E 41 -14.75 66.49 12.65
CA GLY E 41 -14.22 67.60 11.89
C GLY E 41 -12.71 67.56 11.69
N GLN E 42 -12.09 66.40 11.84
CA GLN E 42 -10.64 66.27 11.73
C GLN E 42 -10.33 65.02 10.91
N ALA E 43 -9.07 64.62 10.94
CA ALA E 43 -8.51 63.37 10.43
C ALA E 43 -8.09 62.48 11.59
N PRO E 44 -8.54 61.23 11.64
CA PRO E 44 -8.26 60.37 12.79
C PRO E 44 -6.77 60.18 13.06
N ARG E 45 -6.43 59.63 14.22
CA ARG E 45 -5.05 59.56 14.68
C ARG E 45 -4.76 58.20 15.28
N LEU E 46 -3.51 57.79 15.22
CA LEU E 46 -3.05 56.53 15.79
C LEU E 46 -2.56 56.74 17.22
N LEU E 47 -3.03 55.89 18.12
CA LEU E 47 -2.55 55.90 19.50
C LEU E 47 -1.92 54.59 19.92
N ILE E 48 -2.53 53.46 19.57
CA ILE E 48 -2.06 52.15 20.00
C ILE E 48 -1.91 51.26 18.77
N TYR E 49 -0.82 50.50 18.73
CA TYR E 49 -0.64 49.46 17.73
C TYR E 49 0.02 48.26 18.38
N GLY E 50 -0.29 47.08 17.88
CA GLY E 50 0.18 45.86 18.51
C GLY E 50 -0.48 45.53 19.82
N ALA E 51 -1.47 46.32 20.25
CA ALA E 51 -2.26 46.15 21.46
C ALA E 51 -1.45 46.29 22.75
N SER E 52 -0.15 46.58 22.67
CA SER E 52 0.65 46.74 23.88
C SER E 52 1.66 47.87 23.79
N THR E 53 1.66 48.66 22.72
CA THR E 53 2.66 49.68 22.52
C THR E 53 2.01 51.05 22.34
N ARG E 54 2.79 52.10 22.54
CA ARG E 54 2.32 53.46 22.43
C ARG E 54 2.89 54.11 21.18
N ALA E 55 2.08 54.93 20.51
CA ALA E 55 2.53 55.63 19.32
C ALA E 55 3.50 56.74 19.71
N THR E 56 3.95 57.48 18.70
CA THR E 56 4.88 58.57 18.92
C THR E 56 4.14 59.83 19.37
N GLY E 57 4.79 60.60 20.25
CA GLY E 57 4.21 61.84 20.73
C GLY E 57 2.88 61.67 21.43
N VAL E 58 2.80 60.74 22.38
CA VAL E 58 1.53 60.41 23.02
C VAL E 58 1.72 60.48 24.54
N PRO E 59 0.76 61.03 25.28
CA PRO E 59 0.89 61.05 26.75
C PRO E 59 0.88 59.64 27.33
N ALA E 60 1.74 59.44 28.33
CA ALA E 60 1.97 58.11 28.89
C ALA E 60 0.74 57.50 29.56
N ARG E 61 -0.30 58.31 29.83
CA ARG E 61 -1.52 57.73 30.37
C ARG E 61 -2.26 56.90 29.33
N PHE E 62 -1.95 57.09 28.06
CA PHE E 62 -2.56 56.31 26.97
C PHE E 62 -1.89 54.94 26.91
N SER E 63 -2.59 53.90 27.36
CA SER E 63 -2.06 52.55 27.30
C SER E 63 -3.19 51.56 27.50
N GLY E 64 -3.22 50.52 26.68
CA GLY E 64 -4.21 49.48 26.78
C GLY E 64 -3.59 48.16 27.25
N SER E 65 -4.40 47.12 27.16
CA SER E 65 -3.97 45.79 27.59
C SER E 65 -4.94 44.76 27.03
N GLY E 66 -4.57 43.50 27.19
CA GLY E 66 -5.37 42.39 26.74
C GLY E 66 -4.60 41.50 25.77
N SER E 67 -5.24 40.38 25.43
CA SER E 67 -4.70 39.43 24.47
C SER E 67 -5.86 38.58 23.98
N GLY E 68 -5.53 37.57 23.18
CA GLY E 68 -6.55 36.67 22.67
C GLY E 68 -7.62 37.40 21.90
N ALA E 69 -8.81 37.51 22.49
CA ALA E 69 -9.93 38.22 21.87
C ALA E 69 -10.48 39.33 22.77
N GLU E 70 -9.87 39.57 23.91
CA GLU E 70 -10.35 40.59 24.85
C GLU E 70 -9.28 41.68 24.98
N PHE E 71 -9.71 42.93 24.84
CA PHE E 71 -8.81 44.07 24.91
C PHE E 71 -9.54 45.24 25.54
N THR E 72 -8.78 46.08 26.24
CA THR E 72 -9.33 47.26 26.90
C THR E 72 -8.32 48.39 26.87
N LEU E 73 -8.74 49.54 26.36
CA LEU E 73 -7.94 50.75 26.46
C LEU E 73 -8.12 51.33 27.85
N THR E 74 -7.04 51.75 28.49
CA THR E 74 -7.07 52.19 29.87
C THR E 74 -6.45 53.57 30.00
N ILE E 75 -7.24 54.53 30.45
CA ILE E 75 -6.77 55.84 30.86
C ILE E 75 -7.20 56.06 32.30
N SER E 76 -6.28 56.50 33.14
CA SER E 76 -6.58 56.71 34.56
C SER E 76 -7.01 58.12 34.89
N SER E 77 -6.96 59.04 33.93
CA SER E 77 -7.29 60.44 34.20
C SER E 77 -7.86 61.06 32.93
N LEU E 78 -9.13 61.45 32.97
CA LEU E 78 -9.73 62.15 31.85
C LEU E 78 -9.08 63.53 31.69
N GLN E 79 -9.22 64.10 30.50
CA GLN E 79 -8.58 65.34 30.14
C GLN E 79 -9.53 66.18 29.28
N SER E 80 -9.14 67.43 29.04
CA SER E 80 -10.01 68.36 28.32
C SER E 80 -10.29 67.89 26.90
N GLU E 81 -9.34 67.20 26.27
CA GLU E 81 -9.47 66.79 24.87
C GLU E 81 -9.73 65.30 24.73
N ASP E 82 -10.49 64.71 25.65
CA ASP E 82 -10.80 63.28 25.61
C ASP E 82 -12.28 63.01 25.35
N PHE E 83 -12.97 63.93 24.67
CA PHE E 83 -14.36 63.76 24.29
C PHE E 83 -14.42 63.65 22.77
N ALA E 84 -14.30 62.43 22.26
CA ALA E 84 -14.27 62.19 20.83
C ALA E 84 -14.69 60.75 20.56
N VAL E 85 -14.45 60.29 19.34
CA VAL E 85 -14.79 58.94 18.92
C VAL E 85 -13.56 58.05 19.08
N TYR E 86 -13.79 56.79 19.43
CA TYR E 86 -12.72 55.81 19.59
C TYR E 86 -13.11 54.52 18.88
N TYR E 87 -12.29 54.10 17.93
CA TYR E 87 -12.58 52.95 17.09
C TYR E 87 -11.50 51.89 17.26
N CYS E 88 -11.90 50.63 17.22
CA CYS E 88 -10.98 49.50 17.24
C CYS E 88 -10.90 48.86 15.86
N GLN E 89 -9.70 48.47 15.47
CA GLN E 89 -9.46 47.80 14.18
C GLN E 89 -8.47 46.67 14.38
N GLN E 90 -8.74 45.54 13.71
CA GLN E 90 -7.83 44.42 13.70
C GLN E 90 -7.26 44.22 12.30
N TYR E 91 -6.04 43.69 12.23
CA TYR E 91 -5.40 43.40 10.95
C TYR E 91 -4.66 42.06 11.00
N ASN E 92 -5.29 41.03 11.56
CA ASN E 92 -4.59 39.78 11.81
C ASN E 92 -4.58 38.84 10.60
N ASN E 93 -5.73 38.57 10.03
CA ASN E 93 -5.86 37.49 9.07
C ASN E 93 -5.13 37.80 7.77
N TRP E 94 -4.77 36.73 7.05
CA TRP E 94 -4.24 36.80 5.69
C TRP E 94 -4.97 35.79 4.82
N PRO E 95 -5.35 36.16 3.58
CA PRO E 95 -5.17 37.43 2.87
C PRO E 95 -5.80 38.62 3.59
N PRO E 96 -5.31 39.82 3.33
CA PRO E 96 -5.71 40.98 4.15
C PRO E 96 -7.19 41.29 3.95
N ARG E 97 -7.97 41.10 5.02
CA ARG E 97 -9.39 41.44 5.05
C ARG E 97 -9.64 42.14 6.38
N TYR E 98 -9.48 43.45 6.38
CA TYR E 98 -9.52 44.25 7.61
C TYR E 98 -10.92 44.82 7.80
N THR E 99 -11.45 44.68 9.01
CA THR E 99 -12.80 45.12 9.33
C THR E 99 -12.81 45.81 10.67
N PHE E 100 -13.45 46.97 10.73
CA PHE E 100 -13.54 47.77 11.94
C PHE E 100 -14.70 47.29 12.80
N GLY E 101 -14.99 48.07 13.83
CA GLY E 101 -16.11 47.78 14.71
C GLY E 101 -17.24 48.77 14.57
N GLN E 102 -17.58 49.46 15.65
CA GLN E 102 -18.64 50.45 15.64
C GLN E 102 -18.30 51.73 16.39
N GLY E 103 -17.24 51.75 17.19
CA GLY E 103 -16.81 52.95 17.86
C GLY E 103 -17.45 53.17 19.21
N THR E 104 -17.04 54.26 19.86
CA THR E 104 -17.54 54.63 21.18
C THR E 104 -17.25 56.09 21.41
N ARG E 105 -18.19 56.78 22.07
CA ARG E 105 -18.10 58.21 22.33
C ARG E 105 -17.99 58.46 23.82
N LEU E 106 -17.34 59.56 24.18
CA LEU E 106 -17.13 59.96 25.56
C LEU E 106 -17.63 61.38 25.74
N GLU E 107 -18.41 61.61 26.80
CA GLU E 107 -19.03 62.91 27.03
C GLU E 107 -19.10 63.18 28.53
N ILE E 108 -19.55 64.39 28.86
CA ILE E 108 -19.87 64.76 30.23
C ILE E 108 -21.34 64.45 30.49
N GLU F 1 8.93 62.78 8.16
CA GLU F 1 8.19 61.75 7.43
C GLU F 1 7.43 62.35 6.25
N VAL F 2 6.39 61.66 5.81
CA VAL F 2 5.69 62.04 4.60
C VAL F 2 4.70 63.16 4.90
N GLN F 3 4.15 63.75 3.85
CA GLN F 3 3.11 64.76 3.95
C GLN F 3 2.04 64.44 2.93
N LEU F 4 0.91 63.91 3.40
CA LEU F 4 -0.19 63.50 2.53
C LEU F 4 -1.13 64.67 2.31
N VAL F 5 -1.57 64.83 1.07
CA VAL F 5 -2.55 65.86 0.69
C VAL F 5 -3.54 65.19 -0.26
N GLU F 6 -4.76 64.95 0.21
CA GLU F 6 -5.77 64.39 -0.65
C GLU F 6 -6.21 65.43 -1.68
N SER F 7 -6.92 64.96 -2.71
CA SER F 7 -7.40 65.84 -3.76
C SER F 7 -8.62 66.62 -3.26
N GLY F 8 -9.20 67.43 -4.13
CA GLY F 8 -10.37 68.20 -3.75
C GLY F 8 -11.62 67.35 -3.71
N ALA F 9 -12.65 67.89 -3.07
CA ALA F 9 -13.93 67.20 -3.01
C ALA F 9 -14.57 67.12 -4.39
N GLU F 10 -15.39 66.10 -4.59
CA GLU F 10 -15.97 65.83 -5.89
C GLU F 10 -17.49 65.74 -5.78
N VAL F 11 -18.15 65.93 -6.92
CA VAL F 11 -19.61 65.91 -7.03
C VAL F 11 -19.96 65.20 -8.33
N LYS F 12 -20.72 64.11 -8.23
CA LYS F 12 -20.94 63.26 -9.39
C LYS F 12 -22.37 62.71 -9.38
N LYS F 13 -22.67 61.92 -10.40
CA LYS F 13 -23.96 61.31 -10.66
C LYS F 13 -23.81 59.79 -10.74
N PRO F 14 -24.91 59.04 -10.60
CA PRO F 14 -24.81 57.58 -10.69
C PRO F 14 -24.36 57.13 -12.08
N GLY F 15 -24.01 55.85 -12.17
CA GLY F 15 -23.58 55.23 -13.41
C GLY F 15 -22.11 55.39 -13.73
N SER F 16 -21.52 56.53 -13.39
CA SER F 16 -20.13 56.82 -13.72
C SER F 16 -19.16 56.18 -12.73
N SER F 17 -17.90 56.60 -12.78
CA SER F 17 -16.88 56.18 -11.82
C SER F 17 -16.26 57.42 -11.18
N VAL F 18 -15.24 57.19 -10.36
CA VAL F 18 -14.62 58.25 -9.57
C VAL F 18 -13.11 58.09 -9.66
N LYS F 19 -12.40 59.20 -9.45
CA LYS F 19 -10.95 59.18 -9.43
C LYS F 19 -10.45 60.31 -8.56
N VAL F 20 -9.44 60.03 -7.72
CA VAL F 20 -8.86 61.00 -6.81
C VAL F 20 -7.34 60.90 -6.90
N SER F 21 -6.67 61.68 -6.06
CA SER F 21 -5.22 61.66 -5.98
C SER F 21 -4.78 62.14 -4.60
N CYS F 22 -3.76 61.48 -4.06
CA CYS F 22 -3.21 61.79 -2.73
C CYS F 22 -1.70 61.95 -2.89
N LYS F 23 -1.26 63.16 -3.21
CA LYS F 23 0.15 63.41 -3.47
C LYS F 23 0.96 63.25 -2.19
N ALA F 24 1.73 62.18 -2.10
CA ALA F 24 2.54 61.88 -0.93
C ALA F 24 3.94 62.43 -1.14
N SER F 25 4.31 63.42 -0.32
CA SER F 25 5.62 64.04 -0.40
C SER F 25 6.29 64.01 0.97
N GLY F 26 7.62 64.14 0.95
CA GLY F 26 8.39 64.23 2.17
C GLY F 26 9.27 63.04 2.47
N ASP F 27 9.39 62.09 1.56
CA ASP F 27 10.18 60.88 1.76
C ASP F 27 10.27 60.14 0.43
N THR F 28 11.03 59.05 0.43
CA THR F 28 11.02 58.17 -0.73
C THR F 28 9.67 57.51 -0.87
N PHE F 29 9.20 57.39 -2.11
CA PHE F 29 7.81 56.97 -2.33
C PHE F 29 7.63 55.47 -2.11
N ILE F 30 8.55 54.66 -2.65
CA ILE F 30 8.35 53.22 -2.72
C ILE F 30 8.52 52.56 -1.35
N ARG F 31 8.78 53.36 -0.32
CA ARG F 31 9.04 52.82 1.01
C ARG F 31 7.80 52.74 1.88
N TYR F 32 6.62 53.07 1.34
CA TYR F 32 5.39 53.10 2.12
C TYR F 32 4.28 52.35 1.41
N SER F 33 3.49 51.62 2.18
CA SER F 33 2.24 51.06 1.68
C SER F 33 1.10 52.01 2.02
N PHE F 34 0.00 51.90 1.27
CA PHE F 34 -1.11 52.83 1.42
C PHE F 34 -2.43 52.07 1.42
N THR F 35 -3.43 52.69 2.05
CA THR F 35 -4.76 52.13 2.17
C THR F 35 -5.77 53.26 2.10
N TRP F 36 -6.85 53.05 1.34
CA TRP F 36 -7.92 54.02 1.23
C TRP F 36 -9.07 53.59 2.13
N VAL F 37 -9.56 54.53 2.94
CA VAL F 37 -10.63 54.26 3.88
C VAL F 37 -11.67 55.37 3.77
N ARG F 38 -12.94 55.01 3.96
CA ARG F 38 -14.04 55.94 3.77
C ARG F 38 -15.02 55.81 4.92
N GLN F 39 -15.85 56.84 5.08
CA GLN F 39 -16.87 56.86 6.12
C GLN F 39 -18.06 57.67 5.65
N ALA F 40 -19.26 57.11 5.83
CA ALA F 40 -20.48 57.87 5.63
C ALA F 40 -20.81 58.61 6.92
N PRO F 41 -21.48 59.77 6.83
CA PRO F 41 -21.72 60.57 8.03
C PRO F 41 -22.56 59.80 9.04
N GLY F 42 -22.22 59.97 10.32
CA GLY F 42 -22.91 59.29 11.39
C GLY F 42 -22.74 57.78 11.38
N GLN F 43 -21.62 57.27 10.90
CA GLN F 43 -21.39 55.83 10.82
C GLN F 43 -19.95 55.51 11.19
N GLY F 44 -19.58 54.24 11.07
CA GLY F 44 -18.23 53.80 11.36
C GLY F 44 -17.33 53.81 10.14
N LEU F 45 -16.04 53.55 10.39
CA LEU F 45 -15.08 53.53 9.31
C LEU F 45 -15.24 52.25 8.49
N GLU F 46 -14.54 52.20 7.36
CA GLU F 46 -14.69 51.10 6.41
C GLU F 46 -13.37 50.88 5.68
N TRP F 47 -12.63 49.87 6.09
CA TRP F 47 -11.43 49.48 5.37
C TRP F 47 -11.80 48.90 4.01
N MET F 48 -11.06 49.30 2.99
CA MET F 48 -11.34 48.87 1.62
C MET F 48 -10.25 47.97 1.06
N GLY F 49 -9.01 48.43 1.02
CA GLY F 49 -7.97 47.63 0.41
C GLY F 49 -6.60 48.25 0.61
N ARG F 50 -5.58 47.42 0.44
CA ARG F 50 -4.20 47.80 0.63
C ARG F 50 -3.43 47.57 -0.66
N ILE F 51 -2.38 48.36 -0.87
CA ILE F 51 -1.55 48.27 -2.06
C ILE F 51 -0.08 48.40 -1.65
N ILE F 52 0.72 47.42 -2.04
CA ILE F 52 2.16 47.46 -1.82
C ILE F 52 2.78 48.16 -3.01
N THR F 53 3.42 49.31 -2.77
CA THR F 53 3.93 50.11 -3.87
C THR F 53 5.07 49.43 -4.62
N ILE F 54 5.89 48.63 -3.93
CA ILE F 54 7.07 48.10 -4.57
C ILE F 54 6.75 46.86 -5.38
N LEU F 55 5.81 46.04 -4.90
CA LEU F 55 5.40 44.85 -5.63
C LEU F 55 4.19 45.09 -6.51
N ASP F 56 3.53 46.23 -6.38
CA ASP F 56 2.39 46.59 -7.23
C ASP F 56 1.30 45.52 -7.18
N VAL F 57 1.05 45.00 -5.99
CA VAL F 57 0.02 44.00 -5.76
C VAL F 57 -0.95 44.55 -4.74
N ALA F 58 -2.23 44.59 -5.08
CA ALA F 58 -3.26 45.16 -4.22
C ALA F 58 -4.11 44.05 -3.61
N HIS F 59 -5.12 44.47 -2.85
CA HIS F 59 -6.11 43.57 -2.29
C HIS F 59 -7.40 44.34 -2.11
N TYR F 60 -8.50 43.62 -1.93
CA TYR F 60 -9.81 44.25 -1.88
C TYR F 60 -10.74 43.50 -0.94
N ALA F 61 -11.69 44.25 -0.39
CA ALA F 61 -12.60 43.71 0.61
C ALA F 61 -13.57 42.70 -0.03
N PRO F 62 -14.11 41.79 0.78
CA PRO F 62 -15.01 40.77 0.20
C PRO F 62 -16.28 41.33 -0.41
N HIS F 63 -16.73 42.50 0.01
CA HIS F 63 -17.97 43.06 -0.51
C HIS F 63 -17.74 44.23 -1.47
N LEU F 64 -16.59 44.25 -2.16
CA LEU F 64 -16.37 45.16 -3.28
C LEU F 64 -15.62 44.49 -4.41
N GLN F 65 -15.54 43.16 -4.40
CA GLN F 65 -14.65 42.42 -5.30
C GLN F 65 -14.99 42.64 -6.77
N GLY F 66 -14.08 43.28 -7.50
CA GLY F 66 -14.17 43.39 -8.94
C GLY F 66 -14.71 44.72 -9.44
N ARG F 67 -15.33 45.52 -8.57
CA ARG F 67 -15.92 46.78 -9.00
C ARG F 67 -15.15 48.00 -8.52
N VAL F 68 -13.92 47.81 -8.04
CA VAL F 68 -13.11 48.91 -7.54
C VAL F 68 -11.64 48.57 -7.72
N THR F 69 -10.86 49.55 -8.15
CA THR F 69 -9.44 49.37 -8.38
C THR F 69 -8.64 50.41 -7.62
N ILE F 70 -7.39 50.08 -7.32
CA ILE F 70 -6.43 51.00 -6.75
C ILE F 70 -5.17 50.94 -7.60
N THR F 71 -4.45 52.05 -7.66
CA THR F 71 -3.25 52.12 -8.49
C THR F 71 -2.42 53.30 -8.03
N ALA F 72 -1.11 53.20 -8.25
CA ALA F 72 -0.18 54.27 -7.93
C ALA F 72 0.81 54.42 -9.07
N ASP F 73 1.80 55.28 -8.87
CA ASP F 73 2.83 55.54 -9.87
C ASP F 73 4.06 56.08 -9.16
N LYS F 74 5.12 55.26 -9.10
CA LYS F 74 6.36 55.68 -8.48
C LYS F 74 7.15 56.65 -9.34
N SER F 75 6.67 56.99 -10.53
CA SER F 75 7.32 58.00 -11.35
C SER F 75 6.89 59.41 -10.99
N THR F 76 5.78 59.55 -10.25
CA THR F 76 5.23 60.85 -9.92
C THR F 76 4.82 60.99 -8.47
N SER F 77 4.96 59.95 -7.65
CA SER F 77 4.63 59.97 -6.23
C SER F 77 3.18 60.42 -6.00
N THR F 78 2.27 59.71 -6.67
CA THR F 78 0.83 59.95 -6.53
C THR F 78 0.11 58.61 -6.47
N VAL F 79 -0.99 58.59 -5.75
CA VAL F 79 -1.81 57.39 -5.57
C VAL F 79 -3.22 57.70 -6.04
N TYR F 80 -3.78 56.80 -6.84
CA TYR F 80 -5.10 57.00 -7.43
C TYR F 80 -6.12 56.07 -6.80
N LEU F 81 -7.34 56.12 -7.33
CA LEU F 81 -8.41 55.23 -6.94
C LEU F 81 -9.50 55.33 -8.00
N GLU F 82 -10.27 54.27 -8.13
CA GLU F 82 -11.45 54.29 -8.98
C GLU F 82 -12.42 53.21 -8.53
N LEU F 83 -13.65 53.62 -8.25
CA LEU F 83 -14.73 52.70 -7.92
C LEU F 83 -15.74 52.72 -9.05
N ARG F 84 -16.28 51.55 -9.36
CA ARG F 84 -17.15 51.39 -10.52
C ARG F 84 -18.53 50.93 -10.09
N ASN F 85 -19.48 51.02 -11.02
CA ASN F 85 -20.89 50.71 -10.76
C ASN F 85 -21.42 51.58 -9.61
N LEU F 86 -21.41 52.89 -9.85
CA LEU F 86 -21.82 53.83 -8.82
C LEU F 86 -23.26 53.56 -8.37
N ARG F 87 -23.53 53.90 -7.12
CA ARG F 87 -24.85 53.84 -6.52
C ARG F 87 -25.15 55.21 -5.91
N SER F 88 -26.23 55.27 -5.12
CA SER F 88 -26.55 56.52 -4.44
C SER F 88 -25.94 56.59 -3.05
N ASP F 89 -25.72 55.44 -2.41
CA ASP F 89 -25.19 55.43 -1.06
C ASP F 89 -23.75 55.92 -0.99
N ASP F 90 -23.02 55.87 -2.10
CA ASP F 90 -21.58 56.20 -2.10
C ASP F 90 -21.29 57.62 -1.68
N THR F 91 -22.30 58.47 -1.49
CA THR F 91 -22.08 59.77 -0.89
C THR F 91 -21.45 59.61 0.49
N ALA F 92 -20.18 60.00 0.61
CA ALA F 92 -19.44 59.83 1.86
C ALA F 92 -18.11 60.56 1.71
N VAL F 93 -17.30 60.51 2.76
CA VAL F 93 -15.97 61.10 2.77
C VAL F 93 -14.94 59.98 2.69
N TYR F 94 -13.86 60.22 1.96
CA TYR F 94 -12.82 59.22 1.71
C TYR F 94 -11.48 59.74 2.20
N PHE F 95 -10.67 58.85 2.75
CA PHE F 95 -9.43 59.22 3.42
C PHE F 95 -8.22 58.49 2.83
N CYS F 96 -7.11 59.21 2.73
CA CYS F 96 -5.84 58.67 2.29
C CYS F 96 -4.99 58.30 3.51
N ALA F 97 -4.46 57.08 3.52
CA ALA F 97 -3.73 56.59 4.67
C ALA F 97 -2.55 55.72 4.23
N GLY F 98 -1.42 55.88 4.93
CA GLY F 98 -0.22 55.14 4.64
C GLY F 98 0.48 54.74 5.93
N VAL F 99 1.66 54.12 5.78
CA VAL F 99 2.43 53.64 6.92
C VAL F 99 3.86 53.34 6.46
N TYR F 100 4.81 53.41 7.39
CA TYR F 100 6.21 53.13 7.05
C TYR F 100 6.45 51.63 6.96
N GLU F 101 7.48 51.26 6.18
CA GLU F 101 7.76 49.86 5.92
C GLU F 101 9.24 49.48 5.94
N GLY F 102 10.15 50.37 6.31
CA GLY F 102 11.57 50.05 6.32
C GLY F 102 12.21 50.22 4.95
N GLU F 103 13.52 50.05 4.92
CA GLU F 103 14.27 50.23 3.68
C GLU F 103 14.00 49.09 2.71
N ALA F 104 12.80 49.05 2.14
CA ALA F 104 12.43 47.96 1.23
C ALA F 104 13.21 47.98 -0.07
N ASP F 105 13.93 49.07 -0.34
CA ASP F 105 14.75 49.13 -1.55
C ASP F 105 15.87 48.10 -1.56
N GLU F 106 16.21 47.52 -0.41
CA GLU F 106 17.17 46.42 -0.33
C GLU F 106 16.50 45.12 0.09
N GLY F 107 15.18 45.06 0.05
CA GLY F 107 14.49 43.81 0.24
C GLY F 107 14.17 43.41 1.67
N GLU F 108 14.06 44.37 2.59
CA GLU F 108 13.48 44.09 3.90
C GLU F 108 12.12 44.76 3.97
N TYR F 109 11.11 44.01 4.41
CA TYR F 109 9.74 44.49 4.34
C TYR F 109 8.96 43.95 5.52
N ASP F 110 8.50 44.85 6.39
CA ASP F 110 7.83 44.44 7.62
C ASP F 110 6.40 43.99 7.40
N ASN F 111 5.73 44.48 6.36
CA ASN F 111 4.35 44.11 6.05
C ASN F 111 3.42 44.40 7.22
N ASN F 112 3.31 45.69 7.55
CA ASN F 112 2.43 46.14 8.62
C ASN F 112 0.98 46.10 8.16
N GLY F 113 0.08 46.38 9.10
CA GLY F 113 -1.34 46.37 8.80
C GLY F 113 -2.08 47.65 9.11
N PHE F 114 -1.55 48.45 10.03
CA PHE F 114 -2.22 49.65 10.50
C PHE F 114 -1.77 50.87 9.70
N LEU F 115 -2.24 52.04 10.10
CA LEU F 115 -2.05 53.28 9.36
C LEU F 115 -1.61 54.39 10.31
N LYS F 116 -0.52 55.06 9.97
CA LYS F 116 0.11 56.04 10.84
C LYS F 116 0.03 57.46 10.31
N HIS F 117 0.08 57.65 9.00
CA HIS F 117 0.05 58.98 8.40
C HIS F 117 -1.17 59.09 7.49
N TRP F 118 -1.91 60.19 7.65
CA TRP F 118 -3.18 60.39 6.96
C TRP F 118 -3.17 61.70 6.20
N GLY F 119 -4.21 61.87 5.38
CA GLY F 119 -4.47 63.13 4.72
C GLY F 119 -5.40 64.00 5.56
N GLN F 120 -6.28 64.71 4.86
CA GLN F 120 -7.26 65.56 5.52
C GLN F 120 -8.69 65.14 5.26
N GLY F 121 -8.95 64.32 4.24
CA GLY F 121 -10.29 63.87 3.94
C GLY F 121 -10.77 64.30 2.56
N THR F 122 -11.69 63.54 1.98
CA THR F 122 -12.24 63.86 0.67
C THR F 122 -13.69 63.43 0.63
N LEU F 123 -14.60 64.39 0.48
CA LEU F 123 -16.03 64.13 0.45
C LEU F 123 -16.50 64.06 -1.00
N VAL F 124 -17.37 63.09 -1.28
CA VAL F 124 -17.93 62.91 -2.60
C VAL F 124 -19.44 62.77 -2.45
N THR F 125 -20.17 63.24 -3.47
CA THR F 125 -21.63 63.19 -3.49
C THR F 125 -22.09 62.59 -4.81
N VAL F 126 -22.96 61.60 -4.72
CA VAL F 126 -23.47 60.90 -5.90
C VAL F 126 -24.98 60.75 -5.78
N SER F 127 -25.70 61.39 -6.70
CA SER F 127 -27.16 61.36 -6.73
C SER F 127 -27.64 61.97 -8.04
N SER F 128 -28.95 62.18 -8.17
CA SER F 128 -29.48 62.88 -9.35
C SER F 128 -28.87 64.26 -9.48
N ALA F 129 -29.07 65.11 -8.48
CA ALA F 129 -28.51 66.46 -8.50
C ALA F 129 -27.11 66.48 -7.90
N ASP G 1 -17.92 -0.61 30.23
CA ASP G 1 -19.34 -0.67 30.54
C ASP G 1 -19.89 0.70 30.87
N ILE G 2 -20.94 1.12 30.14
CA ILE G 2 -21.57 2.40 30.38
C ILE G 2 -22.34 2.34 31.69
N VAL G 3 -22.11 3.30 32.57
CA VAL G 3 -22.72 3.35 33.88
C VAL G 3 -23.24 4.75 34.14
N MET G 4 -24.41 4.85 34.76
CA MET G 4 -25.01 6.11 35.16
C MET G 4 -24.97 6.24 36.67
N THR G 5 -24.59 7.42 37.15
CA THR G 5 -24.51 7.69 38.59
C THR G 5 -25.42 8.86 38.92
N GLN G 6 -26.09 8.74 40.06
CA GLN G 6 -27.06 9.75 40.49
C GLN G 6 -26.37 10.89 41.23
N SER G 7 -26.89 12.10 41.04
CA SER G 7 -26.40 13.27 41.76
C SER G 7 -27.46 14.36 41.77
N PRO G 8 -27.90 14.82 42.95
CA PRO G 8 -27.47 14.30 44.25
C PRO G 8 -28.21 13.02 44.63
N ALA G 9 -27.85 12.42 45.76
CA ALA G 9 -28.53 11.22 46.22
C ALA G 9 -29.96 11.53 46.63
N THR G 10 -30.18 12.70 47.24
CA THR G 10 -31.50 13.12 47.68
C THR G 10 -31.61 14.63 47.55
N LEU G 11 -32.83 15.10 47.27
CA LEU G 11 -33.12 16.52 47.22
C LEU G 11 -34.46 16.76 47.90
N SER G 12 -34.42 17.28 49.12
CA SER G 12 -35.61 17.65 49.88
C SER G 12 -35.66 19.18 49.93
N VAL G 13 -36.54 19.77 49.13
CA VAL G 13 -36.64 21.22 48.99
C VAL G 13 -38.09 21.63 49.22
N SER G 14 -38.27 22.88 49.63
CA SER G 14 -39.56 23.45 49.98
C SER G 14 -40.34 23.86 48.73
N PRO G 15 -41.68 23.96 48.83
CA PRO G 15 -42.48 24.33 47.68
C PRO G 15 -42.19 25.74 47.19
N GLY G 16 -42.78 26.13 46.06
CA GLY G 16 -42.63 27.46 45.53
C GLY G 16 -41.23 27.81 45.07
N GLU G 17 -40.28 26.89 45.28
CA GLU G 17 -38.88 27.11 44.97
C GLU G 17 -38.48 26.28 43.75
N ARG G 18 -37.19 26.33 43.42
CA ARG G 18 -36.64 25.59 42.28
C ARG G 18 -35.74 24.47 42.78
N ALA G 19 -35.81 23.33 42.09
CA ALA G 19 -34.98 22.17 42.39
C ALA G 19 -34.37 21.65 41.10
N THR G 20 -33.13 21.19 41.17
CA THR G 20 -32.42 20.71 40.00
C THR G 20 -31.90 19.29 40.23
N LEU G 21 -31.67 18.58 39.13
CA LEU G 21 -31.22 17.19 39.17
C LEU G 21 -30.17 16.98 38.08
N SER G 22 -29.28 16.02 38.33
CA SER G 22 -28.22 15.70 37.39
C SER G 22 -28.04 14.19 37.33
N CYS G 23 -27.47 13.74 36.22
CA CYS G 23 -27.12 12.34 36.01
C CYS G 23 -25.80 12.28 35.27
N ARG G 24 -24.89 11.44 35.75
CA ARG G 24 -23.54 11.36 35.23
C ARG G 24 -23.34 10.05 34.49
N ALA G 25 -22.75 10.15 33.29
CA ALA G 25 -22.50 8.99 32.44
C ALA G 25 -21.01 8.68 32.43
N SER G 26 -20.69 7.43 32.08
CA SER G 26 -19.29 7.03 32.05
C SER G 26 -18.59 7.48 30.77
N GLU G 27 -19.27 7.45 29.64
CA GLU G 27 -18.66 7.82 28.36
C GLU G 27 -19.68 8.62 27.54
N SER G 28 -19.36 8.80 26.26
CA SER G 28 -20.20 9.62 25.34
C SER G 28 -21.57 8.99 25.08
N VAL G 29 -22.63 9.67 25.51
CA VAL G 29 -24.04 9.24 25.24
C VAL G 29 -24.71 10.35 24.42
N SER G 30 -23.89 11.11 23.69
CA SER G 30 -24.19 12.24 22.79
C SER G 30 -25.60 12.84 22.95
N SER G 31 -26.64 12.09 22.62
CA SER G 31 -27.99 12.64 22.59
C SER G 31 -29.04 11.57 22.79
N ASP G 32 -28.80 10.65 23.73
CA ASP G 32 -29.75 9.58 24.04
C ASP G 32 -29.96 9.55 25.55
N LEU G 33 -31.09 10.07 26.01
CA LEU G 33 -31.40 10.05 27.43
C LEU G 33 -32.86 10.41 27.64
N ALA G 34 -33.45 9.85 28.68
CA ALA G 34 -34.82 10.17 29.05
C ALA G 34 -34.91 10.35 30.55
N TRP G 35 -36.01 10.95 31.00
CA TRP G 35 -36.28 11.15 32.42
C TRP G 35 -37.70 10.71 32.72
N TYR G 36 -37.84 9.87 33.74
CA TYR G 36 -39.14 9.34 34.14
C TYR G 36 -39.45 9.76 35.57
N GLN G 37 -40.74 9.88 35.86
CA GLN G 37 -41.21 10.30 37.17
C GLN G 37 -42.03 9.16 37.78
N GLN G 38 -41.52 8.56 38.85
CA GLN G 38 -42.15 7.41 39.47
C GLN G 38 -42.97 7.87 40.67
N LYS G 39 -44.24 7.51 40.66
CA LYS G 39 -45.19 7.85 41.72
C LYS G 39 -45.28 6.69 42.72
N PRO G 40 -45.97 6.90 43.85
CA PRO G 40 -46.13 5.80 44.80
C PRO G 40 -47.06 4.72 44.27
N GLY G 41 -46.50 3.58 43.89
CA GLY G 41 -47.30 2.47 43.41
C GLY G 41 -47.96 2.67 42.07
N GLN G 42 -47.55 3.68 41.32
CA GLN G 42 -48.15 3.98 40.02
C GLN G 42 -47.11 3.80 38.91
N ALA G 43 -47.61 3.57 37.72
CA ALA G 43 -46.75 3.43 36.56
C ALA G 43 -45.98 4.73 36.34
N PRO G 44 -44.68 4.68 36.05
CA PRO G 44 -43.93 5.91 35.80
C PRO G 44 -44.50 6.68 34.62
N ARG G 45 -43.98 7.88 34.43
CA ARG G 45 -44.44 8.78 33.39
C ARG G 45 -43.25 9.28 32.59
N LEU G 46 -43.46 9.43 31.29
CA LEU G 46 -42.42 9.94 30.40
C LEU G 46 -42.52 11.46 30.34
N LEU G 47 -41.40 12.13 30.58
CA LEU G 47 -41.34 13.58 30.52
C LEU G 47 -40.40 14.08 29.45
N ILE G 48 -39.15 13.61 29.45
CA ILE G 48 -38.12 14.10 28.55
C ILE G 48 -37.59 12.95 27.71
N TYR G 49 -37.20 13.25 26.48
CA TYR G 49 -36.52 12.30 25.62
C TYR G 49 -35.66 13.08 24.64
N GLY G 50 -34.50 12.53 24.33
CA GLY G 50 -33.52 13.28 23.57
C GLY G 50 -32.84 14.37 24.37
N ALA G 51 -33.08 14.43 25.67
CA ALA G 51 -32.40 15.31 26.62
C ALA G 51 -32.78 16.78 26.44
N SER G 52 -33.57 17.10 25.41
CA SER G 52 -33.97 18.49 25.22
C SER G 52 -35.40 18.68 24.79
N THR G 53 -36.21 17.64 24.66
CA THR G 53 -37.58 17.75 24.19
C THR G 53 -38.54 17.45 25.33
N ARG G 54 -39.82 17.70 25.11
CA ARG G 54 -40.85 17.43 26.09
C ARG G 54 -41.98 16.62 25.48
N ALA G 55 -42.61 15.79 26.29
CA ALA G 55 -43.66 14.90 25.84
C ALA G 55 -44.98 15.64 25.75
N THR G 56 -46.06 14.90 25.56
CA THR G 56 -47.39 15.48 25.51
C THR G 56 -47.98 15.64 26.90
N GLY G 57 -48.78 16.68 27.09
CA GLY G 57 -49.38 16.93 28.38
C GLY G 57 -48.37 17.16 29.49
N VAL G 58 -47.48 18.12 29.31
CA VAL G 58 -46.41 18.40 30.26
C VAL G 58 -46.46 19.88 30.62
N PRO G 59 -46.36 20.25 31.90
CA PRO G 59 -46.18 21.66 32.26
C PRO G 59 -44.76 22.12 31.92
N ALA G 60 -44.66 23.28 31.29
CA ALA G 60 -43.38 23.74 30.76
C ALA G 60 -42.30 23.89 31.82
N ARG G 61 -42.64 23.82 33.11
CA ARG G 61 -41.64 24.01 34.15
C ARG G 61 -40.64 22.86 34.25
N PHE G 62 -40.74 21.86 33.37
CA PHE G 62 -39.73 20.82 33.25
C PHE G 62 -38.82 21.12 32.07
N SER G 63 -37.54 20.83 32.23
CA SER G 63 -36.58 21.06 31.15
C SER G 63 -35.27 20.36 31.51
N GLY G 64 -34.64 19.76 30.51
CA GLY G 64 -33.34 19.13 30.71
C GLY G 64 -32.35 19.58 29.67
N SER G 65 -31.06 19.38 29.95
CA SER G 65 -30.00 19.74 29.01
C SER G 65 -28.72 19.06 29.46
N GLY G 66 -27.64 19.35 28.73
CA GLY G 66 -26.36 18.71 28.94
C GLY G 66 -26.02 17.74 27.81
N SER G 67 -24.76 17.36 27.77
CA SER G 67 -24.25 16.39 26.81
C SER G 67 -22.92 15.88 27.35
N GLY G 68 -22.21 15.11 26.53
CA GLY G 68 -20.94 14.57 26.97
C GLY G 68 -21.15 13.33 27.81
N ALA G 69 -21.03 13.49 29.12
CA ALA G 69 -21.38 12.42 30.05
C ALA G 69 -22.18 12.93 31.23
N GLU G 70 -22.70 14.15 31.16
CA GLU G 70 -23.49 14.73 32.25
C GLU G 70 -24.72 15.41 31.65
N PHE G 71 -25.86 15.19 32.28
CA PHE G 71 -27.11 15.79 31.84
C PHE G 71 -27.88 16.26 33.06
N THR G 72 -28.50 17.43 32.96
CA THR G 72 -29.12 18.07 34.11
C THR G 72 -30.57 18.42 33.80
N LEU G 73 -31.45 18.20 34.78
CA LEU G 73 -32.83 18.63 34.73
C LEU G 73 -33.14 19.44 35.96
N THR G 74 -33.95 20.48 35.81
CA THR G 74 -34.37 21.33 36.91
C THR G 74 -35.88 21.54 36.87
N ILE G 75 -36.46 21.70 38.05
CA ILE G 75 -37.87 22.03 38.21
C ILE G 75 -37.95 23.34 38.97
N SER G 76 -38.67 24.32 38.41
CA SER G 76 -38.57 25.70 38.88
C SER G 76 -39.58 26.04 39.97
N SER G 77 -40.74 25.38 40.00
CA SER G 77 -41.78 25.75 40.97
C SER G 77 -42.53 24.46 41.34
N LEU G 78 -42.13 23.87 42.46
CA LEU G 78 -42.75 22.64 42.92
C LEU G 78 -44.23 22.86 43.21
N GLN G 79 -44.99 21.78 43.15
CA GLN G 79 -46.38 21.74 43.57
C GLN G 79 -46.54 20.67 44.64
N SER G 80 -47.65 20.72 45.36
CA SER G 80 -47.87 19.77 46.45
C SER G 80 -48.04 18.34 45.97
N GLU G 81 -48.12 18.12 44.66
CA GLU G 81 -48.27 16.78 44.10
C GLU G 81 -47.05 16.33 43.30
N ASP G 82 -46.08 17.20 43.08
CA ASP G 82 -44.90 16.88 42.28
C ASP G 82 -43.80 16.24 43.11
N PHE G 83 -44.11 15.69 44.28
CA PHE G 83 -43.12 14.98 45.07
C PHE G 83 -43.13 13.51 44.68
N ALA G 84 -42.03 13.02 44.14
CA ALA G 84 -41.95 11.66 43.63
C ALA G 84 -40.47 11.32 43.39
N VAL G 85 -40.23 10.17 42.76
CA VAL G 85 -38.89 9.72 42.43
C VAL G 85 -38.62 10.04 40.97
N TYR G 86 -37.35 10.07 40.59
CA TYR G 86 -36.95 10.45 39.24
C TYR G 86 -35.75 9.65 38.79
N TYR G 87 -35.80 9.17 37.54
CA TYR G 87 -34.79 8.27 36.98
C TYR G 87 -34.28 8.79 35.65
N CYS G 88 -33.16 8.23 35.21
CA CYS G 88 -32.53 8.60 33.95
C CYS G 88 -31.91 7.35 33.32
N GLN G 89 -32.26 7.08 32.06
CA GLN G 89 -31.75 5.90 31.38
C GLN G 89 -31.41 6.24 29.95
N GLN G 90 -30.34 5.65 29.44
CA GLN G 90 -29.81 5.95 28.11
C GLN G 90 -29.99 4.75 27.18
N TYR G 91 -30.01 5.04 25.89
CA TYR G 91 -30.31 4.04 24.87
C TYR G 91 -29.41 4.22 23.66
N ASN G 92 -28.11 4.44 23.90
CA ASN G 92 -27.22 4.80 22.79
C ASN G 92 -26.54 3.60 22.14
N ASN G 93 -26.18 2.57 22.90
CA ASN G 93 -25.40 1.48 22.34
C ASN G 93 -26.26 0.54 21.50
N TRP G 94 -25.73 0.15 20.34
CA TRP G 94 -26.34 -0.89 19.52
C TRP G 94 -25.28 -1.93 19.20
N PRO G 95 -25.58 -3.24 19.34
CA PRO G 95 -26.81 -3.93 19.73
C PRO G 95 -27.42 -3.45 21.04
N PRO G 96 -28.71 -3.67 21.23
CA PRO G 96 -29.39 -3.03 22.36
C PRO G 96 -28.96 -3.56 23.72
N ARG G 97 -28.28 -2.71 24.49
CA ARG G 97 -27.99 -2.96 25.91
C ARG G 97 -28.25 -1.63 26.62
N TYR G 98 -29.50 -1.43 27.06
CA TYR G 98 -29.93 -0.16 27.61
C TYR G 98 -29.85 -0.18 29.12
N THR G 99 -28.90 0.55 29.68
CA THR G 99 -28.74 0.68 31.11
C THR G 99 -29.89 1.47 31.71
N PHE G 100 -29.95 1.50 33.03
CA PHE G 100 -31.01 2.20 33.74
C PHE G 100 -30.46 2.83 35.00
N GLY G 101 -30.90 4.06 35.27
CA GLY G 101 -30.41 4.81 36.41
C GLY G 101 -30.83 4.20 37.74
N GLN G 102 -30.45 4.88 38.81
CA GLN G 102 -30.74 4.41 40.16
C GLN G 102 -31.82 5.21 40.87
N GLY G 103 -31.99 6.49 40.52
CA GLY G 103 -33.09 7.28 41.04
C GLY G 103 -32.63 8.36 42.01
N THR G 104 -33.63 9.07 42.55
CA THR G 104 -33.39 10.12 43.52
C THR G 104 -34.64 10.33 44.36
N ARG G 105 -34.45 10.49 45.66
CA ARG G 105 -35.55 10.68 46.59
C ARG G 105 -35.87 12.17 46.73
N LEU G 106 -37.16 12.47 46.86
CA LEU G 106 -37.60 13.86 46.96
C LEU G 106 -38.84 13.92 47.85
N GLU G 107 -38.89 14.90 48.74
CA GLU G 107 -39.97 15.00 49.71
C GLU G 107 -40.05 16.44 50.21
N ILE G 108 -41.15 16.73 50.92
CA ILE G 108 -41.35 18.06 51.49
C ILE G 108 -40.30 18.32 52.57
N LYS G 109 -40.00 19.59 52.79
CA LYS G 109 -39.05 19.99 53.83
C LYS G 109 -39.81 20.45 55.07
N GLU H 1 -51.47 5.53 21.72
CA GLU H 1 -52.80 5.56 22.30
C GLU H 1 -53.40 4.17 22.42
N VAL H 2 -52.59 3.21 22.84
CA VAL H 2 -53.03 1.85 23.09
C VAL H 2 -52.89 1.58 24.58
N GLN H 3 -53.86 0.86 25.14
CA GLN H 3 -53.92 0.59 26.57
C GLN H 3 -53.53 -0.86 26.83
N LEU H 4 -52.59 -1.06 27.75
CA LEU H 4 -51.91 -2.33 27.92
C LEU H 4 -52.24 -2.88 29.30
N VAL H 5 -53.30 -3.68 29.38
CA VAL H 5 -53.72 -4.32 30.62
C VAL H 5 -52.80 -5.51 30.87
N GLU H 6 -51.90 -5.37 31.82
CA GLU H 6 -50.98 -6.45 32.15
C GLU H 6 -51.72 -7.59 32.83
N SER H 7 -50.98 -8.64 33.17
CA SER H 7 -51.57 -9.79 33.82
C SER H 7 -51.83 -9.52 35.29
N GLY H 8 -52.70 -10.34 35.88
CA GLY H 8 -53.01 -10.23 37.28
C GLY H 8 -51.85 -10.69 38.16
N ALA H 9 -52.04 -10.53 39.47
CA ALA H 9 -51.02 -10.93 40.43
C ALA H 9 -50.80 -12.44 40.39
N GLU H 10 -49.57 -12.86 40.68
CA GLU H 10 -49.19 -14.26 40.62
C GLU H 10 -48.26 -14.61 41.78
N VAL H 11 -48.34 -15.85 42.23
CA VAL H 11 -47.47 -16.40 43.27
C VAL H 11 -47.02 -17.78 42.82
N LYS H 12 -45.70 -17.97 42.71
CA LYS H 12 -45.13 -19.18 42.15
C LYS H 12 -44.14 -19.81 43.13
N LYS H 13 -43.42 -20.80 42.62
CA LYS H 13 -42.48 -21.65 43.34
C LYS H 13 -41.07 -21.45 42.80
N PRO H 14 -40.05 -21.83 43.56
CA PRO H 14 -38.68 -21.68 43.07
C PRO H 14 -38.40 -22.62 41.90
N GLY H 15 -37.55 -22.14 40.98
CA GLY H 15 -37.11 -22.93 39.85
C GLY H 15 -38.06 -22.99 38.68
N SER H 16 -39.29 -22.50 38.86
CA SER H 16 -40.33 -22.71 37.86
C SER H 16 -40.14 -21.75 36.69
N SER H 17 -41.19 -21.65 35.87
CA SER H 17 -41.27 -20.70 34.78
C SER H 17 -42.59 -19.96 34.89
N VAL H 18 -42.78 -18.97 34.01
CA VAL H 18 -44.00 -18.17 34.02
C VAL H 18 -44.21 -17.58 32.65
N LYS H 19 -45.48 -17.33 32.31
CA LYS H 19 -45.86 -16.72 31.04
C LYS H 19 -46.83 -15.58 31.33
N VAL H 20 -46.41 -14.36 31.02
CA VAL H 20 -47.18 -13.16 31.35
C VAL H 20 -47.79 -12.60 30.07
N SER H 21 -48.97 -12.02 30.22
CA SER H 21 -49.71 -11.45 29.10
C SER H 21 -49.74 -9.93 29.20
N CYS H 22 -49.99 -9.30 28.06
CA CYS H 22 -50.15 -7.84 28.00
C CYS H 22 -51.03 -7.54 26.79
N LYS H 23 -52.31 -7.30 27.02
CA LYS H 23 -53.27 -7.12 25.94
C LYS H 23 -53.22 -5.69 25.42
N ALA H 24 -52.83 -5.53 24.16
CA ALA H 24 -52.83 -4.24 23.50
C ALA H 24 -54.13 -4.07 22.74
N SER H 25 -54.73 -2.89 22.84
CA SER H 25 -55.97 -2.58 22.15
C SER H 25 -56.15 -1.07 22.10
N GLY H 26 -56.55 -0.56 20.95
CA GLY H 26 -56.77 0.86 20.78
C GLY H 26 -56.31 1.38 19.45
N ASP H 27 -55.37 0.70 18.81
CA ASP H 27 -54.85 1.11 17.51
C ASP H 27 -54.21 -0.09 16.84
N THR H 28 -53.78 0.11 15.61
CA THR H 28 -53.08 -0.92 14.86
C THR H 28 -51.88 -1.43 15.66
N PHE H 29 -51.56 -2.71 15.47
CA PHE H 29 -50.65 -3.39 16.39
C PHE H 29 -49.20 -3.30 15.94
N ILE H 30 -48.92 -3.56 14.67
CA ILE H 30 -47.55 -3.80 14.25
C ILE H 30 -46.79 -2.50 14.02
N ARG H 31 -47.41 -1.37 14.36
CA ARG H 31 -46.70 -0.10 14.36
C ARG H 31 -46.02 0.19 15.69
N TYR H 32 -46.06 -0.74 16.63
CA TYR H 32 -45.60 -0.49 17.98
C TYR H 32 -44.51 -1.48 18.39
N SER H 33 -43.41 -0.96 18.91
CA SER H 33 -42.43 -1.78 19.59
C SER H 33 -42.95 -2.13 20.97
N PHE H 34 -42.14 -2.86 21.74
CA PHE H 34 -42.52 -3.24 23.10
C PHE H 34 -41.27 -3.54 23.90
N THR H 35 -41.39 -3.42 25.22
CA THR H 35 -40.28 -3.62 26.14
C THR H 35 -40.85 -4.01 27.50
N TRP H 36 -40.14 -4.88 28.20
CA TRP H 36 -40.54 -5.33 29.52
C TRP H 36 -39.48 -4.91 30.54
N VAL H 37 -39.91 -4.18 31.56
CA VAL H 37 -39.03 -3.71 32.63
C VAL H 37 -39.62 -4.15 33.96
N ARG H 38 -38.74 -4.37 34.93
CA ARG H 38 -39.15 -4.86 36.23
C ARG H 38 -38.54 -4.01 37.33
N GLN H 39 -39.16 -4.08 38.51
CA GLN H 39 -38.71 -3.33 39.67
C GLN H 39 -38.82 -4.18 40.92
N ALA H 40 -37.75 -4.23 41.68
CA ALA H 40 -37.73 -4.85 43.01
C ALA H 40 -38.08 -3.80 44.06
N PRO H 41 -38.61 -4.22 45.21
CA PRO H 41 -39.05 -3.24 46.21
C PRO H 41 -37.91 -2.35 46.67
N GLY H 42 -38.18 -1.04 46.67
CA GLY H 42 -37.21 -0.06 47.09
C GLY H 42 -36.13 0.22 46.07
N GLN H 43 -35.95 -0.67 45.09
CA GLN H 43 -34.89 -0.56 44.11
C GLN H 43 -35.42 -0.05 42.78
N GLY H 44 -34.52 0.55 42.01
CA GLY H 44 -34.89 1.15 40.74
C GLY H 44 -35.36 0.12 39.73
N LEU H 45 -35.71 0.63 38.55
CA LEU H 45 -36.19 -0.21 37.48
C LEU H 45 -35.02 -0.89 36.78
N GLU H 46 -35.30 -2.02 36.13
CA GLU H 46 -34.28 -2.89 35.57
C GLU H 46 -34.67 -3.27 34.15
N TRP H 47 -33.95 -2.73 33.17
CA TRP H 47 -34.25 -3.03 31.78
C TRP H 47 -33.90 -4.48 31.47
N MET H 48 -34.87 -5.23 30.95
CA MET H 48 -34.70 -6.65 30.68
C MET H 48 -34.44 -6.94 29.21
N GLY H 49 -35.23 -6.39 28.30
CA GLY H 49 -35.01 -6.63 26.89
C GLY H 49 -36.08 -6.01 26.05
N ARG H 50 -35.86 -6.07 24.74
CA ARG H 50 -36.69 -5.41 23.74
C ARG H 50 -37.18 -6.41 22.71
N ILE H 51 -38.31 -6.11 22.10
CA ILE H 51 -38.86 -6.89 20.99
C ILE H 51 -39.35 -5.94 19.92
N ILE H 52 -39.12 -6.29 18.66
CA ILE H 52 -39.65 -5.54 17.53
C ILE H 52 -40.83 -6.32 16.96
N THR H 53 -41.86 -5.60 16.52
CA THR H 53 -43.09 -6.26 16.10
C THR H 53 -43.04 -6.69 14.64
N ILE H 54 -42.58 -5.80 13.76
CA ILE H 54 -42.65 -6.09 12.34
C ILE H 54 -41.62 -7.13 11.91
N LEU H 55 -40.59 -7.37 12.73
CA LEU H 55 -39.56 -8.33 12.39
C LEU H 55 -39.44 -9.49 13.36
N ASP H 56 -39.97 -9.36 14.57
CA ASP H 56 -39.85 -10.40 15.60
C ASP H 56 -38.39 -10.80 15.81
N VAL H 57 -37.59 -9.82 16.21
CA VAL H 57 -36.18 -10.04 16.53
C VAL H 57 -35.93 -9.37 17.87
N ALA H 58 -36.03 -10.13 18.95
CA ALA H 58 -35.82 -9.61 20.29
C ALA H 58 -34.34 -9.66 20.67
N HIS H 59 -34.03 -9.08 21.83
CA HIS H 59 -32.71 -9.18 22.44
C HIS H 59 -32.89 -9.20 23.94
N TYR H 60 -31.80 -9.39 24.67
CA TYR H 60 -31.89 -9.53 26.11
C TYR H 60 -30.63 -8.99 26.76
N ALA H 61 -30.75 -8.73 28.07
CA ALA H 61 -29.62 -8.22 28.81
C ALA H 61 -28.58 -9.31 29.04
N PRO H 62 -27.30 -8.95 29.18
CA PRO H 62 -26.26 -9.96 29.39
C PRO H 62 -26.49 -10.81 30.62
N HIS H 63 -26.62 -10.18 31.77
CA HIS H 63 -26.72 -10.91 33.03
C HIS H 63 -28.09 -11.52 33.27
N LEU H 64 -28.96 -11.52 32.26
CA LEU H 64 -30.24 -12.22 32.33
C LEU H 64 -30.42 -13.17 31.15
N GLN H 65 -29.33 -13.61 30.54
CA GLN H 65 -29.43 -14.36 29.29
C GLN H 65 -29.88 -15.80 29.54
N GLY H 66 -30.48 -16.40 28.51
CA GLY H 66 -30.76 -17.82 28.51
C GLY H 66 -32.10 -18.22 29.08
N ARG H 67 -32.40 -17.77 30.30
CA ARG H 67 -33.58 -18.23 31.02
C ARG H 67 -34.76 -17.28 30.88
N VAL H 68 -34.82 -16.52 29.79
CA VAL H 68 -35.93 -15.61 29.54
C VAL H 68 -36.19 -15.57 28.04
N THR H 69 -37.46 -15.37 27.66
CA THR H 69 -37.84 -15.36 26.26
C THR H 69 -39.09 -14.53 26.07
N ILE H 70 -39.08 -13.68 25.04
CA ILE H 70 -40.21 -12.84 24.69
C ILE H 70 -40.79 -13.32 23.37
N THR H 71 -42.10 -13.16 23.21
CA THR H 71 -42.78 -13.61 22.01
C THR H 71 -44.14 -12.91 21.92
N ALA H 72 -44.50 -12.55 20.70
CA ALA H 72 -45.79 -11.93 20.43
C ALA H 72 -46.46 -12.65 19.27
N ASP H 73 -47.78 -12.52 19.18
CA ASP H 73 -48.55 -13.08 18.07
C ASP H 73 -49.42 -11.98 17.49
N LYS H 74 -49.24 -11.72 16.19
CA LYS H 74 -49.92 -10.62 15.54
C LYS H 74 -51.43 -10.86 15.37
N SER H 75 -51.91 -12.06 15.63
CA SER H 75 -53.34 -12.34 15.50
C SER H 75 -54.11 -12.03 16.78
N THR H 76 -53.56 -12.41 17.94
CA THR H 76 -54.21 -12.13 19.21
C THR H 76 -53.74 -10.82 19.83
N SER H 77 -52.70 -10.20 19.28
CA SER H 77 -52.19 -8.90 19.74
C SER H 77 -51.84 -8.94 21.23
N THR H 78 -51.05 -9.93 21.61
CA THR H 78 -50.55 -10.04 22.97
C THR H 78 -49.06 -10.32 22.94
N VAL H 79 -48.33 -9.76 23.89
CA VAL H 79 -46.89 -9.95 24.00
C VAL H 79 -46.64 -10.88 25.18
N TYR H 80 -46.23 -12.10 24.90
CA TYR H 80 -45.96 -13.09 25.93
C TYR H 80 -44.50 -13.00 26.35
N LEU H 81 -44.28 -12.89 27.66
CA LEU H 81 -42.96 -13.01 28.24
C LEU H 81 -42.85 -14.32 28.98
N GLU H 82 -41.71 -14.98 28.87
CA GLU H 82 -41.43 -16.18 29.63
C GLU H 82 -40.09 -16.05 30.29
N LEU H 83 -39.99 -16.51 31.53
CA LEU H 83 -38.74 -16.46 32.29
C LEU H 83 -38.53 -17.81 32.94
N ARG H 84 -37.35 -18.39 32.74
CA ARG H 84 -37.06 -19.74 33.16
C ARG H 84 -36.23 -19.75 34.44
N ASN H 85 -36.37 -20.82 35.20
CA ASN H 85 -35.57 -21.07 36.39
C ASN H 85 -35.69 -19.92 37.40
N LEU H 86 -36.91 -19.74 37.91
CA LEU H 86 -37.16 -18.68 38.87
C LEU H 86 -36.47 -18.98 40.20
N ARG H 87 -36.53 -18.00 41.10
CA ARG H 87 -35.97 -18.10 42.43
C ARG H 87 -36.87 -17.35 43.39
N SER H 88 -36.52 -17.40 44.68
CA SER H 88 -37.29 -16.68 45.68
C SER H 88 -36.81 -15.24 45.85
N ASP H 89 -35.60 -14.94 45.38
CA ASP H 89 -35.06 -13.59 45.51
C ASP H 89 -35.40 -12.70 44.33
N ASP H 90 -35.43 -13.26 43.13
CA ASP H 90 -35.61 -12.46 41.92
C ASP H 90 -37.05 -12.00 41.72
N THR H 91 -37.99 -12.47 42.54
CA THR H 91 -39.38 -12.06 42.39
C THR H 91 -39.53 -10.58 42.68
N ALA H 92 -40.25 -9.89 41.80
CA ALA H 92 -40.36 -8.43 41.84
C ALA H 92 -41.59 -8.03 41.05
N VAL H 93 -41.70 -6.73 40.77
CA VAL H 93 -42.84 -6.17 40.05
C VAL H 93 -42.39 -5.84 38.63
N TYR H 94 -43.01 -6.49 37.65
CA TYR H 94 -42.66 -6.35 36.24
C TYR H 94 -43.66 -5.44 35.54
N PHE H 95 -43.21 -4.81 34.46
CA PHE H 95 -44.00 -3.80 33.77
C PHE H 95 -43.99 -4.02 32.27
N CYS H 96 -45.16 -3.88 31.66
CA CYS H 96 -45.31 -3.90 30.21
C CYS H 96 -45.16 -2.47 29.67
N ALA H 97 -44.50 -2.34 28.53
CA ALA H 97 -44.24 -1.02 27.99
C ALA H 97 -44.21 -1.07 26.48
N GLY H 98 -44.50 0.07 25.86
CA GLY H 98 -44.55 0.17 24.41
C GLY H 98 -44.20 1.56 23.95
N VAL H 99 -44.20 1.73 22.63
CA VAL H 99 -43.88 3.02 22.01
C VAL H 99 -44.33 2.97 20.55
N TYR H 100 -44.67 4.12 19.98
CA TYR H 100 -45.05 4.20 18.58
C TYR H 100 -43.80 4.30 17.71
N GLU H 101 -43.78 3.54 16.61
CA GLU H 101 -42.56 3.34 15.84
C GLU H 101 -42.62 3.87 14.42
N GLY H 102 -43.76 4.36 13.95
CA GLY H 102 -43.85 4.94 12.63
C GLY H 102 -44.76 4.13 11.72
N GLU H 103 -44.84 4.59 10.47
CA GLU H 103 -45.64 3.93 9.45
C GLU H 103 -44.92 2.67 9.02
N ALA H 104 -45.10 1.62 9.83
CA ALA H 104 -44.31 0.40 9.66
C ALA H 104 -44.67 -0.32 8.36
N ASP H 105 -45.94 -0.67 8.19
CA ASP H 105 -46.37 -1.59 7.14
C ASP H 105 -45.93 -1.16 5.75
N GLU H 106 -45.68 0.12 5.51
CA GLU H 106 -45.17 0.58 4.23
C GLU H 106 -43.66 0.72 4.23
N GLY H 107 -42.98 -0.02 5.11
CA GLY H 107 -41.54 -0.02 5.10
C GLY H 107 -40.88 1.21 5.70
N GLU H 108 -41.38 1.72 6.82
CA GLU H 108 -40.75 2.82 7.51
C GLU H 108 -40.63 2.50 8.98
N TYR H 109 -39.48 2.84 9.57
CA TYR H 109 -39.20 2.44 10.94
C TYR H 109 -38.23 3.44 11.55
N ASP H 110 -38.57 3.97 12.72
CA ASP H 110 -37.75 4.99 13.36
C ASP H 110 -36.78 4.43 14.39
N ASN H 111 -37.11 3.30 15.01
CA ASN H 111 -36.21 2.57 15.91
C ASN H 111 -35.82 3.43 17.13
N ASN H 112 -36.84 3.78 17.92
CA ASN H 112 -36.62 4.50 19.16
C ASN H 112 -36.36 3.53 20.31
N GLY H 113 -35.87 4.06 21.43
CA GLY H 113 -35.54 3.23 22.56
C GLY H 113 -36.37 3.44 23.81
N PHE H 114 -36.82 4.67 24.06
CA PHE H 114 -37.53 5.00 25.29
C PHE H 114 -38.91 4.37 25.30
N LEU H 115 -39.65 4.62 26.39
CA LEU H 115 -40.92 3.95 26.66
C LEU H 115 -41.96 4.98 27.06
N LYS H 116 -42.99 5.15 26.24
CA LYS H 116 -44.03 6.14 26.52
C LYS H 116 -45.24 5.54 27.22
N HIS H 117 -45.90 4.57 26.58
CA HIS H 117 -47.12 3.99 27.14
C HIS H 117 -46.78 2.87 28.10
N TRP H 118 -47.40 2.89 29.28
CA TRP H 118 -47.14 1.91 30.32
C TRP H 118 -48.44 1.27 30.79
N GLY H 119 -48.33 0.03 31.25
CA GLY H 119 -49.43 -0.64 31.91
C GLY H 119 -49.55 -0.19 33.34
N GLN H 120 -49.97 -1.13 34.20
CA GLN H 120 -50.05 -0.90 35.63
C GLN H 120 -49.17 -1.82 36.44
N GLY H 121 -48.27 -2.57 35.79
CA GLY H 121 -47.37 -3.46 36.49
C GLY H 121 -47.98 -4.82 36.78
N THR H 122 -47.13 -5.71 37.29
CA THR H 122 -47.54 -7.06 37.65
C THR H 122 -46.85 -7.45 38.95
N LEU H 123 -47.49 -8.33 39.71
CA LEU H 123 -46.94 -8.80 40.97
C LEU H 123 -46.52 -10.25 40.81
N VAL H 124 -45.24 -10.53 41.03
CA VAL H 124 -44.69 -11.88 40.93
C VAL H 124 -43.95 -12.19 42.22
N THR H 125 -44.34 -13.30 42.86
CA THR H 125 -43.80 -13.65 44.16
C THR H 125 -43.57 -15.15 44.25
N VAL H 126 -42.50 -15.54 44.94
CA VAL H 126 -42.23 -16.93 45.30
C VAL H 126 -42.16 -17.00 46.82
N SER H 127 -42.97 -17.87 47.40
CA SER H 127 -43.13 -17.91 48.85
C SER H 127 -43.27 -19.35 49.32
N SER H 128 -43.32 -19.51 50.64
CA SER H 128 -43.49 -20.80 51.27
C SER H 128 -44.65 -20.83 52.26
N ALA H 129 -45.54 -19.85 52.21
CA ALA H 129 -46.68 -19.80 53.12
C ALA H 129 -47.93 -20.39 52.47
N ASN I 2 16.45 38.06 -16.94
CA ASN I 2 16.16 38.94 -18.07
C ASN I 2 17.42 39.65 -18.54
N LEU I 3 18.06 39.09 -19.55
CA LEU I 3 19.35 39.59 -20.01
C LEU I 3 19.36 41.06 -20.44
N HIS I 4 18.36 41.53 -21.18
CA HIS I 4 18.33 42.94 -21.53
C HIS I 4 18.51 43.82 -20.31
N PHE I 5 17.55 43.75 -19.37
CA PHE I 5 17.61 44.61 -18.19
C PHE I 5 18.93 44.50 -17.46
N CYS I 6 19.55 43.32 -17.46
CA CYS I 6 20.88 43.17 -16.91
C CYS I 6 21.85 44.14 -17.56
N GLN I 7 21.80 44.25 -18.89
CA GLN I 7 22.74 45.10 -19.59
C GLN I 7 22.43 46.57 -19.34
N LEU I 8 21.17 46.91 -19.05
CA LEU I 8 20.85 48.28 -18.68
C LEU I 8 21.54 48.71 -17.39
N ARG I 9 21.27 48.04 -16.28
CA ARG I 9 21.81 48.47 -15.01
C ARG I 9 23.32 48.36 -14.94
N CYS I 10 23.89 47.27 -15.45
CA CYS I 10 25.33 47.11 -15.41
C CYS I 10 26.03 48.19 -16.22
N LYS I 11 25.44 48.59 -17.35
CA LYS I 11 25.98 49.71 -18.11
C LYS I 11 25.87 51.02 -17.33
N SER I 12 24.80 51.18 -16.55
CA SER I 12 24.62 52.38 -15.75
C SER I 12 25.65 52.51 -14.64
N LEU I 13 26.52 51.52 -14.45
CA LEU I 13 27.57 51.58 -13.45
C LEU I 13 28.95 51.50 -14.06
N GLY I 14 29.06 51.18 -15.35
CA GLY I 14 30.34 51.14 -16.01
C GLY I 14 30.94 49.76 -16.19
N LEU I 15 30.13 48.71 -16.13
CA LEU I 15 30.62 47.34 -16.28
C LEU I 15 29.70 46.55 -17.21
N LEU I 16 30.27 45.51 -17.80
CA LEU I 16 29.51 44.62 -18.66
C LEU I 16 28.71 43.64 -17.81
N GLY I 17 27.60 43.17 -18.36
CA GLY I 17 26.75 42.21 -17.69
C GLY I 17 26.65 40.93 -18.49
N ARG I 18 26.39 39.82 -17.79
CA ARG I 18 26.21 38.55 -18.45
C ARG I 18 25.33 37.66 -17.59
N CYS I 19 24.41 36.97 -18.25
CA CYS I 19 23.49 36.08 -17.57
C CYS I 19 24.26 35.00 -16.84
N ALA I 20 23.82 34.69 -15.63
CA ALA I 20 24.45 33.66 -14.81
C ALA I 20 23.53 33.25 -13.68
N THR I 22 18.95 32.56 -13.09
CA THR I 22 17.79 33.38 -13.13
C THR I 22 18.51 34.52 -12.50
N CYS I 24 21.37 37.73 -12.06
CA CYS I 24 22.01 38.80 -12.82
C CYS I 24 23.32 39.28 -12.20
N ALA I 25 24.41 39.20 -12.96
CA ALA I 25 25.73 39.60 -12.47
C ALA I 25 26.40 40.55 -13.45
N CYS I 26 26.97 41.63 -12.92
CA CYS I 26 27.71 42.59 -13.73
C CYS I 26 29.21 42.31 -13.65
N VAL I 27 29.79 41.91 -14.77
CA VAL I 27 31.21 41.62 -14.84
C VAL I 27 32.00 42.90 -15.12
N ASN J 2 -40.49 -15.66 -3.45
CA ASN J 2 -41.34 -16.76 -3.03
C ASN J 2 -42.60 -16.84 -3.88
N LEU J 3 -42.57 -17.68 -4.90
CA LEU J 3 -43.64 -17.74 -5.89
C LEU J 3 -45.02 -18.05 -5.30
N HIS J 4 -45.01 -19.19 -4.56
CA HIS J 4 -46.28 -19.53 -3.92
C HIS J 4 -46.82 -18.34 -3.14
N PHE J 5 -45.99 -17.76 -2.27
CA PHE J 5 -46.43 -16.59 -1.52
C PHE J 5 -46.69 -15.41 -2.43
N CYS J 6 -45.94 -15.28 -3.53
CA CYS J 6 -46.17 -14.17 -4.45
C CYS J 6 -47.52 -14.29 -5.12
N GLN J 7 -47.98 -15.53 -5.34
CA GLN J 7 -49.32 -15.72 -5.90
C GLN J 7 -50.40 -15.28 -4.93
N LEU J 8 -50.20 -15.56 -3.64
CA LEU J 8 -51.23 -15.34 -2.64
C LEU J 8 -51.69 -13.89 -2.57
N ARG J 9 -50.79 -12.94 -2.77
CA ARG J 9 -51.17 -11.55 -2.62
C ARG J 9 -51.76 -10.96 -3.89
N CYS J 10 -51.21 -11.31 -5.05
CA CYS J 10 -51.80 -10.86 -6.30
C CYS J 10 -53.20 -11.45 -6.49
N LYS J 11 -53.45 -12.62 -5.90
CA LYS J 11 -54.77 -13.20 -5.95
C LYS J 11 -55.80 -12.35 -5.22
N SER J 12 -55.38 -11.75 -4.10
CA SER J 12 -56.24 -10.83 -3.37
C SER J 12 -56.56 -9.56 -4.15
N LEU J 13 -55.95 -9.37 -5.33
CA LEU J 13 -56.24 -8.23 -6.18
C LEU J 13 -56.91 -8.63 -7.48
N GLY J 14 -56.97 -9.93 -7.79
CA GLY J 14 -57.58 -10.39 -9.01
C GLY J 14 -56.61 -10.65 -10.15
N LEU J 15 -55.32 -10.80 -9.87
CA LEU J 15 -54.32 -11.06 -10.89
C LEU J 15 -53.46 -12.23 -10.47
N LEU J 16 -52.86 -12.89 -11.46
CA LEU J 16 -51.89 -13.94 -11.18
C LEU J 16 -50.58 -13.32 -10.74
N GLY J 17 -49.68 -14.17 -10.25
CA GLY J 17 -48.35 -13.76 -9.83
C GLY J 17 -47.30 -14.42 -10.71
N ARG J 18 -46.17 -13.74 -10.87
CA ARG J 18 -45.04 -14.31 -11.59
C ARG J 18 -43.75 -13.82 -10.97
N CYS J 19 -42.82 -14.74 -10.80
CA CYS J 19 -41.52 -14.39 -10.23
C CYS J 19 -40.74 -13.54 -11.22
N ALA J 20 -39.98 -12.59 -10.69
CA ALA J 20 -39.17 -11.68 -11.49
C ALA J 20 -38.21 -10.92 -10.60
N THR J 22 -35.74 -11.88 -6.75
CA THR J 22 -36.01 -12.20 -5.40
C THR J 22 -37.17 -11.26 -5.34
N CYS J 24 -41.00 -10.17 -6.12
CA CYS J 24 -42.36 -10.57 -6.52
C CYS J 24 -43.09 -9.46 -7.25
N ALA J 25 -43.77 -9.81 -8.34
CA ALA J 25 -44.50 -8.85 -9.15
C ALA J 25 -45.79 -9.47 -9.66
N CYS J 26 -46.86 -8.68 -9.67
CA CYS J 26 -48.17 -9.15 -10.08
C CYS J 26 -48.28 -9.16 -11.59
N VAL J 27 -49.19 -9.98 -12.11
CA VAL J 27 -49.48 -10.03 -13.53
C VAL J 27 -50.63 -9.10 -13.85
N VAL K 7 5.86 -31.63 -11.33
CA VAL K 7 5.88 -32.69 -12.33
C VAL K 7 6.99 -33.69 -12.10
N PHE K 8 7.86 -33.46 -11.11
CA PHE K 8 8.98 -34.34 -10.88
C PHE K 8 8.57 -35.60 -10.12
N LEU K 9 7.37 -35.62 -9.52
CA LEU K 9 6.80 -36.88 -9.08
C LEU K 9 6.63 -37.86 -10.23
N GLY K 10 6.21 -37.36 -11.40
CA GLY K 10 6.13 -38.19 -12.59
C GLY K 10 7.48 -38.39 -13.23
N PHE K 11 8.33 -37.36 -13.17
CA PHE K 11 9.69 -37.49 -13.70
C PHE K 11 10.50 -38.55 -12.97
N LEU K 12 10.16 -38.85 -11.72
CA LEU K 12 10.89 -39.83 -10.91
C LEU K 12 9.98 -40.94 -10.39
N GLY K 13 8.73 -41.00 -10.84
CA GLY K 13 7.81 -42.00 -10.35
C GLY K 13 7.62 -43.16 -11.32
N ALA K 14 8.50 -43.24 -12.31
CA ALA K 14 8.47 -44.30 -13.31
C ALA K 14 9.78 -45.08 -13.29
N ALA K 15 10.42 -45.13 -12.13
CA ALA K 15 11.66 -45.87 -11.96
C ALA K 15 11.36 -47.36 -11.85
N GLY K 16 12.39 -48.16 -11.61
CA GLY K 16 12.18 -49.60 -11.50
C GLY K 16 11.90 -50.21 -12.85
N SER K 17 10.77 -49.84 -13.43
CA SER K 17 10.41 -50.29 -14.77
C SER K 17 11.49 -49.92 -15.77
N THR K 18 11.58 -50.71 -16.83
CA THR K 18 12.66 -50.58 -17.81
C THR K 18 12.46 -49.28 -18.59
N MET K 19 13.40 -48.96 -19.49
CA MET K 19 13.41 -47.68 -20.18
C MET K 19 12.09 -47.39 -20.89
N GLY K 20 11.40 -48.43 -21.35
CA GLY K 20 10.17 -48.25 -22.10
C GLY K 20 9.11 -47.46 -21.36
N ALA K 21 8.74 -47.93 -20.16
CA ALA K 21 7.67 -47.31 -19.41
C ALA K 21 7.96 -45.84 -19.10
N ALA K 22 9.09 -45.58 -18.43
CA ALA K 22 9.44 -44.22 -18.03
C ALA K 22 9.56 -43.32 -19.25
N SER K 23 10.20 -43.82 -20.31
CA SER K 23 10.39 -42.99 -21.50
C SER K 23 9.05 -42.63 -22.14
N MET K 24 8.19 -43.62 -22.35
CA MET K 24 6.92 -43.34 -23.00
C MET K 24 5.94 -42.61 -22.11
N THR K 25 6.17 -42.57 -20.79
CA THR K 25 5.39 -41.68 -19.95
C THR K 25 5.90 -40.24 -20.02
N LEU K 26 7.21 -40.04 -19.87
CA LEU K 26 7.75 -38.68 -19.90
C LEU K 26 7.52 -38.02 -21.25
N THR K 27 7.48 -38.80 -22.33
CA THR K 27 7.23 -38.22 -23.65
C THR K 27 5.97 -37.36 -23.64
N VAL K 28 4.83 -37.96 -23.31
CA VAL K 28 3.59 -37.21 -23.24
C VAL K 28 3.53 -36.32 -22.01
N GLN K 29 4.27 -36.65 -20.95
CA GLN K 29 4.28 -35.78 -19.78
C GLN K 29 4.90 -34.42 -20.09
N ALA K 30 5.78 -34.36 -21.09
CA ALA K 30 6.29 -33.09 -21.58
C ALA K 30 5.15 -32.11 -21.88
N ARG K 31 4.16 -32.56 -22.65
CA ARG K 31 3.00 -31.72 -22.91
C ARG K 31 2.06 -31.67 -21.71
N ASN K 32 1.99 -32.75 -20.93
CA ASN K 32 1.15 -32.76 -19.73
C ASN K 32 1.73 -31.96 -18.57
N LEU K 33 2.82 -31.23 -18.80
CA LEU K 33 3.34 -30.25 -17.85
C LEU K 33 2.29 -29.24 -17.42
N LEU K 34 1.11 -29.27 -18.03
CA LEU K 34 0.02 -28.34 -17.73
C LEU K 34 -0.26 -28.25 -16.23
N SER K 35 0.00 -29.33 -15.49
CA SER K 35 -0.20 -29.34 -14.04
C SER K 35 1.11 -29.08 -13.31
N ALA K 47 -12.79 -13.62 -1.08
CA ALA K 47 -11.60 -13.25 -0.33
C ALA K 47 -11.82 -11.96 0.45
N PRO K 48 -12.07 -12.08 1.75
CA PRO K 48 -12.26 -10.88 2.58
C PRO K 48 -10.96 -10.11 2.78
N GLU K 49 -10.55 -9.36 1.76
CA GLU K 49 -9.31 -8.60 1.81
C GLU K 49 -9.32 -7.61 2.97
N ALA K 50 -8.46 -7.84 3.96
CA ALA K 50 -8.41 -7.01 5.16
C ALA K 50 -7.17 -6.14 5.13
N GLN K 51 -7.28 -4.95 5.74
CA GLN K 51 -6.16 -4.05 5.86
C GLN K 51 -5.13 -4.53 6.88
N GLN K 52 -5.41 -5.62 7.59
CA GLN K 52 -4.46 -6.13 8.57
C GLN K 52 -3.29 -6.84 7.90
N HIS K 53 -3.59 -7.84 7.08
CA HIS K 53 -2.54 -8.66 6.46
C HIS K 53 -1.97 -7.99 5.22
N LEU K 54 -1.58 -6.73 5.31
CA LEU K 54 -0.78 -6.10 4.28
C LEU K 54 0.71 -6.27 4.53
N LEU K 55 1.08 -7.06 5.54
CA LEU K 55 2.47 -7.44 5.77
C LEU K 55 2.58 -8.93 6.09
N LYS K 56 1.50 -9.69 5.94
CA LYS K 56 1.54 -11.13 6.06
C LYS K 56 1.46 -11.82 4.70
N LEU K 57 0.48 -11.43 3.88
CA LEU K 57 0.34 -12.07 2.58
C LEU K 57 1.47 -11.69 1.64
N THR K 58 1.87 -10.42 1.63
CA THR K 58 2.93 -9.98 0.73
C THR K 58 4.22 -10.75 0.99
N VAL K 59 4.77 -10.62 2.21
CA VAL K 59 5.99 -11.34 2.55
C VAL K 59 5.81 -12.85 2.43
N TRP K 60 4.57 -13.32 2.34
CA TRP K 60 4.31 -14.70 1.96
C TRP K 60 4.13 -14.85 0.46
N GLY K 61 3.51 -13.86 -0.18
CA GLY K 61 3.38 -13.91 -1.63
C GLY K 61 4.72 -13.87 -2.33
N ILE K 62 5.72 -13.21 -1.73
CA ILE K 62 7.03 -13.13 -2.34
C ILE K 62 7.64 -14.51 -2.51
N LYS K 63 7.29 -15.45 -1.63
CA LYS K 63 7.94 -16.75 -1.65
C LYS K 63 7.57 -17.53 -2.91
N GLN K 64 6.27 -17.73 -3.14
CA GLN K 64 5.84 -18.42 -4.36
C GLN K 64 6.41 -17.74 -5.60
N LEU K 65 6.31 -16.42 -5.66
CA LEU K 65 6.88 -15.68 -6.78
C LEU K 65 8.40 -15.78 -6.83
N GLN K 66 9.02 -16.34 -5.80
CA GLN K 66 10.41 -16.76 -5.89
C GLN K 66 10.54 -18.23 -6.19
N ALA K 67 9.42 -18.96 -6.26
CA ALA K 67 9.45 -20.37 -6.63
C ALA K 67 9.19 -20.54 -8.13
N ARG K 68 8.06 -20.03 -8.61
CA ARG K 68 7.74 -20.15 -10.02
C ARG K 68 8.88 -19.65 -10.89
N VAL K 69 9.36 -18.44 -10.62
CA VAL K 69 10.44 -17.88 -11.41
C VAL K 69 11.71 -18.71 -11.29
N LEU K 70 11.96 -19.27 -10.10
CA LEU K 70 13.18 -20.04 -9.89
C LEU K 70 13.17 -21.36 -10.65
N ALA K 71 12.05 -21.75 -11.23
CA ALA K 71 12.04 -22.95 -12.07
C ALA K 71 12.20 -22.59 -13.54
N VAL K 72 11.51 -21.55 -14.00
CA VAL K 72 11.70 -21.06 -15.36
C VAL K 72 13.17 -20.76 -15.61
N GLU K 73 13.87 -20.27 -14.58
CA GLU K 73 15.30 -20.07 -14.73
C GLU K 73 16.03 -21.40 -14.88
N ARG K 74 15.66 -22.39 -14.06
CA ARG K 74 16.28 -23.69 -14.16
C ARG K 74 16.11 -24.29 -15.55
N TYR K 75 14.87 -24.37 -16.01
CA TYR K 75 14.56 -24.93 -17.32
C TYR K 75 15.46 -24.34 -18.40
N LEU K 76 15.39 -23.03 -18.59
CA LEU K 76 16.19 -22.39 -19.63
C LEU K 76 17.68 -22.64 -19.45
N ARG K 77 18.11 -22.89 -18.22
CA ARG K 77 19.53 -23.18 -18.00
C ARG K 77 19.89 -24.59 -18.43
N ASP K 78 18.90 -25.46 -18.63
CA ASP K 78 19.18 -26.78 -19.17
C ASP K 78 19.14 -26.75 -20.70
N GLN K 79 18.05 -26.28 -21.27
CA GLN K 79 17.87 -26.26 -22.71
C GLN K 79 18.99 -25.51 -23.41
N GLN K 80 19.76 -24.73 -22.65
CA GLN K 80 20.98 -24.17 -23.20
C GLN K 80 22.14 -25.15 -23.10
N LEU K 81 22.15 -25.97 -22.05
CA LEU K 81 23.22 -26.96 -21.91
C LEU K 81 23.11 -28.02 -23.00
N LEU K 82 21.93 -28.63 -23.16
CA LEU K 82 21.76 -29.59 -24.24
C LEU K 82 22.04 -28.97 -25.59
N GLY K 83 21.74 -27.68 -25.74
CA GLY K 83 22.01 -27.01 -27.00
C GLY K 83 23.47 -27.05 -27.39
N ILE K 84 24.38 -27.15 -26.42
CA ILE K 84 25.79 -27.21 -26.76
C ILE K 84 26.22 -28.65 -27.05
N TRP K 85 25.42 -29.64 -26.64
CA TRP K 85 25.61 -31.01 -27.13
C TRP K 85 24.76 -31.27 -28.37
N GLY K 86 24.83 -30.37 -29.34
CA GLY K 86 24.13 -30.58 -30.59
C GLY K 86 22.62 -30.47 -30.52
N CYS K 87 21.99 -31.30 -29.68
CA CYS K 87 20.54 -31.44 -29.65
C CYS K 87 19.95 -30.62 -28.51
N SER K 88 19.08 -29.67 -28.85
CA SER K 88 18.34 -28.90 -27.87
C SER K 88 16.85 -29.08 -28.11
N GLY K 89 16.08 -28.93 -27.05
CA GLY K 89 14.64 -29.11 -27.16
C GLY K 89 14.18 -30.55 -27.20
N LYS K 90 14.83 -31.37 -28.01
CA LYS K 90 14.43 -32.78 -28.12
C LYS K 90 14.63 -33.48 -26.79
N LEU K 91 13.61 -34.26 -26.40
CA LEU K 91 13.68 -34.98 -25.13
C LEU K 91 14.76 -36.05 -25.15
N ILE K 92 14.64 -37.00 -26.07
CA ILE K 92 15.57 -38.12 -26.19
C ILE K 92 16.29 -37.95 -27.52
N CYS K 93 17.47 -37.35 -27.49
CA CYS K 93 18.21 -37.04 -28.70
C CYS K 93 19.48 -37.87 -28.76
N CYS K 94 20.00 -38.04 -29.98
CA CYS K 94 21.29 -38.68 -30.17
C CYS K 94 21.87 -38.22 -31.50
N THR K 95 23.13 -37.77 -31.46
CA THR K 95 23.73 -36.94 -32.50
C THR K 95 24.96 -37.62 -33.11
N ASN K 96 25.66 -36.87 -33.98
CA ASN K 96 26.74 -37.41 -34.81
C ASN K 96 28.08 -37.38 -34.07
N VAL K 97 28.20 -38.25 -33.07
CA VAL K 97 29.46 -38.48 -32.37
C VAL K 97 29.51 -39.93 -31.91
N PRO K 98 30.63 -40.63 -32.10
CA PRO K 98 30.71 -42.03 -31.63
C PRO K 98 31.13 -42.11 -30.18
N TRP K 99 30.62 -43.12 -29.48
CA TRP K 99 30.90 -43.28 -28.06
C TRP K 99 31.80 -44.49 -27.82
N ASN K 100 32.71 -44.35 -26.85
CA ASN K 100 33.81 -45.27 -26.64
C ASN K 100 33.34 -46.66 -26.23
N SER K 101 34.30 -47.59 -26.11
CA SER K 101 34.03 -48.94 -25.64
C SER K 101 34.71 -49.26 -24.31
N SER K 102 35.72 -48.48 -23.91
CA SER K 102 36.42 -48.69 -22.64
C SER K 102 35.63 -48.21 -21.44
N TRP K 103 34.41 -47.69 -21.65
CA TRP K 103 33.61 -47.17 -20.54
C TRP K 103 32.95 -48.35 -19.81
N SER K 104 33.74 -48.98 -18.95
CA SER K 104 33.30 -50.11 -18.12
C SER K 104 32.44 -51.07 -18.94
N ASN K 105 33.07 -51.64 -19.97
CA ASN K 105 32.37 -52.38 -21.01
C ASN K 105 31.49 -53.48 -20.42
N ARG K 106 30.18 -53.32 -20.58
CA ARG K 106 29.22 -54.35 -20.21
C ARG K 106 28.82 -55.15 -21.46
N ASN K 107 28.10 -56.24 -21.22
CA ASN K 107 27.57 -57.03 -22.31
C ASN K 107 26.84 -56.15 -23.33
N LEU K 108 27.06 -56.43 -24.62
CA LEU K 108 26.44 -55.66 -25.68
C LEU K 108 25.02 -56.13 -26.00
N SER K 109 24.48 -57.07 -25.23
CA SER K 109 23.14 -57.58 -25.43
C SER K 109 22.21 -57.21 -24.28
N GLU K 110 22.58 -57.57 -23.05
CA GLU K 110 21.74 -57.32 -21.89
C GLU K 110 21.84 -55.89 -21.36
N ILE K 111 22.39 -54.97 -22.15
CA ILE K 111 22.54 -53.59 -21.71
C ILE K 111 21.21 -52.87 -21.58
N TRP K 112 20.10 -53.50 -21.97
CA TRP K 112 18.80 -52.84 -21.94
C TRP K 112 17.78 -53.59 -21.08
N ASP K 113 18.15 -54.67 -20.41
CA ASP K 113 17.23 -55.37 -19.52
C ASP K 113 17.71 -55.42 -18.09
N ASN K 114 18.96 -55.82 -17.86
CA ASN K 114 19.53 -55.91 -16.52
C ASN K 114 20.60 -54.86 -16.28
N MET K 115 20.68 -53.86 -17.15
CA MET K 115 21.59 -52.73 -16.99
C MET K 115 20.77 -51.46 -17.13
N THR K 116 20.40 -50.85 -16.01
CA THR K 116 19.44 -49.75 -16.00
C THR K 116 19.97 -48.61 -15.14
N TRP K 117 19.27 -47.48 -15.18
CA TRP K 117 19.69 -46.31 -14.42
C TRP K 117 19.84 -46.63 -12.94
N LEU K 118 18.89 -47.39 -12.38
CA LEU K 118 18.94 -47.76 -10.96
C LEU K 118 20.17 -48.58 -10.63
N GLN K 119 20.74 -49.27 -11.61
CA GLN K 119 22.08 -49.85 -11.46
C GLN K 119 23.17 -48.93 -11.99
N TRP K 120 22.84 -48.08 -12.97
CA TRP K 120 23.80 -47.10 -13.45
C TRP K 120 24.13 -46.08 -12.37
N ASP K 121 23.09 -45.43 -11.82
CA ASP K 121 23.28 -44.26 -10.97
C ASP K 121 24.29 -44.52 -9.85
N LYS K 122 24.10 -45.60 -9.11
CA LYS K 122 25.04 -45.91 -8.04
C LYS K 122 26.43 -46.18 -8.58
N GLU K 123 26.53 -46.89 -9.72
CA GLU K 123 27.82 -47.07 -10.34
C GLU K 123 28.38 -45.74 -10.84
N ILE K 124 27.52 -44.86 -11.35
CA ILE K 124 27.94 -43.62 -11.98
C ILE K 124 27.67 -42.41 -11.12
N SER K 125 27.34 -42.59 -9.84
CA SER K 125 27.17 -41.44 -8.96
C SER K 125 28.43 -40.60 -8.89
N ASN K 126 29.59 -41.21 -9.15
CA ASN K 126 30.85 -40.49 -9.29
C ASN K 126 31.33 -40.43 -10.73
N TYR K 127 30.53 -40.89 -11.68
CA TYR K 127 30.90 -40.89 -13.09
C TYR K 127 30.13 -39.87 -13.90
N THR K 128 29.35 -38.99 -13.26
CA THR K 128 28.62 -37.97 -14.01
C THR K 128 29.59 -37.02 -14.70
N GLN K 129 30.43 -36.34 -13.92
CA GLN K 129 31.27 -35.29 -14.48
C GLN K 129 32.21 -35.80 -15.56
N ILE K 130 32.63 -37.06 -15.47
CA ILE K 130 33.49 -37.59 -16.53
C ILE K 130 32.68 -37.85 -17.79
N ILE K 131 31.37 -38.12 -17.65
CA ILE K 131 30.53 -38.34 -18.82
C ILE K 131 30.09 -37.01 -19.42
N TYR K 132 29.52 -36.14 -18.58
CA TYR K 132 29.09 -34.83 -19.06
C TYR K 132 30.24 -34.06 -19.67
N GLY K 133 31.47 -34.34 -19.26
CA GLY K 133 32.62 -33.74 -19.87
C GLY K 133 32.89 -34.30 -21.25
N LEU K 134 33.13 -35.61 -21.31
CA LEU K 134 33.54 -36.27 -22.56
C LEU K 134 32.67 -35.88 -23.74
N LEU K 135 31.35 -35.93 -23.55
CA LEU K 135 30.45 -35.81 -24.69
C LEU K 135 30.54 -34.44 -25.35
N GLU K 136 30.54 -33.38 -24.54
CA GLU K 136 30.63 -32.04 -25.12
C GLU K 136 31.98 -31.81 -25.79
N GLU K 137 33.04 -32.44 -25.26
CA GLU K 137 34.34 -32.35 -25.91
C GLU K 137 34.32 -33.04 -27.27
N SER K 138 33.59 -34.15 -27.38
CA SER K 138 33.59 -34.94 -28.60
C SER K 138 32.79 -34.32 -29.74
N GLN K 139 31.98 -33.29 -29.45
CA GLN K 139 31.13 -32.72 -30.49
C GLN K 139 31.92 -31.91 -31.50
N ASN K 140 33.12 -31.47 -31.15
CA ASN K 140 33.82 -30.46 -31.93
C ASN K 140 34.20 -30.92 -33.34
N GLN K 141 33.93 -32.17 -33.70
CA GLN K 141 34.30 -32.63 -35.04
C GLN K 141 33.54 -31.86 -36.12
N GLN K 142 32.29 -31.51 -35.87
CA GLN K 142 31.54 -30.69 -36.82
C GLN K 142 31.78 -29.20 -36.61
N GLU K 143 32.53 -28.82 -35.59
CA GLU K 143 32.77 -27.41 -35.28
C GLU K 143 34.00 -26.85 -35.96
N LYS K 144 34.94 -27.71 -36.39
CA LYS K 144 36.14 -27.23 -37.06
C LYS K 144 35.79 -26.43 -38.31
N ASN K 145 34.89 -26.95 -39.14
CA ASN K 145 34.47 -26.25 -40.34
C ASN K 145 33.50 -25.12 -39.98
N LEU L 2 25.53 -51.23 -26.62
CA LEU L 2 24.78 -50.31 -25.76
C LEU L 2 25.47 -48.94 -25.80
N TRP L 3 24.79 -47.96 -26.38
CA TRP L 3 25.29 -46.59 -26.37
C TRP L 3 24.45 -45.74 -25.42
N VAL L 4 24.90 -44.50 -25.22
CA VAL L 4 24.37 -43.63 -24.19
C VAL L 4 23.42 -42.61 -24.77
N THR L 5 22.23 -42.56 -24.21
CA THR L 5 21.26 -41.53 -24.57
C THR L 5 21.18 -40.52 -23.43
N VAL L 6 20.38 -39.47 -23.62
CA VAL L 6 20.24 -38.40 -22.65
C VAL L 6 18.78 -37.99 -22.65
N TYR L 7 18.22 -37.82 -21.48
CA TYR L 7 16.78 -37.63 -21.35
C TYR L 7 16.49 -36.29 -20.68
N TYR L 8 15.23 -36.07 -20.33
CA TYR L 8 14.89 -34.89 -19.55
C TYR L 8 13.58 -35.14 -18.81
N GLY L 9 13.67 -35.35 -17.51
CA GLY L 9 12.45 -35.40 -16.72
C GLY L 9 12.34 -36.54 -15.73
N VAL L 10 13.27 -37.50 -15.79
CA VAL L 10 13.23 -38.59 -14.81
C VAL L 10 13.27 -38.02 -13.41
N PRO L 11 12.36 -38.38 -12.50
CA PRO L 11 12.34 -37.80 -11.15
C PRO L 11 13.41 -38.40 -10.26
N VAL L 12 14.48 -37.63 -10.03
CA VAL L 12 15.64 -38.12 -9.31
C VAL L 12 16.13 -37.04 -8.35
N TRP L 13 16.42 -37.45 -7.11
CA TRP L 13 16.89 -36.61 -6.03
C TRP L 13 18.40 -36.57 -5.98
N LYS L 14 18.92 -35.71 -5.11
CA LYS L 14 20.29 -35.79 -4.64
C LYS L 14 20.29 -35.15 -3.26
N ASP L 15 20.27 -35.96 -2.20
CA ASP L 15 20.22 -35.40 -0.85
C ASP L 15 21.31 -34.38 -0.63
N ALA L 16 20.92 -33.19 -0.18
CA ALA L 16 21.86 -32.07 -0.09
C ALA L 16 21.41 -31.13 1.03
N GLU L 17 22.07 -29.98 1.11
CA GLU L 17 21.91 -29.10 2.26
C GLU L 17 21.80 -27.66 1.78
N THR L 18 21.19 -26.81 2.60
CA THR L 18 20.77 -25.47 2.21
C THR L 18 21.09 -24.52 3.35
N THR L 19 20.42 -23.37 3.38
CA THR L 19 20.30 -22.55 4.58
C THR L 19 18.84 -22.10 4.72
N LEU L 20 18.06 -22.86 5.48
CA LEU L 20 16.62 -22.70 5.44
C LEU L 20 16.20 -21.46 6.21
N PHE L 21 14.89 -21.28 6.37
CA PHE L 21 14.35 -20.07 6.94
C PHE L 21 13.23 -20.38 7.91
N CYS L 22 13.13 -19.57 8.96
CA CYS L 22 12.18 -19.76 10.05
C CYS L 22 10.74 -19.73 9.60
N ALA L 23 9.85 -19.94 10.56
CA ALA L 23 8.45 -19.53 10.45
C ALA L 23 7.95 -19.45 11.88
N SER L 24 8.07 -18.29 12.50
CA SER L 24 7.81 -18.21 13.93
C SER L 24 6.53 -17.43 14.18
N ASP L 25 5.60 -18.06 14.87
CA ASP L 25 4.32 -17.43 15.19
C ASP L 25 4.55 -16.47 16.36
N ALA L 26 5.18 -15.34 16.07
CA ALA L 26 5.49 -14.37 17.10
C ALA L 26 4.34 -13.38 17.24
N LYS L 27 4.46 -12.46 18.19
CA LYS L 27 3.39 -11.49 18.49
C LYS L 27 3.84 -10.04 18.42
N ALA L 28 5.07 -9.71 18.80
CA ALA L 28 5.73 -8.46 18.44
C ALA L 28 5.27 -7.22 19.21
N TYR L 29 4.26 -7.33 20.06
CA TYR L 29 3.89 -6.20 20.92
C TYR L 29 4.14 -6.46 22.41
N GLU L 30 4.25 -7.72 22.82
CA GLU L 30 4.75 -8.03 24.15
C GLU L 30 6.28 -7.90 24.17
N THR L 31 6.86 -8.04 25.37
CA THR L 31 8.25 -7.64 25.52
C THR L 31 9.14 -8.72 26.12
N GLU L 32 8.76 -9.99 26.03
CA GLU L 32 9.66 -11.01 26.54
C GLU L 32 10.81 -11.22 25.57
N LYS L 33 11.49 -12.34 25.73
CA LYS L 33 12.70 -12.57 24.94
C LYS L 33 12.46 -13.46 23.73
N HIS L 34 11.83 -14.62 23.92
CA HIS L 34 11.49 -15.47 22.78
C HIS L 34 10.60 -14.71 21.81
N ASN L 35 9.53 -14.13 22.34
CA ASN L 35 8.52 -13.49 21.52
C ASN L 35 8.95 -12.12 20.99
N VAL L 36 10.23 -11.76 21.17
CA VAL L 36 10.80 -10.62 20.46
C VAL L 36 11.93 -11.03 19.54
N TRP L 37 12.67 -12.11 19.84
CA TRP L 37 13.62 -12.62 18.87
C TRP L 37 12.90 -13.24 17.70
N ALA L 38 11.76 -13.88 17.97
CA ALA L 38 11.02 -14.60 16.95
C ALA L 38 10.17 -13.68 16.09
N THR L 39 10.23 -12.37 16.30
CA THR L 39 9.55 -11.44 15.42
C THR L 39 10.49 -10.41 14.81
N HIS L 40 11.79 -10.57 14.99
CA HIS L 40 12.75 -9.69 14.36
C HIS L 40 13.75 -10.44 13.51
N ALA L 41 13.75 -11.77 13.58
CA ALA L 41 14.70 -12.57 12.82
C ALA L 41 14.06 -13.81 12.22
N CYS L 42 12.73 -13.85 12.13
CA CYS L 42 12.06 -14.95 11.45
C CYS L 42 10.78 -14.41 10.81
N VAL L 43 9.89 -15.30 10.42
CA VAL L 43 8.69 -14.88 9.69
C VAL L 43 7.46 -15.49 10.34
N PRO L 44 6.29 -14.90 10.16
CA PRO L 44 5.07 -15.51 10.71
C PRO L 44 4.76 -16.81 10.02
N THR L 45 3.83 -17.58 10.57
CA THR L 45 3.50 -18.88 10.03
C THR L 45 3.00 -18.71 8.60
N ASP L 46 3.02 -19.80 7.84
CA ASP L 46 2.58 -19.76 6.45
C ASP L 46 1.13 -20.22 6.40
N PRO L 47 0.19 -19.37 5.97
CA PRO L 47 -1.22 -19.55 6.33
C PRO L 47 -1.81 -20.89 5.97
N ASN L 48 -1.77 -21.25 4.69
CA ASN L 48 -2.33 -22.52 4.21
C ASN L 48 -1.21 -23.35 3.59
N PRO L 49 -0.39 -24.01 4.41
CA PRO L 49 0.66 -24.86 3.83
C PRO L 49 0.03 -26.02 3.10
N GLN L 50 0.71 -26.46 2.04
CA GLN L 50 0.17 -27.45 1.13
C GLN L 50 1.11 -28.64 1.05
N GLU L 51 0.56 -29.81 0.73
CA GLU L 51 1.23 -31.08 0.93
C GLU L 51 1.00 -31.98 -0.27
N ILE L 52 1.88 -32.96 -0.44
CA ILE L 52 1.75 -33.98 -1.48
C ILE L 52 2.22 -35.32 -0.92
N HIS L 53 1.51 -36.39 -1.26
CA HIS L 53 1.92 -37.73 -0.87
C HIS L 53 2.67 -38.42 -2.02
N LEU L 54 3.30 -39.54 -1.68
CA LEU L 54 4.10 -40.33 -2.61
C LEU L 54 3.63 -41.78 -2.61
N GLU L 55 4.30 -42.62 -3.39
CA GLU L 55 3.94 -44.03 -3.48
C GLU L 55 5.20 -44.85 -3.68
N ASN L 56 5.21 -46.08 -3.16
CA ASN L 56 6.21 -47.07 -3.57
C ASN L 56 7.63 -46.56 -3.39
N VAL L 57 7.79 -45.60 -2.49
CA VAL L 57 8.98 -44.79 -2.42
C VAL L 57 9.75 -45.21 -1.17
N THR L 58 10.68 -46.14 -1.35
CA THR L 58 11.51 -46.57 -0.23
C THR L 58 12.63 -45.56 0.00
N GLU L 59 12.57 -44.91 1.16
CA GLU L 59 13.55 -43.86 1.44
C GLU L 59 14.31 -44.21 2.70
N GLU L 60 15.63 -44.19 2.60
CA GLU L 60 16.52 -44.68 3.66
C GLU L 60 17.02 -43.48 4.44
N PHE L 61 16.40 -43.21 5.57
CA PHE L 61 16.82 -42.10 6.40
C PHE L 61 18.04 -42.47 7.22
N ASN L 62 18.40 -41.57 8.14
CA ASN L 62 19.35 -41.84 9.21
C ASN L 62 19.26 -40.68 10.19
N MET L 63 19.06 -40.99 11.47
CA MET L 63 18.78 -39.96 12.46
C MET L 63 20.01 -39.42 13.15
N TRP L 64 21.12 -40.12 13.09
CA TRP L 64 22.39 -39.56 13.54
C TRP L 64 23.16 -38.91 12.41
N LYS L 65 22.53 -38.76 11.25
CA LYS L 65 23.19 -38.11 10.13
C LYS L 65 22.26 -37.14 9.44
N ASN L 66 21.48 -36.37 10.20
CA ASN L 66 20.70 -35.29 9.61
C ASN L 66 21.46 -33.98 9.71
N ASN L 67 20.98 -33.00 8.96
CA ASN L 67 21.64 -31.70 8.90
C ASN L 67 20.64 -30.56 8.88
N MET L 68 19.35 -30.84 9.07
CA MET L 68 18.43 -29.81 9.53
C MET L 68 18.69 -29.47 10.99
N VAL L 69 19.67 -30.14 11.61
CA VAL L 69 19.97 -29.91 13.02
C VAL L 69 20.51 -28.50 13.23
N GLU L 70 21.70 -28.23 12.69
CA GLU L 70 22.47 -27.07 13.12
C GLU L 70 21.71 -25.78 12.90
N GLN L 71 20.87 -25.76 11.88
CA GLN L 71 20.03 -24.58 11.68
C GLN L 71 19.26 -24.24 12.93
N MET L 72 18.80 -25.24 13.69
CA MET L 72 18.23 -24.94 14.98
C MET L 72 19.29 -24.59 15.99
N HIS L 73 20.44 -25.24 15.87
CA HIS L 73 21.52 -25.03 16.83
C HIS L 73 22.28 -23.75 16.58
N THR L 74 21.77 -22.84 15.76
CA THR L 74 22.30 -21.50 15.69
C THR L 74 21.22 -20.44 15.89
N ASP L 75 20.03 -20.66 15.34
CA ASP L 75 18.91 -19.82 15.71
C ASP L 75 18.71 -19.81 17.22
N ILE L 76 18.91 -20.96 17.88
CA ILE L 76 18.68 -21.00 19.31
C ILE L 76 19.82 -20.37 20.08
N ILE L 77 21.08 -20.52 19.63
CA ILE L 77 22.15 -19.84 20.34
C ILE L 77 21.95 -18.33 20.25
N SER L 78 21.44 -17.84 19.12
CA SER L 78 21.10 -16.43 19.09
C SER L 78 19.96 -16.10 20.04
N LEU L 79 18.91 -16.92 20.05
CA LEU L 79 17.79 -16.74 20.96
C LEU L 79 18.26 -16.63 22.40
N TRP L 80 19.32 -17.35 22.75
CA TRP L 80 19.88 -17.27 24.09
C TRP L 80 20.74 -16.02 24.24
N ASP L 81 21.55 -15.71 23.23
CA ASP L 81 22.50 -14.62 23.35
C ASP L 81 21.83 -13.26 23.41
N GLN L 82 20.70 -13.08 22.74
CA GLN L 82 20.03 -11.79 22.69
C GLN L 82 18.92 -11.68 23.72
N SER L 83 18.76 -12.67 24.59
CA SER L 83 17.65 -12.72 25.53
C SER L 83 18.08 -12.71 26.98
N LEU L 84 18.83 -13.72 27.41
CA LEU L 84 19.24 -13.86 28.80
C LEU L 84 20.68 -13.43 28.86
N LYS L 85 20.90 -12.13 28.89
CA LYS L 85 22.25 -11.58 28.90
C LYS L 85 22.77 -11.60 30.31
N PRO L 86 23.59 -12.58 30.68
CA PRO L 86 24.00 -12.68 32.08
C PRO L 86 24.87 -11.49 32.46
N CYS L 87 24.93 -11.19 33.75
CA CYS L 87 25.70 -10.06 34.23
C CYS L 87 27.17 -10.16 33.90
N VAL L 88 27.88 -11.17 34.39
CA VAL L 88 29.30 -11.35 34.11
C VAL L 88 29.42 -12.54 33.17
N LYS L 89 29.41 -12.25 31.87
CA LYS L 89 29.45 -13.28 30.83
C LYS L 89 30.88 -13.78 30.72
N LEU L 90 31.28 -14.56 31.71
CA LEU L 90 32.65 -15.07 31.77
C LEU L 90 32.88 -16.09 30.67
N THR L 91 33.78 -15.78 29.74
CA THR L 91 34.11 -16.67 28.63
C THR L 91 35.60 -17.00 28.64
N PRO L 92 35.96 -18.20 29.04
CA PRO L 92 37.36 -18.64 28.97
C PRO L 92 37.84 -18.75 27.54
N LEU L 93 38.87 -17.98 27.19
CA LEU L 93 39.37 -18.02 25.82
C LEU L 93 40.37 -19.16 25.61
N ASN L 165 42.34 -16.61 30.33
CA ASN L 165 41.88 -15.22 30.39
C ASN L 165 40.39 -15.18 30.05
N THR L 166 39.59 -15.12 31.10
CA THR L 166 38.13 -15.12 30.97
C THR L 166 37.64 -13.68 30.90
N SER L 167 37.74 -13.08 29.72
CA SER L 167 37.18 -11.76 29.49
C SER L 167 35.66 -11.83 29.56
N ALA L 168 35.03 -10.69 29.84
CA ALA L 168 33.58 -10.68 30.02
C ALA L 168 33.06 -9.25 29.82
N ILE L 169 32.12 -9.10 28.92
CA ILE L 169 31.32 -7.88 28.80
C ILE L 169 30.23 -7.91 29.86
N THR L 170 30.39 -7.11 30.89
CA THR L 170 29.39 -7.07 31.95
C THR L 170 28.39 -5.97 31.65
N GLN L 171 27.13 -6.37 31.49
CA GLN L 171 26.09 -5.51 30.96
C GLN L 171 25.13 -5.13 32.07
N ALA L 172 24.31 -4.13 31.79
CA ALA L 172 23.08 -3.94 32.53
C ALA L 172 22.33 -5.25 32.45
N CYS L 173 22.08 -5.87 33.60
CA CYS L 173 21.71 -7.27 33.68
C CYS L 173 20.34 -7.39 34.34
N PRO L 174 19.32 -6.72 33.82
CA PRO L 174 18.08 -6.55 34.58
C PRO L 174 17.16 -7.75 34.39
N LYS L 175 16.12 -7.77 35.21
CA LYS L 175 15.12 -8.82 35.13
C LYS L 175 14.26 -8.61 33.90
N VAL L 176 13.95 -9.71 33.22
CA VAL L 176 13.20 -9.69 31.97
C VAL L 176 12.24 -10.87 31.97
N SER L 177 11.10 -10.69 31.32
CA SER L 177 10.11 -11.75 31.23
C SER L 177 10.71 -12.96 30.55
N PHE L 178 9.95 -14.06 30.49
CA PHE L 178 10.43 -15.22 29.73
C PHE L 178 9.31 -16.23 29.53
N GLU L 179 9.16 -16.71 28.28
CA GLU L 179 8.58 -18.03 27.98
C GLU L 179 8.90 -18.32 26.50
N PRO L 180 9.09 -19.59 26.13
CA PRO L 180 9.31 -19.90 24.71
C PRO L 180 8.02 -20.16 23.95
N ILE L 181 8.17 -20.38 22.65
CA ILE L 181 7.04 -20.49 21.72
C ILE L 181 7.33 -21.62 20.74
N PRO L 182 6.36 -22.05 19.94
CA PRO L 182 6.66 -23.02 18.88
C PRO L 182 7.25 -22.33 17.66
N ILE L 183 8.32 -22.90 17.13
CA ILE L 183 9.01 -22.39 15.95
C ILE L 183 8.82 -23.41 14.83
N HIS L 184 8.85 -22.94 13.58
CA HIS L 184 8.68 -23.79 12.42
C HIS L 184 9.81 -23.54 11.43
N TYR L 185 10.49 -24.62 11.01
CA TYR L 185 11.51 -24.53 9.97
C TYR L 185 10.91 -24.87 8.61
N CYS L 186 11.10 -23.98 7.65
CA CYS L 186 10.59 -24.23 6.31
C CYS L 186 11.76 -24.26 5.32
N ALA L 187 11.46 -24.70 4.10
CA ALA L 187 12.43 -25.00 3.05
C ALA L 187 12.34 -23.99 1.91
N PRO L 188 13.47 -23.51 1.47
CA PRO L 188 13.51 -22.39 0.53
C PRO L 188 13.09 -22.77 -0.88
N ALA L 189 13.34 -21.86 -1.82
CA ALA L 189 12.96 -22.01 -3.22
C ALA L 189 13.81 -23.07 -3.89
N GLY L 190 13.31 -24.29 -3.99
CA GLY L 190 14.00 -25.31 -4.74
C GLY L 190 14.41 -26.53 -3.95
N PHE L 191 13.69 -26.85 -2.88
CA PHE L 191 13.92 -28.07 -2.14
C PHE L 191 12.60 -28.54 -1.56
N ALA L 192 12.66 -29.65 -0.83
CA ALA L 192 11.49 -30.23 -0.20
C ALA L 192 11.79 -30.58 1.24
N ILE L 193 10.87 -31.33 1.86
CA ILE L 193 11.07 -31.96 3.15
C ILE L 193 10.25 -33.25 3.16
N LEU L 194 10.87 -34.36 3.55
CA LEU L 194 10.27 -35.68 3.42
C LEU L 194 10.14 -36.36 4.79
N LYS L 195 8.90 -36.52 5.26
CA LYS L 195 8.65 -37.13 6.55
C LYS L 195 9.04 -38.62 6.51
N CYS L 196 8.83 -39.30 7.65
CA CYS L 196 8.75 -40.77 7.70
C CYS L 196 7.56 -41.11 8.59
N LYS L 197 6.38 -41.13 7.98
CA LYS L 197 5.09 -41.18 8.66
C LYS L 197 4.82 -42.46 9.37
N ASP L 198 5.65 -43.49 9.23
CA ASP L 198 5.41 -44.74 9.93
C ASP L 198 5.59 -44.51 11.42
N LYS L 199 5.06 -45.45 12.21
CA LYS L 199 5.24 -45.39 13.65
C LYS L 199 6.12 -46.53 14.15
N LYS L 200 6.98 -47.08 13.29
CA LYS L 200 7.93 -48.10 13.68
C LYS L 200 9.35 -47.71 13.33
N PHE L 201 9.65 -46.42 13.23
CA PHE L 201 10.99 -45.97 12.91
C PHE L 201 11.94 -46.40 14.01
N ASN L 202 12.73 -47.44 13.75
CA ASN L 202 13.63 -47.94 14.78
C ASN L 202 14.82 -47.01 14.97
N GLY L 203 14.95 -46.01 14.09
CA GLY L 203 16.04 -45.06 14.16
C GLY L 203 16.72 -44.85 12.83
N THR L 204 16.79 -45.91 12.04
CA THR L 204 17.38 -45.91 10.70
C THR L 204 16.56 -46.82 9.81
N GLY L 205 17.12 -47.19 8.67
CA GLY L 205 16.59 -48.28 7.90
C GLY L 205 15.57 -47.83 6.88
N PRO L 206 15.34 -48.65 5.85
CA PRO L 206 14.42 -48.24 4.79
C PRO L 206 13.04 -47.91 5.34
N CYS L 207 12.73 -46.63 5.35
CA CYS L 207 11.39 -46.18 5.72
C CYS L 207 10.55 -46.23 4.45
N PRO L 208 9.49 -47.03 4.42
CA PRO L 208 8.78 -47.26 3.17
C PRO L 208 7.65 -46.28 2.89
N SER L 209 7.32 -45.38 3.81
CA SER L 209 6.26 -44.42 3.57
C SER L 209 6.76 -43.03 3.96
N VAL L 210 6.58 -42.06 3.08
CA VAL L 210 7.07 -40.70 3.28
C VAL L 210 6.08 -39.73 2.66
N SER L 211 6.02 -38.52 3.19
CA SER L 211 5.26 -37.43 2.61
C SER L 211 6.20 -36.43 1.95
N THR L 212 5.64 -35.32 1.44
CA THR L 212 6.42 -34.12 1.15
C THR L 212 5.66 -32.93 1.67
N VAL L 213 6.42 -31.89 2.04
CA VAL L 213 5.85 -30.78 2.81
C VAL L 213 6.80 -29.61 2.73
N GLN L 214 6.30 -28.41 2.96
CA GLN L 214 7.18 -27.25 3.03
C GLN L 214 7.82 -27.09 4.40
N CYS L 215 7.02 -27.02 5.46
CA CYS L 215 7.49 -26.66 6.79
C CYS L 215 7.47 -27.86 7.73
N THR L 216 8.18 -27.76 8.84
CA THR L 216 8.19 -28.79 9.86
C THR L 216 6.87 -28.81 10.62
N HIS L 217 6.75 -29.78 11.52
CA HIS L 217 5.59 -29.87 12.39
C HIS L 217 5.83 -29.08 13.68
N GLY L 218 4.86 -29.12 14.58
CA GLY L 218 4.95 -28.35 15.80
C GLY L 218 6.10 -28.76 16.70
N ILE L 219 6.98 -27.80 17.04
CA ILE L 219 8.16 -28.06 17.87
C ILE L 219 8.43 -26.86 18.76
N LYS L 220 8.80 -27.13 20.03
CA LYS L 220 9.12 -26.10 21.02
C LYS L 220 10.53 -26.29 21.54
N PRO L 221 11.29 -25.21 21.79
CA PRO L 221 12.67 -25.36 22.27
C PRO L 221 12.80 -25.52 23.78
N VAL L 222 12.74 -26.76 24.26
CA VAL L 222 13.09 -27.12 25.64
C VAL L 222 14.59 -27.37 25.73
N VAL L 223 15.22 -26.75 26.72
CA VAL L 223 16.65 -26.94 26.95
C VAL L 223 16.86 -27.25 28.43
N SER L 224 17.39 -28.43 28.71
CA SER L 224 17.43 -28.98 30.06
C SER L 224 18.50 -30.06 30.10
N THR L 225 18.48 -30.89 31.14
CA THR L 225 19.34 -32.06 31.20
C THR L 225 18.65 -33.16 32.00
N GLN L 226 19.00 -34.41 31.67
CA GLN L 226 18.53 -35.58 32.39
C GLN L 226 17.04 -35.80 32.25
N LEU L 227 16.35 -34.82 31.69
CA LEU L 227 14.89 -34.88 31.59
C LEU L 227 14.50 -33.99 30.43
N LEU L 228 13.93 -34.58 29.39
CA LEU L 228 13.51 -33.80 28.23
C LEU L 228 12.00 -33.60 28.25
N LEU L 229 11.61 -32.33 28.31
CA LEU L 229 10.25 -31.96 28.69
C LEU L 229 9.53 -31.31 27.52
N ASN L 230 8.19 -31.28 27.59
CA ASN L 230 7.30 -30.62 26.60
C ASN L 230 7.51 -31.15 25.16
N GLY L 231 7.65 -32.47 24.99
CA GLY L 231 7.76 -33.04 23.67
C GLY L 231 6.53 -33.87 23.31
N SER L 232 6.16 -33.85 22.04
CA SER L 232 5.04 -34.67 21.59
C SER L 232 5.27 -36.11 21.97
N LEU L 233 4.25 -36.72 22.57
CA LEU L 233 4.29 -38.11 22.95
C LEU L 233 4.44 -38.99 21.72
N ALA L 234 5.05 -40.15 21.92
CA ALA L 234 4.91 -41.20 20.93
C ALA L 234 3.51 -41.80 21.09
N GLU L 235 3.18 -42.80 20.28
CA GLU L 235 1.83 -43.37 20.27
C GLU L 235 1.79 -44.80 20.76
N GLU L 236 2.55 -45.71 20.15
CA GLU L 236 2.34 -47.13 20.36
C GLU L 236 3.04 -47.65 21.62
N GLU L 237 4.36 -47.55 21.68
CA GLU L 237 5.15 -48.07 22.77
C GLU L 237 6.28 -47.08 23.01
N VAL L 238 7.22 -47.44 23.86
CA VAL L 238 8.34 -46.56 24.15
C VAL L 238 9.52 -47.11 23.37
N MET L 239 9.63 -46.71 22.12
CA MET L 239 10.71 -47.20 21.30
C MET L 239 12.01 -46.53 21.74
N ILE L 240 13.12 -47.23 21.51
CA ILE L 240 14.40 -46.85 22.09
C ILE L 240 15.36 -46.66 20.92
N ARG L 241 16.16 -45.61 20.97
CA ARG L 241 16.95 -45.18 19.82
C ARG L 241 18.42 -45.10 20.19
N SER L 242 19.21 -46.00 19.62
CA SER L 242 20.61 -46.13 19.97
C SER L 242 21.51 -45.72 18.82
N GLU L 243 22.78 -45.50 19.14
CA GLU L 243 23.76 -45.33 18.07
C GLU L 243 23.74 -46.55 17.16
N ASN L 244 24.24 -47.67 17.66
CA ASN L 244 23.75 -48.88 17.02
C ASN L 244 22.99 -49.76 17.99
N ILE L 245 23.69 -50.36 18.95
CA ILE L 245 23.19 -50.72 20.28
C ILE L 245 24.37 -51.31 21.01
N THR L 246 24.31 -51.33 22.33
CA THR L 246 25.26 -52.08 23.14
C THR L 246 26.69 -51.64 22.85
N ASN L 247 26.91 -50.32 22.93
CA ASN L 247 28.27 -49.83 23.10
C ASN L 247 28.51 -49.25 24.47
N ASN L 248 27.49 -49.20 25.34
CA ASN L 248 27.58 -48.71 26.71
C ASN L 248 28.07 -47.27 26.80
N ALA L 249 28.26 -46.59 25.66
CA ALA L 249 28.90 -45.29 25.69
C ALA L 249 28.19 -44.28 24.80
N LYS L 250 26.89 -44.48 24.56
CA LYS L 250 26.13 -43.59 23.71
C LYS L 250 24.83 -43.23 24.40
N ASN L 251 24.48 -41.95 24.32
CA ASN L 251 23.31 -41.46 25.02
C ASN L 251 22.05 -42.02 24.40
N ILE L 252 21.53 -43.08 24.99
CA ILE L 252 20.26 -43.64 24.56
C ILE L 252 19.17 -42.58 24.69
N LEU L 253 18.24 -42.58 23.73
CA LEU L 253 17.06 -41.72 23.79
C LEU L 253 15.82 -42.57 23.91
N VAL L 254 14.88 -42.14 24.74
CA VAL L 254 13.64 -42.88 24.95
C VAL L 254 12.46 -41.90 24.99
N GLN L 255 11.25 -42.41 24.79
CA GLN L 255 10.10 -41.56 24.54
C GLN L 255 8.83 -42.27 24.96
N PHE L 256 8.02 -41.59 25.77
CA PHE L 256 6.82 -42.20 26.36
C PHE L 256 5.74 -42.31 25.29
N ASN L 257 4.58 -42.81 25.71
CA ASN L 257 3.35 -42.56 24.99
C ASN L 257 2.34 -41.81 25.84
N THR L 258 2.73 -41.42 27.07
CA THR L 258 1.81 -41.01 28.12
C THR L 258 2.31 -39.75 28.79
N PRO L 259 1.41 -38.81 29.13
CA PRO L 259 1.81 -37.57 29.79
C PRO L 259 1.73 -37.69 31.31
N VAL L 260 2.73 -37.17 32.00
CA VAL L 260 2.64 -37.03 33.44
C VAL L 260 2.92 -35.58 33.82
N GLN L 261 1.87 -34.87 34.23
CA GLN L 261 2.01 -33.48 34.63
C GLN L 261 3.08 -33.35 35.70
N ILE L 262 3.91 -32.32 35.58
CA ILE L 262 4.92 -32.01 36.56
C ILE L 262 4.58 -30.65 37.13
N ASN L 263 4.96 -30.41 38.38
CA ASN L 263 4.63 -29.17 39.07
C ASN L 263 5.55 -29.01 40.26
N CYS L 264 6.41 -27.99 40.18
CA CYS L 264 7.20 -27.51 41.31
C CYS L 264 6.90 -26.03 41.47
N THR L 265 6.66 -25.62 42.71
CA THR L 265 6.26 -24.25 43.01
C THR L 265 7.13 -23.71 44.14
N ARG L 266 7.16 -22.39 44.26
CA ARG L 266 7.88 -21.76 45.36
C ARG L 266 6.90 -21.04 46.27
N PRO L 267 6.89 -21.36 47.55
CA PRO L 267 5.90 -20.79 48.47
C PRO L 267 6.28 -19.40 48.91
N ASN L 268 5.39 -18.78 49.68
CA ASN L 268 5.55 -17.41 50.13
C ASN L 268 5.15 -17.25 51.59
N ILE L 293 17.25 -17.34 51.98
CA ILE L 293 16.97 -18.71 51.57
C ILE L 293 16.73 -18.78 50.07
N ARG L 294 17.53 -19.58 49.37
CA ARG L 294 17.38 -19.83 47.95
C ARG L 294 17.18 -21.32 47.76
N GLN L 295 15.92 -21.75 47.88
CA GLN L 295 15.60 -23.17 47.82
C GLN L 295 14.13 -23.32 47.52
N ALA L 296 13.78 -24.44 46.89
CA ALA L 296 12.40 -24.72 46.52
C ALA L 296 12.19 -26.23 46.52
N HIS L 297 10.92 -26.62 46.50
CA HIS L 297 10.56 -28.03 46.42
C HIS L 297 10.19 -28.35 44.99
N CYS L 298 10.91 -29.28 44.38
CA CYS L 298 10.54 -29.82 43.09
C CYS L 298 9.76 -31.12 43.33
N ASN L 299 8.65 -31.27 42.64
CA ASN L 299 7.59 -32.20 43.01
C ASN L 299 7.01 -32.84 41.77
N VAL L 300 6.74 -34.14 41.85
CA VAL L 300 6.24 -34.93 40.74
C VAL L 300 4.86 -35.44 41.10
N SER L 301 4.03 -35.70 40.10
CA SER L 301 2.91 -36.60 40.32
C SER L 301 3.44 -37.99 40.63
N LYS L 302 3.36 -38.39 41.89
CA LYS L 302 3.81 -39.70 42.30
C LYS L 302 2.69 -40.72 42.05
N ALA L 303 3.05 -42.00 42.16
CA ALA L 303 2.16 -43.14 41.96
C ALA L 303 1.70 -43.22 40.50
N THR L 304 2.10 -42.23 39.70
CA THR L 304 1.98 -42.28 38.25
C THR L 304 3.32 -42.71 37.65
N TRP L 305 4.41 -42.12 38.14
CA TRP L 305 5.76 -42.60 37.84
C TRP L 305 5.84 -44.11 37.93
N ASN L 306 5.03 -44.70 38.82
CA ASN L 306 5.03 -46.17 39.07
C ASN L 306 4.48 -46.94 37.86
N GLU L 307 3.31 -46.55 37.34
CA GLU L 307 2.69 -47.29 36.24
C GLU L 307 3.18 -46.85 34.87
N THR L 308 4.06 -45.86 34.81
CA THR L 308 4.70 -45.47 33.56
C THR L 308 6.07 -46.11 33.35
N LEU L 309 6.81 -46.39 34.41
CA LEU L 309 7.99 -47.24 34.25
C LEU L 309 7.67 -48.71 34.43
N GLY L 310 6.41 -49.06 34.70
CA GLY L 310 6.00 -50.44 34.62
C GLY L 310 5.68 -50.74 33.17
N LYS L 311 5.40 -49.67 32.43
CA LYS L 311 5.19 -49.79 30.99
C LYS L 311 6.49 -50.13 30.29
N VAL L 312 7.59 -49.53 30.73
CA VAL L 312 8.83 -49.57 29.95
C VAL L 312 9.48 -50.94 30.09
N VAL L 313 9.31 -51.58 31.24
CA VAL L 313 10.00 -52.84 31.50
C VAL L 313 9.69 -53.85 30.40
N LYS L 314 8.49 -53.80 29.85
CA LYS L 314 8.14 -54.65 28.72
C LYS L 314 9.07 -54.41 27.54
N GLN L 315 9.36 -53.14 27.23
CA GLN L 315 10.04 -52.83 25.98
C GLN L 315 11.54 -53.08 26.09
N LEU L 316 12.15 -52.76 27.23
CA LEU L 316 13.49 -53.25 27.47
C LEU L 316 13.52 -54.75 27.31
N ARG L 317 12.67 -55.46 28.04
CA ARG L 317 12.54 -56.90 27.89
C ARG L 317 12.00 -57.30 26.51
N LYS L 318 11.79 -56.34 25.60
CA LYS L 318 11.64 -56.72 24.20
C LYS L 318 12.97 -56.81 23.48
N HIS L 319 13.91 -55.92 23.77
CA HIS L 319 15.26 -56.04 23.23
C HIS L 319 16.06 -57.09 24.00
N PHE L 320 15.50 -57.64 25.07
CA PHE L 320 16.27 -58.48 25.98
C PHE L 320 15.39 -59.63 26.45
N GLY L 321 16.02 -60.78 26.70
CA GLY L 321 15.30 -62.03 26.86
C GLY L 321 14.63 -62.28 28.20
N ASN L 322 13.97 -61.27 28.74
CA ASN L 322 13.00 -61.41 29.82
C ASN L 322 13.60 -61.95 31.12
N ASN L 323 14.87 -62.28 31.13
CA ASN L 323 15.42 -63.06 32.25
C ASN L 323 16.48 -62.20 32.94
N THR L 324 16.99 -62.68 34.07
CA THR L 324 18.07 -62.04 34.81
C THR L 324 17.71 -60.58 35.16
N ILE L 325 16.71 -60.47 36.03
CA ILE L 325 15.96 -59.25 36.33
C ILE L 325 16.85 -58.02 36.36
N ILE L 326 16.32 -56.92 35.81
CA ILE L 326 17.03 -55.67 35.57
C ILE L 326 16.38 -54.58 36.41
N ARG L 327 17.08 -53.46 36.59
CA ARG L 327 16.52 -52.35 37.35
C ARG L 327 17.22 -51.05 36.96
N PHE L 328 16.74 -49.95 37.54
CA PHE L 328 17.34 -48.62 37.38
C PHE L 328 18.33 -48.38 38.50
N ALA L 329 19.44 -47.74 38.19
CA ALA L 329 20.38 -47.30 39.21
C ALA L 329 20.47 -45.77 39.23
N ASN L 330 21.02 -45.26 40.33
CA ASN L 330 21.27 -43.83 40.45
C ASN L 330 22.25 -43.36 39.40
N SER L 331 22.17 -42.06 39.10
CA SER L 331 23.27 -41.38 38.43
C SER L 331 24.58 -41.65 39.15
N SER L 332 25.51 -42.26 38.43
CA SER L 332 26.77 -42.66 39.02
C SER L 332 27.60 -41.49 39.49
N GLY L 333 27.63 -40.40 38.76
CA GLY L 333 28.43 -39.35 39.34
C GLY L 333 29.38 -38.70 38.34
N GLY L 334 29.73 -37.45 38.64
CA GLY L 334 30.46 -36.61 37.72
C GLY L 334 30.33 -35.16 38.17
N ASP L 335 30.04 -34.28 37.21
CA ASP L 335 29.67 -32.93 37.59
C ASP L 335 28.30 -32.93 38.27
N LEU L 336 28.01 -31.84 38.97
CA LEU L 336 26.68 -31.66 39.55
C LEU L 336 25.63 -31.49 38.47
N GLU L 337 25.95 -30.75 37.40
CA GLU L 337 25.00 -30.59 36.31
C GLU L 337 24.62 -31.93 35.72
N VAL L 338 25.57 -32.84 35.56
CA VAL L 338 25.27 -34.16 35.02
C VAL L 338 24.27 -34.88 35.89
N THR L 339 24.56 -34.99 37.19
CA THR L 339 23.70 -35.75 38.07
C THR L 339 22.59 -34.89 38.64
N THR L 340 21.91 -34.14 37.78
CA THR L 340 20.83 -33.25 38.18
C THR L 340 19.90 -33.08 36.99
N HIS L 341 18.84 -32.31 37.17
CA HIS L 341 17.95 -31.94 36.07
C HIS L 341 17.76 -30.41 36.12
N SER L 342 18.54 -29.70 35.33
CA SER L 342 18.66 -28.26 35.44
C SER L 342 18.08 -27.56 34.22
N PHE L 343 17.47 -26.40 34.45
CA PHE L 343 16.81 -25.65 33.40
C PHE L 343 16.42 -24.28 33.95
N ASN L 344 15.71 -23.51 33.14
CA ASN L 344 15.16 -22.23 33.55
C ASN L 344 13.65 -22.26 33.45
N CYS L 345 12.99 -21.56 34.38
CA CYS L 345 11.54 -21.59 34.46
C CYS L 345 11.10 -20.32 35.19
N GLY L 346 10.45 -19.42 34.47
CA GLY L 346 10.10 -18.13 35.00
C GLY L 346 11.22 -17.12 34.99
N GLY L 347 12.41 -17.50 34.52
CA GLY L 347 13.50 -16.56 34.39
C GLY L 347 14.70 -16.94 35.22
N GLU L 348 14.51 -17.90 36.14
CA GLU L 348 15.53 -18.31 37.09
C GLU L 348 15.83 -19.80 36.87
N PHE L 349 16.93 -20.26 37.46
CA PHE L 349 17.53 -21.55 37.08
C PHE L 349 17.41 -22.57 38.21
N PHE L 350 16.50 -23.54 38.04
CA PHE L 350 16.27 -24.60 38.99
C PHE L 350 17.38 -25.65 38.95
N TYR L 351 17.58 -26.33 40.09
CA TYR L 351 18.42 -27.54 40.21
C TYR L 351 17.70 -28.53 41.12
N CYS L 352 16.86 -29.38 40.55
CA CYS L 352 16.04 -30.27 41.38
C CYS L 352 16.63 -31.68 41.30
N ASN L 353 17.07 -32.21 42.45
CA ASN L 353 17.61 -33.57 42.51
C ASN L 353 16.49 -34.58 42.75
N THR L 354 16.09 -35.30 41.70
CA THR L 354 14.97 -36.23 41.78
C THR L 354 15.41 -37.69 42.00
N SER L 355 16.20 -37.93 43.03
CA SER L 355 16.59 -39.29 43.38
C SER L 355 15.40 -40.14 43.77
N GLY L 356 14.31 -39.52 44.22
CA GLY L 356 13.13 -40.23 44.65
C GLY L 356 12.31 -40.83 43.54
N LEU L 357 12.90 -41.09 42.39
CA LEU L 357 12.18 -41.66 41.28
C LEU L 357 12.72 -43.01 40.84
N PHE L 358 13.74 -43.54 41.53
CA PHE L 358 14.36 -44.80 41.16
C PHE L 358 14.67 -45.59 42.45
N ASN L 359 13.72 -46.42 42.87
CA ASN L 359 13.91 -47.25 44.04
C ASN L 359 13.44 -48.67 43.80
N SER L 360 13.21 -49.06 42.55
CA SER L 360 12.52 -50.32 42.29
C SER L 360 13.38 -51.29 41.48
N THR L 361 12.87 -52.51 41.39
CA THR L 361 13.37 -53.57 40.51
C THR L 361 12.19 -54.44 40.12
N TRP L 362 12.05 -54.70 38.83
CA TRP L 362 10.84 -55.31 38.28
C TRP L 362 11.05 -56.79 38.02
N ILE L 363 10.44 -57.63 38.83
CA ILE L 363 10.49 -59.07 38.65
C ILE L 363 9.69 -59.42 37.41
N SER L 364 9.78 -60.69 37.01
CA SER L 364 9.01 -61.20 35.89
C SER L 364 7.51 -61.05 36.11
N ASP L 378 2.81 -39.27 48.23
CA ASP L 378 1.94 -38.87 47.13
C ASP L 378 2.72 -38.01 46.14
N SER L 379 3.94 -37.67 46.53
CA SER L 379 4.90 -36.97 45.69
C SER L 379 6.24 -37.03 46.41
N ILE L 380 7.24 -36.40 45.82
CA ILE L 380 8.52 -36.26 46.51
C ILE L 380 9.03 -34.85 46.33
N THR L 381 9.53 -34.28 47.42
CA THR L 381 10.22 -33.01 47.40
C THR L 381 11.69 -33.26 47.09
N LEU L 382 12.26 -32.38 46.27
CA LEU L 382 13.60 -32.57 45.76
C LEU L 382 14.40 -31.31 46.04
N PRO L 383 15.69 -31.44 46.35
CA PRO L 383 16.48 -30.24 46.71
C PRO L 383 16.66 -29.32 45.52
N CYS L 384 15.56 -28.67 45.16
CA CYS L 384 15.43 -27.93 43.92
C CYS L 384 15.94 -26.52 44.16
N ARG L 385 17.26 -26.39 44.24
CA ARG L 385 17.96 -25.19 44.68
C ARG L 385 18.38 -24.33 43.51
N ILE L 386 17.97 -23.07 43.52
CA ILE L 386 18.43 -22.09 42.55
C ILE L 386 19.90 -21.81 42.82
N LYS L 387 20.59 -21.22 41.85
CA LYS L 387 21.98 -20.82 41.99
C LYS L 387 22.26 -19.55 41.20
N GLN L 388 23.47 -19.03 41.38
CA GLN L 388 23.99 -17.97 40.52
C GLN L 388 25.28 -18.39 39.84
N ILE L 389 25.62 -19.67 39.87
CA ILE L 389 26.86 -20.14 39.26
C ILE L 389 26.53 -21.39 38.43
N ILE L 390 26.22 -21.18 37.15
CA ILE L 390 25.83 -22.24 36.24
C ILE L 390 26.87 -22.32 35.13
N ASN L 391 27.21 -23.55 34.73
CA ASN L 391 28.16 -23.75 33.64
C ASN L 391 27.38 -23.68 32.33
N MET L 392 27.84 -22.83 31.42
CA MET L 392 27.10 -22.55 30.22
C MET L 392 27.12 -23.72 29.26
N TRP L 393 25.99 -23.93 28.58
CA TRP L 393 25.88 -24.85 27.47
C TRP L 393 26.21 -24.21 26.13
N GLN L 394 25.87 -22.93 25.94
CA GLN L 394 26.08 -22.27 24.66
C GLN L 394 27.50 -22.44 24.17
N ARG L 395 28.43 -22.60 25.10
CA ARG L 395 29.81 -22.91 24.81
C ARG L 395 30.45 -23.28 26.15
N ILE L 396 31.78 -23.32 26.18
CA ILE L 396 32.52 -23.71 27.38
C ILE L 396 32.78 -22.47 28.23
N GLY L 397 32.39 -22.54 29.49
CA GLY L 397 32.56 -21.44 30.42
C GLY L 397 31.48 -21.48 31.49
N GLN L 398 31.42 -20.39 32.25
CA GLN L 398 30.35 -20.18 33.21
C GLN L 398 30.01 -18.70 33.26
N ALA L 399 28.78 -18.39 33.63
CA ALA L 399 28.33 -17.01 33.71
C ALA L 399 27.96 -16.68 35.15
N MET L 400 27.77 -15.38 35.42
CA MET L 400 27.44 -14.92 36.76
C MET L 400 26.27 -13.95 36.65
N TYR L 401 25.14 -14.32 37.25
CA TYR L 401 23.87 -13.63 37.07
C TYR L 401 23.57 -12.73 38.26
N ALA L 402 22.37 -12.15 38.27
CA ALA L 402 21.94 -11.24 39.32
C ALA L 402 21.31 -12.02 40.48
N PRO L 403 21.31 -11.46 41.68
CA PRO L 403 20.72 -12.15 42.83
C PRO L 403 19.28 -12.56 42.56
N PRO L 404 18.86 -13.71 43.09
CA PRO L 404 17.54 -14.26 42.74
C PRO L 404 16.40 -13.29 42.98
N ILE L 405 15.27 -13.62 42.37
CA ILE L 405 14.10 -12.77 42.34
C ILE L 405 13.45 -12.75 43.72
N GLN L 406 12.46 -11.87 43.89
CA GLN L 406 11.80 -11.69 45.17
C GLN L 406 10.69 -12.71 45.41
N GLY L 407 9.67 -12.71 44.55
CA GLY L 407 8.40 -13.33 44.88
C GLY L 407 8.10 -14.72 44.37
N VAL L 408 6.90 -14.88 43.83
CA VAL L 408 6.32 -16.18 43.53
C VAL L 408 6.41 -16.48 42.03
N ILE L 409 6.89 -17.68 41.71
CA ILE L 409 7.14 -18.12 40.34
C ILE L 409 6.91 -19.62 40.28
N ARG L 410 6.06 -20.07 39.36
CA ARG L 410 5.60 -21.45 39.37
C ARG L 410 5.95 -22.16 38.07
N CYS L 411 6.19 -23.47 38.16
CA CYS L 411 6.71 -24.25 37.04
C CYS L 411 5.85 -25.48 36.82
N VAL L 412 5.42 -25.69 35.57
CA VAL L 412 4.65 -26.87 35.17
C VAL L 412 5.10 -27.26 33.78
N SER L 413 5.81 -28.38 33.65
CA SER L 413 6.56 -28.70 32.44
C SER L 413 6.68 -30.20 32.26
N ASN L 414 5.85 -30.80 31.44
CA ASN L 414 5.77 -32.26 31.46
C ASN L 414 6.91 -32.91 30.71
N ILE L 415 7.51 -33.91 31.34
CA ILE L 415 8.61 -34.69 30.80
C ILE L 415 8.04 -35.74 29.86
N THR L 416 8.50 -35.74 28.60
CA THR L 416 8.06 -36.79 27.68
C THR L 416 9.23 -37.47 27.03
N GLY L 417 10.36 -37.55 27.71
CA GLY L 417 11.51 -38.23 27.17
C GLY L 417 12.64 -38.23 28.18
N LEU L 418 13.32 -39.35 28.24
CA LEU L 418 14.33 -39.57 29.26
C LEU L 418 15.62 -40.01 28.57
N ILE L 419 16.63 -40.28 29.37
CA ILE L 419 17.91 -40.78 28.87
C ILE L 419 18.47 -41.80 29.85
N LEU L 420 18.89 -42.95 29.34
CA LEU L 420 19.47 -44.00 30.17
C LEU L 420 20.91 -44.28 29.74
N THR L 421 21.55 -45.27 30.36
CA THR L 421 22.83 -45.81 29.91
C THR L 421 23.15 -47.03 30.76
N ARG L 422 23.75 -48.04 30.13
CA ARG L 422 24.06 -49.31 30.77
C ARG L 422 25.39 -49.19 31.53
N ASP L 423 25.95 -50.33 31.95
CA ASP L 423 27.22 -50.37 32.67
C ASP L 423 28.06 -51.53 32.18
N GLY L 424 29.35 -51.27 31.94
CA GLY L 424 30.26 -52.33 31.54
C GLY L 424 30.66 -53.21 32.69
N GLY L 425 30.06 -54.41 32.76
CA GLY L 425 30.36 -55.38 33.79
C GLY L 425 30.83 -56.71 33.23
N SER L 426 29.94 -57.69 33.28
CA SER L 426 30.22 -59.00 32.72
C SER L 426 29.96 -58.99 31.21
N THR L 430 23.60 -61.65 34.14
CA THR L 430 23.71 -60.74 35.28
C THR L 430 22.54 -59.78 35.30
N THR L 431 22.70 -58.69 36.04
CA THR L 431 21.66 -57.69 36.13
C THR L 431 22.14 -56.47 35.38
N GLU L 432 21.24 -55.54 35.13
CA GLU L 432 21.57 -54.36 34.37
C GLU L 432 20.93 -53.13 35.01
N THR L 433 21.54 -51.98 34.76
CA THR L 433 21.14 -50.73 35.39
C THR L 433 20.88 -49.67 34.33
N PHE L 434 20.02 -48.72 34.66
CA PHE L 434 19.62 -47.64 33.77
C PHE L 434 19.54 -46.35 34.56
N ARG L 435 20.64 -45.62 34.59
CA ARG L 435 20.71 -44.39 35.36
C ARG L 435 20.48 -43.18 34.47
N PRO L 436 19.81 -42.15 34.94
CA PRO L 436 19.59 -40.96 34.10
C PRO L 436 20.90 -40.26 33.77
N GLY L 437 20.86 -39.53 32.65
CA GLY L 437 22.02 -38.84 32.11
C GLY L 437 21.76 -38.14 30.78
N GLY L 438 22.64 -38.35 29.81
CA GLY L 438 22.56 -37.68 28.54
C GLY L 438 23.35 -36.38 28.54
N GLY L 439 22.61 -35.29 28.42
CA GLY L 439 23.19 -33.99 28.66
C GLY L 439 23.57 -33.26 27.40
N ASP L 440 24.12 -33.99 26.45
CA ASP L 440 24.58 -33.37 25.22
C ASP L 440 23.40 -32.67 24.56
N MET L 441 23.49 -31.36 24.44
CA MET L 441 22.35 -30.53 24.07
C MET L 441 21.67 -31.03 22.81
N ARG L 442 22.46 -31.34 21.78
CA ARG L 442 21.89 -31.71 20.48
C ARG L 442 20.82 -32.77 20.61
N ASP L 443 20.88 -33.56 21.68
CA ASP L 443 19.94 -34.66 21.82
C ASP L 443 18.51 -34.15 21.92
N ASN L 444 18.32 -32.94 22.40
CA ASN L 444 16.97 -32.45 22.68
C ASN L 444 16.11 -32.34 21.44
N TRP L 445 16.69 -32.48 20.25
CA TRP L 445 15.90 -32.32 19.04
C TRP L 445 16.03 -33.55 18.18
N ARG L 446 17.13 -34.25 18.32
CA ARG L 446 17.27 -35.54 17.67
C ARG L 446 16.13 -36.43 18.14
N SER L 447 15.53 -36.08 19.28
CA SER L 447 14.26 -36.65 19.69
C SER L 447 13.08 -35.81 19.25
N GLU L 448 13.32 -34.70 18.55
CA GLU L 448 12.22 -33.86 18.11
C GLU L 448 12.18 -33.65 16.61
N LEU L 449 13.31 -33.71 15.91
CA LEU L 449 13.33 -33.65 14.46
C LEU L 449 14.01 -34.85 13.85
N TYR L 450 13.82 -36.04 14.42
CA TYR L 450 14.53 -37.19 13.90
C TYR L 450 13.98 -37.63 12.55
N LYS L 451 12.78 -37.23 12.20
CA LYS L 451 12.13 -37.70 10.98
C LYS L 451 11.89 -36.53 10.05
N TYR L 452 12.92 -36.11 9.32
CA TYR L 452 12.85 -35.01 8.36
C TYR L 452 14.17 -34.98 7.59
N LYS L 453 14.07 -34.65 6.31
CA LYS L 453 15.23 -34.72 5.42
C LYS L 453 14.97 -33.85 4.21
N VAL L 454 15.95 -33.00 3.89
CA VAL L 454 15.81 -32.00 2.84
C VAL L 454 16.59 -32.43 1.61
N VAL L 455 15.88 -32.76 0.54
CA VAL L 455 16.49 -33.25 -0.69
C VAL L 455 16.16 -32.27 -1.80
N LYS L 456 16.95 -32.33 -2.87
CA LYS L 456 16.92 -31.32 -3.92
C LYS L 456 16.57 -31.96 -5.25
N ILE L 457 15.50 -31.49 -5.84
CA ILE L 457 15.05 -31.96 -7.14
C ILE L 457 16.19 -31.81 -8.14
N GLU L 458 16.33 -32.76 -9.05
CA GLU L 458 17.25 -32.61 -10.17
C GLU L 458 16.81 -33.53 -11.30
N PRO L 459 16.19 -32.98 -12.33
CA PRO L 459 15.64 -33.79 -13.41
C PRO L 459 16.52 -33.94 -14.64
N LEU L 460 17.60 -34.71 -14.54
CA LEU L 460 18.38 -35.01 -15.73
C LEU L 460 19.27 -36.20 -15.44
N GLY L 461 19.07 -37.29 -16.16
CA GLY L 461 19.88 -38.48 -16.00
C GLY L 461 19.94 -39.29 -17.29
N VAL L 462 21.11 -39.89 -17.54
CA VAL L 462 21.37 -40.62 -18.77
C VAL L 462 21.22 -42.12 -18.47
N ALA L 463 20.92 -42.88 -19.50
CA ALA L 463 20.67 -44.31 -19.36
C ALA L 463 20.99 -45.02 -20.66
N PRO L 464 22.02 -45.89 -20.69
CA PRO L 464 22.49 -46.43 -21.99
C PRO L 464 21.53 -47.42 -22.62
N THR L 465 21.41 -47.37 -23.94
CA THR L 465 20.64 -48.36 -24.70
C THR L 465 21.21 -48.42 -26.12
N ASN M 2 35.49 -28.58 29.58
CA ASN M 2 36.94 -28.73 29.75
C ASN M 2 37.30 -30.13 30.22
N LEU M 3 37.66 -30.98 29.27
CA LEU M 3 37.88 -32.40 29.57
C LEU M 3 38.95 -32.66 30.62
N HIS M 4 40.09 -31.97 30.54
CA HIS M 4 41.16 -32.19 31.51
C HIS M 4 40.71 -31.94 32.94
N PHE M 5 40.07 -30.80 33.17
CA PHE M 5 39.63 -30.46 34.52
C PHE M 5 38.45 -31.33 34.92
N CYS M 6 37.62 -31.71 33.94
CA CYS M 6 36.58 -32.68 34.20
C CYS M 6 37.18 -33.98 34.68
N GLN M 7 38.24 -34.42 34.00
CA GLN M 7 38.94 -35.63 34.42
C GLN M 7 39.59 -35.39 35.78
N LEU M 8 40.14 -34.21 35.98
CA LEU M 8 40.80 -33.88 37.24
C LEU M 8 39.83 -33.87 38.42
N ARG M 9 38.53 -33.65 38.14
CA ARG M 9 37.52 -33.59 39.19
C ARG M 9 36.91 -34.96 39.50
N CYS M 10 36.62 -35.73 38.46
CA CYS M 10 35.91 -36.99 38.64
C CYS M 10 36.72 -38.07 39.38
N LYS M 11 38.00 -38.17 39.05
CA LYS M 11 38.89 -39.13 39.69
C LYS M 11 38.89 -38.99 41.20
N SER M 12 38.65 -37.78 41.69
CA SER M 12 38.59 -37.50 43.11
C SER M 12 37.29 -38.04 43.73
N LEU M 13 36.40 -38.55 42.88
CA LEU M 13 35.22 -39.28 43.34
C LEU M 13 35.41 -40.76 43.05
N GLY M 14 36.58 -41.10 42.51
CA GLY M 14 36.89 -42.47 42.13
C GLY M 14 36.53 -42.78 40.69
N LEU M 15 36.27 -41.74 39.89
CA LEU M 15 35.59 -41.89 38.61
C LEU M 15 36.36 -41.25 37.44
N LEU M 16 36.11 -41.73 36.23
CA LEU M 16 36.63 -41.09 35.03
C LEU M 16 35.68 -39.98 34.62
N GLY M 17 36.20 -38.98 33.91
CA GLY M 17 35.39 -37.90 33.40
C GLY M 17 35.28 -37.94 31.88
N ARG M 18 34.16 -37.45 31.37
CA ARG M 18 33.96 -37.30 29.94
C ARG M 18 33.00 -36.16 29.71
N CYS M 19 33.04 -35.58 28.53
CA CYS M 19 32.10 -34.51 28.22
C CYS M 19 30.71 -35.04 27.92
N ALA M 20 29.73 -34.28 28.37
CA ALA M 20 28.33 -34.43 28.00
C ALA M 20 27.97 -33.11 27.35
N THR M 22 28.69 -29.64 26.56
CA THR M 22 29.58 -28.63 27.14
C THR M 22 29.77 -28.83 28.65
N CYS M 24 30.66 -31.33 32.15
CA CYS M 24 31.48 -32.41 32.68
C CYS M 24 30.58 -33.48 33.29
N ALA M 25 30.78 -34.73 32.88
CA ALA M 25 30.11 -35.87 33.47
C ALA M 25 31.15 -36.84 34.02
N CYS M 26 30.90 -37.37 35.22
CA CYS M 26 31.70 -38.44 35.79
C CYS M 26 31.08 -39.78 35.43
N VAL M 27 31.95 -40.81 35.16
CA VAL M 27 31.48 -42.08 34.61
C VAL M 27 31.08 -43.13 35.62
#